data_4AVE
# 
_entry.id   4AVE 
# 
_audit_conform.dict_name       mmcif_pdbx.dic 
_audit_conform.dict_version    5.383 
_audit_conform.dict_location   http://mmcif.pdb.org/dictionaries/ascii/mmcif_pdbx.dic 
# 
loop_
_database_2.database_id 
_database_2.database_code 
_database_2.pdbx_database_accession 
_database_2.pdbx_DOI 
PDB   4AVE         pdb_00004ave 10.2210/pdb4ave/pdb 
PDBE  EBI-52650    ?            ?                   
WWPDB D_1290052650 ?            ?                   
# 
loop_
_pdbx_database_related.db_name 
_pdbx_database_related.db_id 
_pdbx_database_related.content_type 
_pdbx_database_related.details 
PDB 1KR7 unspecified 'CRYSTAL STRUCTURE OF THE NERVE TISSUE MINI-HEMOGLOBIN FROMTHE NEMERTEAN WORM CEREBRATULUS LACTEUS' 
PDB 1V07 unspecified 
'CRYSTAL STRUCTURE OF THRE11VAL MUTANT OF THE NERVE TISSUE MINI-HEMOGLOBIN FROM THE NEMERTEAN WORM CEREBRATULUS LACTEUS' 
PDB 2VYY unspecified 'MUTANT ALA55TRP OF CEREBRATULS LACTEUS MINI-HEMOGLOBIN' 
PDB 2VYZ unspecified 'MUTANT ALA55PHE OF CEREBRATULUS LACTEUS MINI-HEMOGLOBIN' 
PDB 2XKG unspecified 'C.LACTEUS MINI-HB LEU86ALA MUTANT' 
PDB 2XKH unspecified 'XE DERIVATIVE OF C.LACTEUS MINI-HB LEU86ALA MUTANT' 
PDB 2XKI unspecified 'AQUO-MET STRUCTURE OF C.LACTEUS MINI-HB' 
PDB 4AVD unspecified 'C.LACTEUS NERVE HB IN COMPLEX WITH CO' 
# 
_pdbx_database_status.status_code                     REL 
_pdbx_database_status.entry_id                        4AVE 
_pdbx_database_status.deposit_site                    PDBE 
_pdbx_database_status.process_site                    PDBE 
_pdbx_database_status.SG_entry                        . 
_pdbx_database_status.recvd_initial_deposition_date   2012-05-25 
_pdbx_database_status.pdb_format_compatible           Y 
_pdbx_database_status.status_code_sf                  REL 
_pdbx_database_status.status_code_mr                  ? 
_pdbx_database_status.status_code_cs                  ? 
_pdbx_database_status.methods_development_category    ? 
_pdbx_database_status.status_code_nmr_data            ? 
# 
loop_
_audit_author.name 
_audit_author.pdbx_ordinal 
'Germani, F.'   1 
'Pesce, A.'     2 
'Venturini, A.' 3 
'Moens, L.'     4 
'Bolognesi, M.' 5 
'Dewilde, S.'   6 
'Nardini, M.'   7 
# 
_citation.id                        primary 
_citation.title                     
'High Resolution Crystal Structures of the Cerebratulus Lacteus Mini-Hb in the Unligated and Carbomonoxy States.' 
_citation.journal_abbrev            Int.J.Mol.Sci. 
_citation.journal_volume            13 
_citation.page_first                8025 
_citation.page_last                 ? 
_citation.year                      2012 
_citation.journal_id_ASTM           ? 
_citation.country                   CH 
_citation.journal_id_ISSN           1422-0067 
_citation.journal_id_CSD            ? 
_citation.book_publisher            ? 
_citation.pdbx_database_id_PubMed   22942687 
_citation.pdbx_database_id_DOI      10.3390/IJMS13078025 
# 
loop_
_citation_author.citation_id 
_citation_author.name 
_citation_author.ordinal 
_citation_author.identifier_ORCID 
primary 'Germani, F.'   1 ? 
primary 'Pesce, A.'     2 ? 
primary 'Venturini, A.' 3 ? 
primary 'Moens, L.'     4 ? 
primary 'Bolognesi, M.' 5 ? 
primary 'Dewilde, S.'   6 ? 
primary 'Nardini, M.'   7 ? 
# 
_cell.entry_id           4AVE 
_cell.length_a           42.140 
_cell.length_b           44.330 
_cell.length_c           62.070 
_cell.angle_alpha        90.00 
_cell.angle_beta         90.00 
_cell.angle_gamma        90.00 
_cell.Z_PDB              4 
_cell.pdbx_unique_axis   ? 
# 
_symmetry.entry_id                         4AVE 
_symmetry.space_group_name_H-M             'P 21 21 21' 
_symmetry.pdbx_full_space_group_name_H-M   ? 
_symmetry.cell_setting                     ? 
_symmetry.Int_Tables_number                19 
# 
loop_
_entity.id 
_entity.type 
_entity.src_method 
_entity.pdbx_description 
_entity.formula_weight 
_entity.pdbx_number_of_molecules 
_entity.pdbx_ec 
_entity.pdbx_mutation 
_entity.pdbx_fragment 
_entity.details 
1 polymer     man 'NEURAL HEMOGLOBIN'               11546.949 1   ? ? ? ? 
2 non-polymer syn 'PROTOPORPHYRIN IX CONTAINING FE' 616.487   1   ? ? ? ? 
3 non-polymer syn GLYCEROL                          92.094    1   ? ? ? ? 
4 non-polymer syn 'SULFATE ION'                     96.063    2   ? ? ? ? 
5 non-polymer syn 'ACETATE ION'                     59.044    1   ? ? ? ? 
6 water       nat water                             18.015    121 ? ? ? ? 
# 
_entity_name_com.entity_id   1 
_entity_name_com.name        NRHB 
# 
_entity_poly.entity_id                      1 
_entity_poly.type                           'polypeptide(L)' 
_entity_poly.nstd_linkage                   no 
_entity_poly.nstd_monomer                   no 
_entity_poly.pdbx_seq_one_letter_code       
;MVNWAAVVDDFYQELFKAHPEYQNKFGFKGVALGSLKGNAAYKTQAGKTVDYINAAIGGSADAAGLASRHKGRNVGSAEF
HNAKACLAKACSAHGAPDLGHAIDDILSHL
;
_entity_poly.pdbx_seq_one_letter_code_can   
;MVNWAAVVDDFYQELFKAHPEYQNKFGFKGVALGSLKGNAAYKTQAGKTVDYINAAIGGSADAAGLASRHKGRNVGSAEF
HNAKACLAKACSAHGAPDLGHAIDDILSHL
;
_entity_poly.pdbx_strand_id                 A 
_entity_poly.pdbx_target_identifier         ? 
# 
loop_
_entity_poly_seq.entity_id 
_entity_poly_seq.num 
_entity_poly_seq.mon_id 
_entity_poly_seq.hetero 
1 1   MET n 
1 2   VAL n 
1 3   ASN n 
1 4   TRP n 
1 5   ALA n 
1 6   ALA n 
1 7   VAL n 
1 8   VAL n 
1 9   ASP n 
1 10  ASP n 
1 11  PHE n 
1 12  TYR n 
1 13  GLN n 
1 14  GLU n 
1 15  LEU n 
1 16  PHE n 
1 17  LYS n 
1 18  ALA n 
1 19  HIS n 
1 20  PRO n 
1 21  GLU n 
1 22  TYR n 
1 23  GLN n 
1 24  ASN n 
1 25  LYS n 
1 26  PHE n 
1 27  GLY n 
1 28  PHE n 
1 29  LYS n 
1 30  GLY n 
1 31  VAL n 
1 32  ALA n 
1 33  LEU n 
1 34  GLY n 
1 35  SER n 
1 36  LEU n 
1 37  LYS n 
1 38  GLY n 
1 39  ASN n 
1 40  ALA n 
1 41  ALA n 
1 42  TYR n 
1 43  LYS n 
1 44  THR n 
1 45  GLN n 
1 46  ALA n 
1 47  GLY n 
1 48  LYS n 
1 49  THR n 
1 50  VAL n 
1 51  ASP n 
1 52  TYR n 
1 53  ILE n 
1 54  ASN n 
1 55  ALA n 
1 56  ALA n 
1 57  ILE n 
1 58  GLY n 
1 59  GLY n 
1 60  SER n 
1 61  ALA n 
1 62  ASP n 
1 63  ALA n 
1 64  ALA n 
1 65  GLY n 
1 66  LEU n 
1 67  ALA n 
1 68  SER n 
1 69  ARG n 
1 70  HIS n 
1 71  LYS n 
1 72  GLY n 
1 73  ARG n 
1 74  ASN n 
1 75  VAL n 
1 76  GLY n 
1 77  SER n 
1 78  ALA n 
1 79  GLU n 
1 80  PHE n 
1 81  HIS n 
1 82  ASN n 
1 83  ALA n 
1 84  LYS n 
1 85  ALA n 
1 86  CYS n 
1 87  LEU n 
1 88  ALA n 
1 89  LYS n 
1 90  ALA n 
1 91  CYS n 
1 92  SER n 
1 93  ALA n 
1 94  HIS n 
1 95  GLY n 
1 96  ALA n 
1 97  PRO n 
1 98  ASP n 
1 99  LEU n 
1 100 GLY n 
1 101 HIS n 
1 102 ALA n 
1 103 ILE n 
1 104 ASP n 
1 105 ASP n 
1 106 ILE n 
1 107 LEU n 
1 108 SER n 
1 109 HIS n 
1 110 LEU n 
# 
_entity_src_gen.entity_id                          1 
_entity_src_gen.pdbx_src_id                        1 
_entity_src_gen.pdbx_alt_source_flag               sample 
_entity_src_gen.pdbx_seq_type                      ? 
_entity_src_gen.pdbx_beg_seq_num                   ? 
_entity_src_gen.pdbx_end_seq_num                   ? 
_entity_src_gen.gene_src_common_name               'MILKY RIBBON-WORM' 
_entity_src_gen.gene_src_genus                     ? 
_entity_src_gen.pdbx_gene_src_gene                 ? 
_entity_src_gen.gene_src_species                   ? 
_entity_src_gen.gene_src_strain                    ? 
_entity_src_gen.gene_src_tissue                    ? 
_entity_src_gen.gene_src_tissue_fraction           ? 
_entity_src_gen.gene_src_details                   ? 
_entity_src_gen.pdbx_gene_src_fragment             ? 
_entity_src_gen.pdbx_gene_src_scientific_name      'CEREBRATULUS LACTEUS' 
_entity_src_gen.pdbx_gene_src_ncbi_taxonomy_id     6221 
_entity_src_gen.pdbx_gene_src_variant              ? 
_entity_src_gen.pdbx_gene_src_cell_line            ? 
_entity_src_gen.pdbx_gene_src_atcc                 ? 
_entity_src_gen.pdbx_gene_src_organ                ? 
_entity_src_gen.pdbx_gene_src_organelle            ? 
_entity_src_gen.pdbx_gene_src_cell                 ? 
_entity_src_gen.pdbx_gene_src_cellular_location    ? 
_entity_src_gen.host_org_common_name               ? 
_entity_src_gen.pdbx_host_org_scientific_name      'ESCHERICHIA COLI' 
_entity_src_gen.pdbx_host_org_ncbi_taxonomy_id     562 
_entity_src_gen.host_org_genus                     ? 
_entity_src_gen.pdbx_host_org_gene                 ? 
_entity_src_gen.pdbx_host_org_organ                ? 
_entity_src_gen.host_org_species                   ? 
_entity_src_gen.pdbx_host_org_tissue               ? 
_entity_src_gen.pdbx_host_org_tissue_fraction      ? 
_entity_src_gen.pdbx_host_org_strain               ? 
_entity_src_gen.pdbx_host_org_variant              ? 
_entity_src_gen.pdbx_host_org_cell_line            ? 
_entity_src_gen.pdbx_host_org_atcc                 ? 
_entity_src_gen.pdbx_host_org_culture_collection   ? 
_entity_src_gen.pdbx_host_org_cell                 ? 
_entity_src_gen.pdbx_host_org_organelle            ? 
_entity_src_gen.pdbx_host_org_cellular_location    ? 
_entity_src_gen.pdbx_host_org_vector_type          ? 
_entity_src_gen.pdbx_host_org_vector               ? 
_entity_src_gen.host_org_details                   ? 
_entity_src_gen.expression_system_id               ? 
_entity_src_gen.plasmid_name                       ? 
_entity_src_gen.plasmid_details                    ? 
_entity_src_gen.pdbx_description                   ? 
# 
_struct_ref.id                         1 
_struct_ref.db_name                    UNP 
_struct_ref.db_code                    GLBN_CERLA 
_struct_ref.entity_id                  1 
_struct_ref.pdbx_seq_one_letter_code   ? 
_struct_ref.pdbx_align_begin           ? 
_struct_ref.pdbx_db_accession          O76242 
_struct_ref.pdbx_db_isoform            ? 
# 
_struct_ref_seq.align_id                      1 
_struct_ref_seq.ref_id                        1 
_struct_ref_seq.pdbx_PDB_id_code              4AVE 
_struct_ref_seq.pdbx_strand_id                A 
_struct_ref_seq.seq_align_beg                 1 
_struct_ref_seq.pdbx_seq_align_beg_ins_code   ? 
_struct_ref_seq.seq_align_end                 110 
_struct_ref_seq.pdbx_seq_align_end_ins_code   ? 
_struct_ref_seq.pdbx_db_accession             O76242 
_struct_ref_seq.db_align_beg                  1 
_struct_ref_seq.pdbx_db_align_beg_ins_code    ? 
_struct_ref_seq.db_align_end                  110 
_struct_ref_seq.pdbx_db_align_end_ins_code    ? 
_struct_ref_seq.pdbx_auth_seq_align_beg       0 
_struct_ref_seq.pdbx_auth_seq_align_end       109 
# 
loop_
_chem_comp.id 
_chem_comp.type 
_chem_comp.mon_nstd_flag 
_chem_comp.name 
_chem_comp.pdbx_synonyms 
_chem_comp.formula 
_chem_comp.formula_weight 
ACT non-polymer         . 'ACETATE ION'                     ?                               'C2 H3 O2 -1'      59.044  
ALA 'L-peptide linking' y ALANINE                           ?                               'C3 H7 N O2'       89.093  
ARG 'L-peptide linking' y ARGININE                          ?                               'C6 H15 N4 O2 1'   175.209 
ASN 'L-peptide linking' y ASPARAGINE                        ?                               'C4 H8 N2 O3'      132.118 
ASP 'L-peptide linking' y 'ASPARTIC ACID'                   ?                               'C4 H7 N O4'       133.103 
CYS 'L-peptide linking' y CYSTEINE                          ?                               'C3 H7 N O2 S'     121.158 
GLN 'L-peptide linking' y GLUTAMINE                         ?                               'C5 H10 N2 O3'     146.144 
GLU 'L-peptide linking' y 'GLUTAMIC ACID'                   ?                               'C5 H9 N O4'       147.129 
GLY 'peptide linking'   y GLYCINE                           ?                               'C2 H5 N O2'       75.067  
GOL non-polymer         . GLYCEROL                          'GLYCERIN; PROPANE-1,2,3-TRIOL' 'C3 H8 O3'         92.094  
HEM non-polymer         . 'PROTOPORPHYRIN IX CONTAINING FE' HEME                            'C34 H32 Fe N4 O4' 616.487 
HIS 'L-peptide linking' y HISTIDINE                         ?                               'C6 H10 N3 O2 1'   156.162 
HOH non-polymer         . WATER                             ?                               'H2 O'             18.015  
ILE 'L-peptide linking' y ISOLEUCINE                        ?                               'C6 H13 N O2'      131.173 
LEU 'L-peptide linking' y LEUCINE                           ?                               'C6 H13 N O2'      131.173 
LYS 'L-peptide linking' y LYSINE                            ?                               'C6 H15 N2 O2 1'   147.195 
MET 'L-peptide linking' y METHIONINE                        ?                               'C5 H11 N O2 S'    149.211 
PHE 'L-peptide linking' y PHENYLALANINE                     ?                               'C9 H11 N O2'      165.189 
PRO 'L-peptide linking' y PROLINE                           ?                               'C5 H9 N O2'       115.130 
SER 'L-peptide linking' y SERINE                            ?                               'C3 H7 N O3'       105.093 
SO4 non-polymer         . 'SULFATE ION'                     ?                               'O4 S -2'          96.063  
THR 'L-peptide linking' y THREONINE                         ?                               'C4 H9 N O3'       119.119 
TRP 'L-peptide linking' y TRYPTOPHAN                        ?                               'C11 H12 N2 O2'    204.225 
TYR 'L-peptide linking' y TYROSINE                          ?                               'C9 H11 N O3'      181.189 
VAL 'L-peptide linking' y VALINE                            ?                               'C5 H11 N O2'      117.146 
# 
_exptl.entry_id          4AVE 
_exptl.method            'X-RAY DIFFRACTION' 
_exptl.crystals_number   1 
# 
_exptl_crystal.id                    1 
_exptl_crystal.density_meas          ? 
_exptl_crystal.density_Matthews      2.63 
_exptl_crystal.density_percent_sol   53 
_exptl_crystal.description           NONE 
# 
_exptl_crystal_grow.crystal_id      1 
_exptl_crystal_grow.method          ? 
_exptl_crystal_grow.temp            277 
_exptl_crystal_grow.temp_details    ? 
_exptl_crystal_grow.pH              5.5 
_exptl_crystal_grow.pdbx_pH_range   ? 
_exptl_crystal_grow.pdbx_details    '2.6 M AMMONIUM SULFATE, 50 MM SODIUM ACETATE PH 5.5, AT 277 K' 
# 
_diffrn.id                     1 
_diffrn.ambient_temp           100 
_diffrn.ambient_temp_details   ? 
_diffrn.crystal_id             1 
# 
_diffrn_detector.diffrn_id              1 
_diffrn_detector.detector               CCD 
_diffrn_detector.type                   'ADSC QUANTUM 315r' 
_diffrn_detector.pdbx_collection_date   2011-10-04 
_diffrn_detector.details                ? 
# 
_diffrn_radiation.diffrn_id                        1 
_diffrn_radiation.wavelength_id                    1 
_diffrn_radiation.pdbx_monochromatic_or_laue_m_l   M 
_diffrn_radiation.monochromator                    ? 
_diffrn_radiation.pdbx_diffrn_protocol             'SINGLE WAVELENGTH' 
_diffrn_radiation.pdbx_scattering_type             x-ray 
# 
_diffrn_radiation_wavelength.id           1 
_diffrn_radiation_wavelength.wavelength   0.9 
_diffrn_radiation_wavelength.wt           1.0 
# 
_diffrn_source.diffrn_id                   1 
_diffrn_source.source                      SYNCHROTRON 
_diffrn_source.type                        'ESRF BEAMLINE ID23-1' 
_diffrn_source.pdbx_synchrotron_site       ESRF 
_diffrn_source.pdbx_synchrotron_beamline   ID23-1 
_diffrn_source.pdbx_wavelength             0.9 
_diffrn_source.pdbx_wavelength_list        ? 
# 
_reflns.pdbx_diffrn_id               1 
_reflns.pdbx_ordinal                 1 
_reflns.entry_id                     4AVE 
_reflns.observed_criterion_sigma_I   2.0 
_reflns.observed_criterion_sigma_F   ? 
_reflns.d_resolution_low             25.40 
_reflns.d_resolution_high            1.90 
_reflns.number_obs                   9482 
_reflns.number_all                   ? 
_reflns.percent_possible_obs         98.6 
_reflns.pdbx_Rmerge_I_obs            0.20 
_reflns.pdbx_Rsym_value              ? 
_reflns.pdbx_netI_over_sigmaI        6.00 
_reflns.B_iso_Wilson_estimate        ? 
_reflns.pdbx_redundancy              5.8 
# 
_reflns_shell.pdbx_diffrn_id         1 
_reflns_shell.pdbx_ordinal           1 
_reflns_shell.d_res_high             1.90 
_reflns_shell.d_res_low              2.00 
_reflns_shell.percent_possible_all   100.0 
_reflns_shell.Rmerge_I_obs           0.36 
_reflns_shell.pdbx_Rsym_value        ? 
_reflns_shell.meanI_over_sigI_obs    4.20 
_reflns_shell.pdbx_redundancy        6.4 
# 
_refine.pdbx_refine_id                           'X-RAY DIFFRACTION' 
_refine.entry_id                                 4AVE 
_refine.pdbx_diffrn_id                           1 
_refine.pdbx_TLS_residual_ADP_flag               ? 
_refine.ls_number_reflns_obs                     8989 
_refine.ls_number_reflns_all                     ? 
_refine.pdbx_ls_sigma_I                          ? 
_refine.pdbx_ls_sigma_F                          . 
_refine.pdbx_data_cutoff_high_absF               ? 
_refine.pdbx_data_cutoff_low_absF                ? 
_refine.pdbx_data_cutoff_high_rms_absF           ? 
_refine.ls_d_res_low                             24.99 
_refine.ls_d_res_high                            1.90 
_refine.ls_percent_reflns_obs                    98.27 
_refine.ls_R_factor_obs                          0.18481 
_refine.ls_R_factor_all                          ? 
_refine.ls_R_factor_R_work                       0.18297 
_refine.ls_R_factor_R_free                       0.22053 
_refine.ls_R_factor_R_free_error                 ? 
_refine.ls_R_factor_R_free_error_details         ? 
_refine.ls_percent_reflns_R_free                 4.9 
_refine.ls_number_reflns_R_free                  460 
_refine.ls_number_parameters                     ? 
_refine.ls_number_restraints                     ? 
_refine.occupancy_min                            ? 
_refine.occupancy_max                            ? 
_refine.correlation_coeff_Fo_to_Fc               0.930 
_refine.correlation_coeff_Fo_to_Fc_free          0.913 
_refine.B_iso_mean                               15.791 
_refine.aniso_B[1][1]                            -0.01 
_refine.aniso_B[2][2]                            0.02 
_refine.aniso_B[3][3]                            -0.01 
_refine.aniso_B[1][2]                            0.00 
_refine.aniso_B[1][3]                            0.00 
_refine.aniso_B[2][3]                            0.00 
_refine.solvent_model_details                    MASK 
_refine.solvent_model_param_ksol                 ? 
_refine.solvent_model_param_bsol                 ? 
_refine.pdbx_solvent_vdw_probe_radii             1.40 
_refine.pdbx_solvent_ion_probe_radii             0.80 
_refine.pdbx_solvent_shrinkage_radii             0.80 
_refine.pdbx_ls_cross_valid_method               THROUGHOUT 
_refine.details                                  'HYDROGENS HAVE BEEN ADDED IN THE RIDING POSITIONS.' 
_refine.pdbx_starting_model                      'PDB ENTRY 1KR7' 
_refine.pdbx_method_to_determine_struct          'MOLECULAR REPLACEMENT' 
_refine.pdbx_isotropic_thermal_model             ? 
_refine.pdbx_stereochemistry_target_values       'MAXIMUM LIKELIHOOD' 
_refine.pdbx_stereochem_target_val_spec_case     ? 
_refine.pdbx_R_Free_selection_details            RANDOM 
_refine.pdbx_overall_ESU_R                       0.160 
_refine.pdbx_overall_ESU_R_Free                  0.143 
_refine.overall_SU_ML                            0.087 
_refine.pdbx_overall_phase_error                 ? 
_refine.overall_SU_B                             2.912 
_refine.overall_SU_R_Cruickshank_DPI             ? 
_refine.pdbx_overall_SU_R_free_Cruickshank_DPI   ? 
_refine.pdbx_overall_SU_R_Blow_DPI               ? 
_refine.pdbx_overall_SU_R_free_Blow_DPI          ? 
# 
_refine_hist.pdbx_refine_id                   'X-RAY DIFFRACTION' 
_refine_hist.cycle_id                         LAST 
_refine_hist.pdbx_number_atoms_protein        814 
_refine_hist.pdbx_number_atoms_nucleic_acid   0 
_refine_hist.pdbx_number_atoms_ligand         63 
_refine_hist.number_atoms_solvent             121 
_refine_hist.number_atoms_total               998 
_refine_hist.d_res_high                       1.90 
_refine_hist.d_res_low                        24.99 
# 
loop_
_refine_ls_restr.type 
_refine_ls_restr.dev_ideal 
_refine_ls_restr.dev_ideal_target 
_refine_ls_restr.weight 
_refine_ls_restr.number 
_refine_ls_restr.pdbx_refine_id 
_refine_ls_restr.pdbx_restraint_function 
r_bond_refined_d             0.014  0.021  ? 904  'X-RAY DIFFRACTION' ? 
r_bond_other_d               ?      ?      ? ?    'X-RAY DIFFRACTION' ? 
r_angle_refined_deg          1.271  2.089  ? 1235 'X-RAY DIFFRACTION' ? 
r_angle_other_deg            ?      ?      ? ?    'X-RAY DIFFRACTION' ? 
r_dihedral_angle_1_deg       4.030  5.000  ? 111  'X-RAY DIFFRACTION' ? 
r_dihedral_angle_2_deg       32.914 24.737 ? 38   'X-RAY DIFFRACTION' ? 
r_dihedral_angle_3_deg       12.316 15.000 ? 127  'X-RAY DIFFRACTION' ? 
r_dihedral_angle_4_deg       31.793 15.000 ? 2    'X-RAY DIFFRACTION' ? 
r_chiral_restr               0.077  0.200  ? 119  'X-RAY DIFFRACTION' ? 
r_gen_planes_refined         0.006  0.020  ? 703  'X-RAY DIFFRACTION' ? 
r_gen_planes_other           ?      ?      ? ?    'X-RAY DIFFRACTION' ? 
r_nbd_refined                ?      ?      ? ?    'X-RAY DIFFRACTION' ? 
r_nbd_other                  ?      ?      ? ?    'X-RAY DIFFRACTION' ? 
r_nbtor_refined              ?      ?      ? ?    'X-RAY DIFFRACTION' ? 
r_nbtor_other                ?      ?      ? ?    'X-RAY DIFFRACTION' ? 
r_xyhbond_nbd_refined        ?      ?      ? ?    'X-RAY DIFFRACTION' ? 
r_xyhbond_nbd_other          ?      ?      ? ?    'X-RAY DIFFRACTION' ? 
r_metal_ion_refined          ?      ?      ? ?    'X-RAY DIFFRACTION' ? 
r_metal_ion_other            ?      ?      ? ?    'X-RAY DIFFRACTION' ? 
r_symmetry_vdw_refined       ?      ?      ? ?    'X-RAY DIFFRACTION' ? 
r_symmetry_vdw_other         ?      ?      ? ?    'X-RAY DIFFRACTION' ? 
r_symmetry_hbond_refined     ?      ?      ? ?    'X-RAY DIFFRACTION' ? 
r_symmetry_hbond_other       ?      ?      ? ?    'X-RAY DIFFRACTION' ? 
r_symmetry_metal_ion_refined ?      ?      ? ?    'X-RAY DIFFRACTION' ? 
r_symmetry_metal_ion_other   ?      ?      ? ?    'X-RAY DIFFRACTION' ? 
r_mcbond_it                  0.664  1.500  ? 546  'X-RAY DIFFRACTION' ? 
r_mcbond_other               ?      ?      ? ?    'X-RAY DIFFRACTION' ? 
r_mcangle_it                 1.227  2.000  ? 848  'X-RAY DIFFRACTION' ? 
r_mcangle_other              ?      ?      ? ?    'X-RAY DIFFRACTION' ? 
r_scbond_it                  2.155  3.000  ? 358  'X-RAY DIFFRACTION' ? 
r_scbond_other               ?      ?      ? ?    'X-RAY DIFFRACTION' ? 
r_scangle_it                 3.283  4.500  ? 386  'X-RAY DIFFRACTION' ? 
r_scangle_other              ?      ?      ? ?    'X-RAY DIFFRACTION' ? 
r_long_range_B_refined       ?      ?      ? ?    'X-RAY DIFFRACTION' ? 
r_long_range_B_other         ?      ?      ? ?    'X-RAY DIFFRACTION' ? 
r_rigid_bond_restr           ?      ?      ? ?    'X-RAY DIFFRACTION' ? 
r_sphericity_free            ?      ?      ? ?    'X-RAY DIFFRACTION' ? 
r_sphericity_bonded          ?      ?      ? ?    'X-RAY DIFFRACTION' ? 
# 
_refine_ls_shell.pdbx_refine_id                   'X-RAY DIFFRACTION' 
_refine_ls_shell.pdbx_total_number_of_bins_used   20 
_refine_ls_shell.d_res_high                       1.900 
_refine_ls_shell.d_res_low                        1.949 
_refine_ls_shell.number_reflns_R_work             643 
_refine_ls_shell.R_factor_R_work                  0.201 
_refine_ls_shell.percent_reflns_obs               100.00 
_refine_ls_shell.R_factor_R_free                  0.274 
_refine_ls_shell.R_factor_R_free_error            ? 
_refine_ls_shell.percent_reflns_R_free            ? 
_refine_ls_shell.number_reflns_R_free             40 
_refine_ls_shell.number_reflns_all                ? 
_refine_ls_shell.R_factor_all                     ? 
# 
_struct.entry_id                  4AVE 
_struct.title                     'C.lacteus nerve Hb in the deoxy form' 
_struct.pdbx_model_details        ? 
_struct.pdbx_CASP_flag            ? 
_struct.pdbx_model_type_details   ? 
# 
_struct_keywords.entry_id        4AVE 
_struct_keywords.pdbx_keywords   'OXYGEN TRANSPORT' 
_struct_keywords.text            'OXYGEN TRANSPORT, NERVE GLOBIN, HEME REACTIVITY, DEOXY STATE, PROTEIN MATRIX TUNNEL' 
# 
loop_
_struct_asym.id 
_struct_asym.pdbx_blank_PDB_chainid_flag 
_struct_asym.pdbx_modified 
_struct_asym.entity_id 
_struct_asym.details 
A N N 1 ? 
B N N 2 ? 
C N N 3 ? 
D N N 4 ? 
E N N 4 ? 
F N N 5 ? 
G N N 6 ? 
# 
_struct_biol.id   1 
# 
loop_
_struct_conf.conf_type_id 
_struct_conf.id 
_struct_conf.pdbx_PDB_helix_id 
_struct_conf.beg_label_comp_id 
_struct_conf.beg_label_asym_id 
_struct_conf.beg_label_seq_id 
_struct_conf.pdbx_beg_PDB_ins_code 
_struct_conf.end_label_comp_id 
_struct_conf.end_label_asym_id 
_struct_conf.end_label_seq_id 
_struct_conf.pdbx_end_PDB_ins_code 
_struct_conf.beg_auth_comp_id 
_struct_conf.beg_auth_asym_id 
_struct_conf.beg_auth_seq_id 
_struct_conf.end_auth_comp_id 
_struct_conf.end_auth_asym_id 
_struct_conf.end_auth_seq_id 
_struct_conf.pdbx_PDB_helix_class 
_struct_conf.details 
_struct_conf.pdbx_PDB_helix_length 
HELX_P HELX_P1 1 ASN A 3  ? HIS A 19  ? ASN A 2  HIS A 18  1 ? 17 
HELX_P HELX_P2 2 PRO A 20 ? PHE A 26  ? PRO A 19 PHE A 25  5 ? 7  
HELX_P HELX_P3 3 ALA A 32 ? GLY A 38  ? ALA A 31 GLY A 37  5 ? 7  
HELX_P HELX_P4 4 ASN A 39 ? GLY A 59  ? ASN A 38 GLY A 58  1 ? 21 
HELX_P HELX_P5 5 ASP A 62 ? GLY A 72  ? ASP A 61 GLY A 71  1 ? 11 
HELX_P HELX_P6 6 GLY A 76 ? GLY A 95  ? GLY A 75 GLY A 94  1 ? 20 
HELX_P HELX_P7 7 LEU A 99 ? SER A 108 ? LEU A 98 SER A 107 1 ? 10 
# 
_struct_conf_type.id          HELX_P 
_struct_conf_type.criteria    ? 
_struct_conf_type.reference   ? 
# 
_struct_conn.id                            metalc1 
_struct_conn.conn_type_id                  metalc 
_struct_conn.pdbx_leaving_atom_flag        ? 
_struct_conn.pdbx_PDB_id                   ? 
_struct_conn.ptnr1_label_asym_id           A 
_struct_conn.ptnr1_label_comp_id           HIS 
_struct_conn.ptnr1_label_seq_id            70 
_struct_conn.ptnr1_label_atom_id           NE2 
_struct_conn.pdbx_ptnr1_label_alt_id       ? 
_struct_conn.pdbx_ptnr1_PDB_ins_code       ? 
_struct_conn.pdbx_ptnr1_standard_comp_id   ? 
_struct_conn.ptnr1_symmetry                1_555 
_struct_conn.ptnr2_label_asym_id           B 
_struct_conn.ptnr2_label_comp_id           HEM 
_struct_conn.ptnr2_label_seq_id            . 
_struct_conn.ptnr2_label_atom_id           FE 
_struct_conn.pdbx_ptnr2_label_alt_id       ? 
_struct_conn.pdbx_ptnr2_PDB_ins_code       ? 
_struct_conn.ptnr1_auth_asym_id            A 
_struct_conn.ptnr1_auth_comp_id            HIS 
_struct_conn.ptnr1_auth_seq_id             69 
_struct_conn.ptnr2_auth_asym_id            A 
_struct_conn.ptnr2_auth_comp_id            HEM 
_struct_conn.ptnr2_auth_seq_id             144 
_struct_conn.ptnr2_symmetry                1_555 
_struct_conn.pdbx_ptnr3_label_atom_id      ? 
_struct_conn.pdbx_ptnr3_label_seq_id       ? 
_struct_conn.pdbx_ptnr3_label_comp_id      ? 
_struct_conn.pdbx_ptnr3_label_asym_id      ? 
_struct_conn.pdbx_ptnr3_label_alt_id       ? 
_struct_conn.pdbx_ptnr3_PDB_ins_code       ? 
_struct_conn.details                       ? 
_struct_conn.pdbx_dist_value               2.210 
_struct_conn.pdbx_value_order              ? 
_struct_conn.pdbx_role                     ? 
# 
_struct_conn_type.id          metalc 
_struct_conn_type.criteria    ? 
_struct_conn_type.reference   ? 
# 
loop_
_struct_site.id 
_struct_site.pdbx_evidence_code 
_struct_site.pdbx_auth_asym_id 
_struct_site.pdbx_auth_comp_id 
_struct_site.pdbx_auth_seq_id 
_struct_site.pdbx_auth_ins_code 
_struct_site.pdbx_num_residues 
_struct_site.details 
AC1 Software A HEM 144  ? 19 'BINDING SITE FOR RESIDUE HEM A 144'  
AC2 Software A GOL 1111 ? 11 'BINDING SITE FOR RESIDUE GOL A 1111' 
AC3 Software A SO4 1112 ? 6  'BINDING SITE FOR RESIDUE SO4 A 1112' 
AC4 Software A SO4 1113 ? 7  'BINDING SITE FOR RESIDUE SO4 A 1113' 
AC5 Software A ACT 1114 ? 3  'BINDING SITE FOR RESIDUE ACT A 1114' 
# 
loop_
_struct_site_gen.id 
_struct_site_gen.site_id 
_struct_site_gen.pdbx_num_res 
_struct_site_gen.label_comp_id 
_struct_site_gen.label_asym_id 
_struct_site_gen.label_seq_id 
_struct_site_gen.pdbx_auth_ins_code 
_struct_site_gen.auth_comp_id 
_struct_site_gen.auth_asym_id 
_struct_site_gen.auth_seq_id 
_struct_site_gen.label_atom_id 
_struct_site_gen.label_alt_id 
_struct_site_gen.symmetry 
_struct_site_gen.details 
1  AC1 19 MET A 1   ? MET A 0    . ? 3_655 ? 
2  AC1 19 PHE A 11  ? PHE A 10   . ? 1_555 ? 
3  AC1 19 TYR A 22  ? TYR A 21   . ? 1_555 ? 
4  AC1 19 LYS A 25  ? LYS A 24   . ? 1_555 ? 
5  AC1 19 PHE A 26  ? PHE A 25   . ? 1_555 ? 
6  AC1 19 GLN A 45  ? GLN A 44   . ? 1_555 ? 
7  AC1 19 LYS A 48  ? LYS A 47   . ? 1_555 ? 
8  AC1 19 ARG A 69  ? ARG A 68   . ? 1_555 ? 
9  AC1 19 HIS A 70  ? HIS A 69   . ? 1_555 ? 
10 AC1 19 ARG A 73  ? ARG A 72   . ? 1_555 ? 
11 AC1 19 PHE A 80  ? PHE A 79   . ? 1_555 ? 
12 AC1 19 ILE A 103 ? ILE A 102  . ? 1_555 ? 
13 AC1 19 SO4 E .   ? SO4 A 1113 . ? 1_555 ? 
14 AC1 19 HOH G .   ? HOH A 2030 . ? 1_555 ? 
15 AC1 19 HOH G .   ? HOH A 2035 . ? 1_555 ? 
16 AC1 19 HOH G .   ? HOH A 2059 . ? 1_555 ? 
17 AC1 19 HOH G .   ? HOH A 2111 . ? 1_555 ? 
18 AC1 19 HOH G .   ? HOH A 2115 . ? 1_555 ? 
19 AC1 19 HOH G .   ? HOH A 2116 . ? 1_555 ? 
20 AC2 11 VAL A 2   ? VAL A 1    . ? 1_555 ? 
21 AC2 11 ASN A 3   ? ASN A 2    . ? 1_555 ? 
22 AC2 11 TRP A 4   ? TRP A 3    . ? 1_555 ? 
23 AC2 11 ALA A 5   ? ALA A 4    . ? 1_555 ? 
24 AC2 11 VAL A 50  ? VAL A 49   . ? 1_555 ? 
25 AC2 11 ASN A 54  ? ASN A 53   . ? 1_555 ? 
26 AC2 11 ASP A 62  ? ASP A 61   . ? 3_645 ? 
27 AC2 11 GLY A 65  ? GLY A 64   . ? 3_645 ? 
28 AC2 11 ARG A 69  ? ARG A 68   . ? 3_645 ? 
29 AC2 11 HOH G .   ? HOH A 2117 . ? 1_555 ? 
30 AC2 11 HOH G .   ? HOH A 2118 . ? 1_555 ? 
31 AC3 6  HIS A 19  ? HIS A 18   . ? 1_555 ? 
32 AC3 6  GLU A 21  ? GLU A 20   . ? 1_555 ? 
33 AC3 6  TYR A 22  ? TYR A 21   . ? 1_555 ? 
34 AC3 6  ALA A 40  ? ALA A 39   . ? 4_455 ? 
35 AC3 6  HOH G .   ? HOH A 2050 . ? 4_455 ? 
36 AC3 6  HOH G .   ? HOH A 2119 . ? 1_555 ? 
37 AC4 7  MET A 1   ? MET A 0    . ? 3_655 ? 
38 AC4 7  VAL A 2   ? VAL A 1    . ? 3_655 ? 
39 AC4 7  ARG A 69  ? ARG A 68   . ? 1_555 ? 
40 AC4 7  HEM B .   ? HEM A 144  . ? 1_555 ? 
41 AC4 7  HOH G .   ? HOH A 2041 . ? 4_555 ? 
42 AC4 7  HOH G .   ? HOH A 2081 . ? 3_655 ? 
43 AC4 7  HOH G .   ? HOH A 2120 . ? 1_555 ? 
44 AC5 3  ASN A 3   ? ASN A 2    . ? 1_555 ? 
45 AC5 3  HOH G .   ? HOH A 2001 . ? 1_555 ? 
46 AC5 3  HOH G .   ? HOH A 2103 . ? 1_555 ? 
# 
_atom_sites.entry_id                    4AVE 
_atom_sites.fract_transf_matrix[1][1]   0.01561208 
_atom_sites.fract_transf_matrix[1][2]   0.00298315 
_atom_sites.fract_transf_matrix[1][3]   0.01762035 
_atom_sites.fract_transf_matrix[2][1]   0.01297447 
_atom_sites.fract_transf_matrix[2][2]   -0.01624988 
_atom_sites.fract_transf_matrix[2][3]   -0.00874459 
_atom_sites.fract_transf_matrix[3][1]   0.00783253 
_atom_sites.fract_transf_matrix[3][2]   0.01098952 
_atom_sites.fract_transf_matrix[3][3]   -0.00880036 
_atom_sites.fract_transf_vector[1]      0.268894 
_atom_sites.fract_transf_vector[2]      0.162936 
_atom_sites.fract_transf_vector[3]      0.175027 
# 
loop_
_atom_type.symbol 
C  
FE 
N  
O  
S  
# 
loop_
_atom_site.group_PDB 
_atom_site.id 
_atom_site.type_symbol 
_atom_site.label_atom_id 
_atom_site.label_alt_id 
_atom_site.label_comp_id 
_atom_site.label_asym_id 
_atom_site.label_entity_id 
_atom_site.label_seq_id 
_atom_site.pdbx_PDB_ins_code 
_atom_site.Cartn_x 
_atom_site.Cartn_y 
_atom_site.Cartn_z 
_atom_site.occupancy 
_atom_site.B_iso_or_equiv 
_atom_site.pdbx_formal_charge 
_atom_site.auth_seq_id 
_atom_site.auth_comp_id 
_atom_site.auth_asym_id 
_atom_site.auth_atom_id 
_atom_site.pdbx_PDB_model_num 
ATOM   1    N  N   . MET A 1 1   ? -6.439  18.552  7.529   1.00 19.95 ? 0    MET A N   1 
ATOM   2    C  CA  . MET A 1 1   ? -5.430  17.529  7.104   1.00 19.94 ? 0    MET A CA  1 
ATOM   3    C  C   . MET A 1 1   ? -6.123  16.361  6.392   1.00 19.07 ? 0    MET A C   1 
ATOM   4    O  O   . MET A 1 1   ? -7.174  15.892  6.865   1.00 19.70 ? 0    MET A O   1 
ATOM   5    C  CB  . MET A 1 1   ? -4.660  17.002  8.320   1.00 20.03 ? 0    MET A CB  1 
ATOM   6    C  CG  . MET A 1 1   ? -4.003  18.082  9.157   1.00 22.67 ? 0    MET A CG  1 
ATOM   7    S  SD  . MET A 1 1   ? -2.605  17.468  10.127  1.00 28.57 ? 0    MET A SD  1 
ATOM   8    C  CE  . MET A 1 1   ? -3.308  15.981  10.857  1.00 23.88 ? 0    MET A CE  1 
ATOM   9    N  N   . VAL A 1 2   ? -5.549  15.908  5.264   1.00 17.23 ? 1    VAL A N   1 
ATOM   10   C  CA  . VAL A 1 2   ? -6.026  14.709  4.536   1.00 15.87 ? 1    VAL A CA  1 
ATOM   11   C  C   . VAL A 1 2   ? -6.032  13.477  5.455   1.00 15.27 ? 1    VAL A C   1 
ATOM   12   O  O   . VAL A 1 2   ? -5.075  13.243  6.182   1.00 14.13 ? 1    VAL A O   1 
ATOM   13   C  CB  . VAL A 1 2   ? -5.157  14.410  3.271   1.00 15.68 ? 1    VAL A CB  1 
ATOM   14   C  CG1 . VAL A 1 2   ? -5.596  13.106  2.557   1.00 14.19 ? 1    VAL A CG1 1 
ATOM   15   C  CG2 . VAL A 1 2   ? -5.222  15.577  2.291   1.00 16.33 ? 1    VAL A CG2 1 
ATOM   16   N  N   . ASN A 1 3   ? -7.118  12.705  5.422   1.00 14.57 ? 2    ASN A N   1 
ATOM   17   C  CA  . ASN A 1 3   ? -7.223  11.474  6.210   1.00 14.11 ? 2    ASN A CA  1 
ATOM   18   C  C   . ASN A 1 3   ? -6.604  10.279  5.456   1.00 13.03 ? 2    ASN A C   1 
ATOM   19   O  O   . ASN A 1 3   ? -7.321  9.456   4.866   1.00 12.58 ? 2    ASN A O   1 
ATOM   20   C  CB  . ASN A 1 3   ? -8.698  11.220  6.572   1.00 15.08 ? 2    ASN A CB  1 
ATOM   21   C  CG  . ASN A 1 3   ? -8.895  10.077  7.576   1.00 16.76 ? 2    ASN A CG  1 
ATOM   22   O  OD1 . ASN A 1 3   ? -7.956  9.380   7.950   1.00 17.50 ? 2    ASN A OD1 1 
ATOM   23   N  ND2 . ASN A 1 3   ? -10.143 9.892   8.017   1.00 18.90 ? 2    ASN A ND2 1 
ATOM   24   N  N   . TRP A 1 4   ? -5.275  10.186  5.458   1.00 11.47 ? 3    TRP A N   1 
ATOM   25   C  CA  . TRP A 1 4   ? -4.595  9.093   4.746   1.00 10.95 ? 3    TRP A CA  1 
ATOM   26   C  C   . TRP A 1 4   ? -4.875  7.714   5.348   1.00 10.49 ? 3    TRP A C   1 
ATOM   27   O  O   . TRP A 1 4   ? -4.799  6.701   4.644   1.00 10.80 ? 3    TRP A O   1 
ATOM   28   C  CB  . TRP A 1 4   ? -3.078  9.328   4.657   1.00 10.98 ? 3    TRP A CB  1 
ATOM   29   C  CG  . TRP A 1 4   ? -2.691  10.494  3.772   1.00 9.18  ? 3    TRP A CG  1 
ATOM   30   C  CD1 . TRP A 1 4   ? -2.050  11.647  4.152   1.00 12.22 ? 3    TRP A CD1 1 
ATOM   31   C  CD2 . TRP A 1 4   ? -2.908  10.600  2.368   1.00 8.91  ? 3    TRP A CD2 1 
ATOM   32   N  NE1 . TRP A 1 4   ? -1.871  12.474  3.054   1.00 10.93 ? 3    TRP A NE1 1 
ATOM   33   C  CE2 . TRP A 1 4   ? -2.385  11.846  1.949   1.00 9.03  ? 3    TRP A CE2 1 
ATOM   34   C  CE3 . TRP A 1 4   ? -3.489  9.756   1.413   1.00 9.84  ? 3    TRP A CE3 1 
ATOM   35   C  CZ2 . TRP A 1 4   ? -2.440  12.272  0.616   1.00 10.28 ? 3    TRP A CZ2 1 
ATOM   36   C  CZ3 . TRP A 1 4   ? -3.555  10.188  0.086   1.00 11.05 ? 3    TRP A CZ3 1 
ATOM   37   C  CH2 . TRP A 1 4   ? -3.026  11.427  -0.298  1.00 9.48  ? 3    TRP A CH2 1 
ATOM   38   N  N   . ALA A 1 5   ? -5.194  7.658   6.638   1.00 9.62  ? 4    ALA A N   1 
ATOM   39   C  CA  . ALA A 1 5   ? -5.496  6.359   7.260   1.00 10.12 ? 4    ALA A CA  1 
ATOM   40   C  C   . ALA A 1 5   ? -6.738  5.725   6.617   1.00 10.20 ? 4    ALA A C   1 
ATOM   41   O  O   . ALA A 1 5   ? -6.792  4.506   6.422   1.00 9.89  ? 4    ALA A O   1 
ATOM   42   C  CB  . ALA A 1 5   ? -5.686  6.514   8.748   1.00 11.34 ? 4    ALA A CB  1 
ATOM   43   N  N   . ALA A 1 6   ? -7.714  6.564   6.266   1.00 10.61 ? 5    ALA A N   1 
ATOM   44   C  CA  . ALA A 1 6   ? -8.930  6.102   5.585   1.00 10.96 ? 5    ALA A CA  1 
ATOM   45   C  C   . ALA A 1 6   ? -8.665  5.662   4.137   1.00 10.64 ? 5    ALA A C   1 
ATOM   46   O  O   . ALA A 1 6   ? -9.223  4.660   3.657   1.00 10.46 ? 5    ALA A O   1 
ATOM   47   C  CB  . ALA A 1 6   ? -10.019 7.183   5.655   1.00 11.55 ? 5    ALA A CB  1 
ATOM   48   N  N   . VAL A 1 7   ? -7.810  6.414   3.451   1.00 10.11 ? 6    VAL A N   1 
ATOM   49   C  CA  . VAL A 1 7   ? -7.361  6.073   2.097   1.00 9.65  ? 6    VAL A CA  1 
ATOM   50   C  C   . VAL A 1 7   ? -6.632  4.711   2.091   1.00 9.99  ? 6    VAL A C   1 
ATOM   51   O  O   . VAL A 1 7   ? -6.923  3.832   1.261   1.00 8.43  ? 6    VAL A O   1 
ATOM   52   C  CB  . VAL A 1 7   ? -6.470  7.215   1.500   1.00 10.47 ? 6    VAL A CB  1 
ATOM   53   C  CG1 . VAL A 1 7   ? -5.891  6.834   0.167   1.00 9.54  ? 6    VAL A CG1 1 
ATOM   54   C  CG2 . VAL A 1 7   ? -7.260  8.551   1.395   1.00 10.53 ? 6    VAL A CG2 1 
ATOM   55   N  N   . VAL A 1 8   ? -5.692  4.540   3.027   1.00 9.13  ? 7    VAL A N   1 
ATOM   56   C  CA  . VAL A 1 8   ? -4.897  3.301   3.091   1.00 9.45  ? 7    VAL A CA  1 
ATOM   57   C  C   . VAL A 1 8   ? -5.778  2.077   3.370   1.00 9.46  ? 7    VAL A C   1 
ATOM   58   O  O   . VAL A 1 8   ? -5.560  1.003   2.777   1.00 8.83  ? 7    VAL A O   1 
ATOM   59   C  CB  . VAL A 1 8   ? -3.705  3.422   4.095   1.00 9.13  ? 7    VAL A CB  1 
ATOM   60   C  CG1 . VAL A 1 8   ? -3.128  2.046   4.454   1.00 10.36 ? 7    VAL A CG1 1 
ATOM   61   C  CG2 . VAL A 1 8   ? -2.584  4.301   3.502   1.00 7.18  ? 7    VAL A CG2 1 
ATOM   62   N  N   . ASP A 1 9   ? -6.774  2.236   4.244   1.00 9.77  ? 8    ASP A N   1 
ATOM   63   C  CA  . ASP A 1 9   ? -7.721  1.146   4.528   1.00 11.01 ? 8    ASP A CA  1 
ATOM   64   C  C   . ASP A 1 9   ? -8.477  0.726   3.251   1.00 10.98 ? 8    ASP A C   1 
ATOM   65   O  O   . ASP A 1 9   ? -8.630  -0.468  2.978   1.00 10.77 ? 8    ASP A O   1 
ATOM   66   C  CB  . ASP A 1 9   ? -8.704  1.533   5.633   1.00 11.50 ? 8    ASP A CB  1 
ATOM   67   C  CG  . ASP A 1 9   ? -8.076  1.487   7.034   1.00 14.04 ? 8    ASP A CG  1 
ATOM   68   O  OD1 . ASP A 1 9   ? -6.995  0.888   7.209   1.00 16.02 ? 8    ASP A OD1 1 
ATOM   69   O  OD2 . ASP A 1 9   ? -8.677  2.065   7.967   1.00 16.17 ? 8    ASP A OD2 1 
ATOM   70   N  N   . ASP A 1 10  ? -8.925  1.703   2.465   1.00 10.93 ? 9    ASP A N   1 
ATOM   71   C  CA  A ASP A 1 10  ? -9.606  1.394   1.200   0.50 11.02 ? 9    ASP A CA  1 
ATOM   72   C  CA  B ASP A 1 10  ? -9.605  1.404   1.194   0.50 10.93 ? 9    ASP A CA  1 
ATOM   73   C  C   . ASP A 1 10  ? -8.650  0.748   0.183   1.00 10.59 ? 9    ASP A C   1 
ATOM   74   O  O   . ASP A 1 10  ? -9.033  -0.162  -0.536  1.00 10.17 ? 9    ASP A O   1 
ATOM   75   C  CB  A ASP A 1 10  ? -10.313 2.640   0.638   0.50 11.37 ? 9    ASP A CB  1 
ATOM   76   C  CB  B ASP A 1 10  ? -10.243 2.673   0.611   0.50 11.17 ? 9    ASP A CB  1 
ATOM   77   C  CG  A ASP A 1 10  ? -11.623 2.933   1.356   0.50 14.15 ? 9    ASP A CG  1 
ATOM   78   C  CG  B ASP A 1 10  ? -11.293 2.370   -0.437  0.50 13.69 ? 9    ASP A CG  1 
ATOM   79   O  OD1 A ASP A 1 10  ? -12.113 2.043   2.079   0.50 17.75 ? 9    ASP A OD1 1 
ATOM   80   O  OD1 B ASP A 1 10  ? -11.984 1.325   -0.328  0.50 15.63 ? 9    ASP A OD1 1 
ATOM   81   O  OD2 A ASP A 1 10  ? -12.182 4.041   1.201   0.50 17.69 ? 9    ASP A OD2 1 
ATOM   82   O  OD2 B ASP A 1 10  ? -11.441 3.180   -1.373  0.50 17.07 ? 9    ASP A OD2 1 
ATOM   83   N  N   . PHE A 1 11  ? -7.390  1.203   0.139   1.00 9.39  ? 10   PHE A N   1 
ATOM   84   C  CA  . PHE A 1 11  ? -6.375  0.604   -0.763  1.00 8.66  ? 10   PHE A CA  1 
ATOM   85   C  C   . PHE A 1 11  ? -6.144  -0.897  -0.504  1.00 8.16  ? 10   PHE A C   1 
ATOM   86   O  O   . PHE A 1 11  ? -6.154  -1.691  -1.447  1.00 7.50  ? 10   PHE A O   1 
ATOM   87   C  CB  . PHE A 1 11  ? -5.032  1.369   -0.674  1.00 8.45  ? 10   PHE A CB  1 
ATOM   88   C  CG  . PHE A 1 11  ? -3.809  0.580   -1.167  1.00 10.66 ? 10   PHE A CG  1 
ATOM   89   C  CD1 . PHE A 1 11  ? -3.575  0.369   -2.533  1.00 11.24 ? 10   PHE A CD1 1 
ATOM   90   C  CD2 . PHE A 1 11  ? -2.855  0.113   -0.259  1.00 10.13 ? 10   PHE A CD2 1 
ATOM   91   C  CE1 . PHE A 1 11  ? -2.416  -0.328  -2.977  1.00 12.66 ? 10   PHE A CE1 1 
ATOM   92   C  CE2 . PHE A 1 11  ? -1.711  -0.574  -0.686  1.00 11.90 ? 10   PHE A CE2 1 
ATOM   93   C  CZ  . PHE A 1 11  ? -1.487  -0.799  -2.058  1.00 11.71 ? 10   PHE A CZ  1 
ATOM   94   N  N   . TYR A 1 12  ? -5.946  -1.292  0.752   1.00 7.17  ? 11   TYR A N   1 
ATOM   95   C  CA  . TYR A 1 12  ? -5.747  -2.714  1.043   1.00 7.80  ? 11   TYR A CA  1 
ATOM   96   C  C   . TYR A 1 12  ? -6.985  -3.570  0.730   1.00 8.63  ? 11   TYR A C   1 
ATOM   97   O  O   . TYR A 1 12  ? -6.845  -4.728  0.298   1.00 8.09  ? 11   TYR A O   1 
ATOM   98   C  CB  . TYR A 1 12  ? -5.238  -2.953  2.485   1.00 7.65  ? 11   TYR A CB  1 
ATOM   99   C  CG  . TYR A 1 12  ? -3.744  -2.686  2.575   1.00 7.12  ? 11   TYR A CG  1 
ATOM   100  C  CD1 . TYR A 1 12  ? -2.829  -3.473  1.844   1.00 8.96  ? 11   TYR A CD1 1 
ATOM   101  C  CD2 . TYR A 1 12  ? -3.241  -1.635  3.345   1.00 9.25  ? 11   TYR A CD2 1 
ATOM   102  C  CE1 . TYR A 1 12  ? -1.453  -3.229  1.897   1.00 11.53 ? 11   TYR A CE1 1 
ATOM   103  C  CE2 . TYR A 1 12  ? -1.871  -1.383  3.393   1.00 9.95  ? 11   TYR A CE2 1 
ATOM   104  C  CZ  . TYR A 1 12  ? -0.992  -2.174  2.678   1.00 12.12 ? 11   TYR A CZ  1 
ATOM   105  O  OH  . TYR A 1 12  ? 0.367   -1.922  2.719   1.00 15.60 ? 11   TYR A OH  1 
ATOM   106  N  N   . GLN A 1 13  ? -8.165  -2.995  0.962   1.00 9.28  ? 12   GLN A N   1 
ATOM   107  C  CA  . GLN A 1 13  ? -9.443  -3.659  0.624   1.00 10.85 ? 12   GLN A CA  1 
ATOM   108  C  C   . GLN A 1 13  ? -9.468  -3.974  -0.865  1.00 11.34 ? 12   GLN A C   1 
ATOM   109  O  O   . GLN A 1 13  ? -9.768  -5.094  -1.256  1.00 11.72 ? 12   GLN A O   1 
ATOM   110  C  CB  . GLN A 1 13  ? -10.671 -2.815  1.017   1.00 11.05 ? 12   GLN A CB  1 
ATOM   111  C  CG  . GLN A 1 13  ? -10.974 -2.746  2.524   1.00 12.03 ? 12   GLN A CG  1 
ATOM   112  C  CD  . GLN A 1 13  ? -11.190 -4.116  3.177   1.00 14.34 ? 12   GLN A CD  1 
ATOM   113  O  OE1 . GLN A 1 13  ? -10.480 -4.481  4.118   1.00 16.43 ? 12   GLN A OE1 1 
ATOM   114  N  NE2 . GLN A 1 13  ? -12.177 -4.865  2.692   1.00 11.49 ? 12   GLN A NE2 1 
ATOM   115  N  N   . GLU A 1 14  ? -9.123  -2.984  -1.680  1.00 11.07 ? 13   GLU A N   1 
ATOM   116  C  CA  . GLU A 1 14  ? -9.047  -3.144  -3.145  1.00 12.11 ? 13   GLU A CA  1 
ATOM   117  C  C   . GLU A 1 14  ? -7.986  -4.145  -3.642  1.00 11.66 ? 13   GLU A C   1 
ATOM   118  O  O   . GLU A 1 14  ? -8.274  -4.994  -4.522  1.00 10.54 ? 13   GLU A O   1 
ATOM   119  C  CB  . GLU A 1 14  ? -8.814  -1.787  -3.819  1.00 12.31 ? 13   GLU A CB  1 
ATOM   120  C  CG  . GLU A 1 14  ? -9.943  -0.795  -3.647  1.00 17.24 ? 13   GLU A CG  1 
ATOM   121  C  CD  . GLU A 1 14  ? -11.183 -1.143  -4.475  1.00 23.29 ? 13   GLU A CD  1 
ATOM   122  O  OE1 . GLU A 1 14  ? -11.063 -1.905  -5.463  1.00 25.59 ? 13   GLU A OE1 1 
ATOM   123  O  OE2 . GLU A 1 14  ? -12.281 -0.641  -4.136  1.00 25.39 ? 13   GLU A OE2 1 
ATOM   124  N  N   . LEU A 1 15  ? -6.774  -4.050  -3.083  1.00 10.01 ? 14   LEU A N   1 
ATOM   125  C  CA  . LEU A 1 15  ? -5.655  -4.913  -3.479  1.00 10.21 ? 14   LEU A CA  1 
ATOM   126  C  C   . LEU A 1 15  ? -5.923  -6.386  -3.228  1.00 9.70  ? 14   LEU A C   1 
ATOM   127  O  O   . LEU A 1 15  ? -5.733  -7.195  -4.123  1.00 9.44  ? 14   LEU A O   1 
ATOM   128  C  CB  . LEU A 1 15  ? -4.352  -4.500  -2.766  1.00 10.33 ? 14   LEU A CB  1 
ATOM   129  C  CG  . LEU A 1 15  ? -3.004  -5.154  -3.106  1.00 10.11 ? 14   LEU A CG  1 
ATOM   130  C  CD1 . LEU A 1 15  ? -2.464  -4.731  -4.482  1.00 10.00 ? 14   LEU A CD1 1 
ATOM   131  C  CD2 . LEU A 1 15  ? -2.006  -4.799  -2.010  1.00 8.47  ? 14   LEU A CD2 1 
ATOM   132  N  N   . PHE A 1 16  ? -6.371  -6.734  -2.018  1.00 9.79  ? 15   PHE A N   1 
ATOM   133  C  CA  . PHE A 1 16  ? -6.544  -8.137  -1.665  1.00 9.75  ? 15   PHE A CA  1 
ATOM   134  C  C   . PHE A 1 16  ? -7.841  -8.737  -2.233  1.00 10.67 ? 15   PHE A C   1 
ATOM   135  O  O   . PHE A 1 16  ? -7.937  -9.952  -2.362  1.00 10.45 ? 15   PHE A O   1 
ATOM   136  C  CB  . PHE A 1 16  ? -6.478  -8.343  -0.144  1.00 10.12 ? 15   PHE A CB  1 
ATOM   137  C  CG  . PHE A 1 16  ? -5.166  -7.918  0.473   1.00 9.42  ? 15   PHE A CG  1 
ATOM   138  C  CD1 . PHE A 1 16  ? -3.942  -8.293  -0.106  1.00 10.43 ? 15   PHE A CD1 1 
ATOM   139  C  CD2 . PHE A 1 16  ? -5.156  -7.204  1.666   1.00 10.74 ? 15   PHE A CD2 1 
ATOM   140  C  CE1 . PHE A 1 16  ? -2.710  -7.902  0.494   1.00 9.97  ? 15   PHE A CE1 1 
ATOM   141  C  CE2 . PHE A 1 16  ? -3.936  -6.810  2.260   1.00 10.77 ? 15   PHE A CE2 1 
ATOM   142  C  CZ  . PHE A 1 16  ? -2.729  -7.172  1.675   1.00 8.11  ? 15   PHE A CZ  1 
ATOM   143  N  N   . LYS A 1 17  ? -8.811  -7.889  -2.577  1.00 10.46 ? 16   LYS A N   1 
ATOM   144  C  CA  . LYS A 1 17  ? -10.040 -8.336  -3.274  1.00 12.39 ? 16   LYS A CA  1 
ATOM   145  C  C   . LYS A 1 17  ? -9.668  -8.808  -4.681  1.00 12.49 ? 16   LYS A C   1 
ATOM   146  O  O   . LYS A 1 17  ? -10.080 -9.901  -5.100  1.00 12.01 ? 16   LYS A O   1 
ATOM   147  C  CB  . LYS A 1 17  ? -11.106 -7.223  -3.299  1.00 13.01 ? 16   LYS A CB  1 
ATOM   148  C  CG  . LYS A 1 17  ? -12.477 -7.634  -3.872  1.00 16.98 ? 16   LYS A CG  1 
ATOM   149  C  CD  . LYS A 1 17  ? -13.582 -6.674  -3.424  1.00 21.93 ? 16   LYS A CD  1 
ATOM   150  C  CE  . LYS A 1 17  ? -14.907 -7.002  -4.105  1.00 25.29 ? 16   LYS A CE  1 
ATOM   151  N  NZ  . LYS A 1 17  ? -15.874 -5.865  -4.035  1.00 27.52 ? 16   LYS A NZ  1 
ATOM   152  N  N   . ALA A 1 18  ? -8.836  -8.014  -5.370  1.00 12.18 ? 17   ALA A N   1 
ATOM   153  C  CA  . ALA A 1 18  ? -8.389  -8.313  -6.743  1.00 12.34 ? 17   ALA A CA  1 
ATOM   154  C  C   . ALA A 1 18  ? -7.260  -9.342  -6.811  1.00 12.24 ? 17   ALA A C   1 
ATOM   155  O  O   . ALA A 1 18  ? -7.185  -10.110 -7.772  1.00 12.07 ? 17   ALA A O   1 
ATOM   156  C  CB  . ALA A 1 18  ? -7.979  -7.028  -7.473  1.00 12.67 ? 17   ALA A CB  1 
ATOM   157  N  N   . HIS A 1 19  ? -6.387  -9.357  -5.796  1.00 11.63 ? 18   HIS A N   1 
ATOM   158  C  CA  . HIS A 1 19  ? -5.210  -10.265 -5.763  1.00 11.44 ? 18   HIS A CA  1 
ATOM   159  C  C   . HIS A 1 19  ? -5.047  -10.929 -4.399  1.00 11.19 ? 18   HIS A C   1 
ATOM   160  O  O   . HIS A 1 19  ? -4.140  -10.578 -3.633  1.00 10.55 ? 18   HIS A O   1 
ATOM   161  C  CB  . HIS A 1 19  ? -3.931  -9.494  -6.131  1.00 12.03 ? 18   HIS A CB  1 
ATOM   162  C  CG  . HIS A 1 19  ? -4.083  -8.677  -7.375  1.00 13.50 ? 18   HIS A CG  1 
ATOM   163  N  ND1 . HIS A 1 19  ? -4.485  -7.359  -7.355  1.00 16.42 ? 18   HIS A ND1 1 
ATOM   164  C  CD2 . HIS A 1 19  ? -3.954  -9.015  -8.678  1.00 13.49 ? 18   HIS A CD2 1 
ATOM   165  C  CE1 . HIS A 1 19  ? -4.579  -6.913  -8.598  1.00 14.79 ? 18   HIS A CE1 1 
ATOM   166  N  NE2 . HIS A 1 19  ? -4.263  -7.898  -9.417  1.00 16.52 ? 18   HIS A NE2 1 
ATOM   167  N  N   . PRO A 1 20  ? -5.935  -11.886 -4.076  1.00 11.16 ? 19   PRO A N   1 
ATOM   168  C  CA  . PRO A 1 20  ? -5.900  -12.418 -2.711  1.00 10.85 ? 19   PRO A CA  1 
ATOM   169  C  C   . PRO A 1 20  ? -4.634  -13.203 -2.366  1.00 11.08 ? 19   PRO A C   1 
ATOM   170  O  O   . PRO A 1 20  ? -4.318  -13.332 -1.167  1.00 11.08 ? 19   PRO A O   1 
ATOM   171  C  CB  . PRO A 1 20  ? -7.179  -13.281 -2.615  1.00 10.69 ? 19   PRO A CB  1 
ATOM   172  C  CG  . PRO A 1 20  ? -7.600  -13.508 -4.013  1.00 11.44 ? 19   PRO A CG  1 
ATOM   173  C  CD  . PRO A 1 20  ? -7.088  -12.383 -4.851  1.00 10.76 ? 19   PRO A CD  1 
ATOM   174  N  N   . GLU A 1 21  ? -3.894  -13.677 -3.377  1.00 10.79 ? 20   GLU A N   1 
ATOM   175  C  CA  . GLU A 1 21  ? -2.656  -14.440 -3.121  1.00 12.15 ? 20   GLU A CA  1 
ATOM   176  C  C   . GLU A 1 21  ? -1.534  -13.547 -2.551  1.00 11.75 ? 20   GLU A C   1 
ATOM   177  O  O   . GLU A 1 21  ? -0.657  -14.038 -1.824  1.00 12.33 ? 20   GLU A O   1 
ATOM   178  C  CB  . GLU A 1 21  ? -2.192  -15.233 -4.364  1.00 12.52 ? 20   GLU A CB  1 
ATOM   179  C  CG  . GLU A 1 21  ? -1.263  -14.519 -5.338  1.00 14.27 ? 20   GLU A CG  1 
ATOM   180  C  CD  . GLU A 1 21  ? -1.973  -13.586 -6.319  1.00 16.59 ? 20   GLU A CD  1 
ATOM   181  O  OE1 . GLU A 1 21  ? -3.066  -13.061 -6.005  1.00 17.67 ? 20   GLU A OE1 1 
ATOM   182  O  OE2 . GLU A 1 21  ? -1.425  -13.368 -7.426  1.00 17.51 ? 20   GLU A OE2 1 
ATOM   183  N  N   . TYR A 1 22  ? -1.604  -12.241 -2.830  1.00 10.80 ? 21   TYR A N   1 
ATOM   184  C  CA  . TYR A 1 22  ? -0.684  -11.272 -2.192  1.00 10.47 ? 21   TYR A CA  1 
ATOM   185  C  C   . TYR A 1 22  ? -0.803  -11.279 -0.665  1.00 10.23 ? 21   TYR A C   1 
ATOM   186  O  O   . TYR A 1 22  ? 0.182   -11.080 0.021   1.00 10.56 ? 21   TYR A O   1 
ATOM   187  C  CB  . TYR A 1 22  ? -0.933  -9.842  -2.665  1.00 10.66 ? 21   TYR A CB  1 
ATOM   188  C  CG  . TYR A 1 22  ? -0.678  -9.553  -4.137  1.00 10.31 ? 21   TYR A CG  1 
ATOM   189  C  CD1 . TYR A 1 22  ? -0.176  -10.518 -5.000  1.00 12.30 ? 21   TYR A CD1 1 
ATOM   190  C  CD2 . TYR A 1 22  ? -0.912  -8.270  -4.650  1.00 12.21 ? 21   TYR A CD2 1 
ATOM   191  C  CE1 . TYR A 1 22  ? 0.064   -10.225 -6.373  1.00 13.07 ? 21   TYR A CE1 1 
ATOM   192  C  CE2 . TYR A 1 22  ? -0.687  -7.975  -6.000  1.00 12.61 ? 21   TYR A CE2 1 
ATOM   193  C  CZ  . TYR A 1 22  ? -0.202  -8.957  -6.851  1.00 13.48 ? 21   TYR A CZ  1 
ATOM   194  O  OH  . TYR A 1 22  ? 0.015   -8.645  -8.179  1.00 12.97 ? 21   TYR A OH  1 
ATOM   195  N  N   . GLN A 1 23  ? -2.006  -11.494 -0.134  1.00 10.07 ? 22   GLN A N   1 
ATOM   196  C  CA  . GLN A 1 23  ? -2.204  -11.482 1.325   1.00 10.12 ? 22   GLN A CA  1 
ATOM   197  C  C   . GLN A 1 23  ? -1.416  -12.616 2.047   1.00 10.21 ? 22   GLN A C   1 
ATOM   198  O  O   . GLN A 1 23  ? -1.097  -12.505 3.254   1.00 10.72 ? 22   GLN A O   1 
ATOM   199  C  CB  . GLN A 1 23  ? -3.716  -11.503 1.658   1.00 9.62  ? 22   GLN A CB  1 
ATOM   200  C  CG  . GLN A 1 23  ? -4.073  -11.165 3.150   1.00 10.07 ? 22   GLN A CG  1 
ATOM   201  C  CD  . GLN A 1 23  ? -5.540  -11.449 3.488   1.00 11.39 ? 22   GLN A CD  1 
ATOM   202  O  OE1 . GLN A 1 23  ? -6.396  -11.405 2.607   1.00 14.01 ? 22   GLN A OE1 1 
ATOM   203  N  NE2 . GLN A 1 23  ? -5.831  -11.729 4.772   1.00 11.81 ? 22   GLN A NE2 1 
ATOM   204  N  N   . ASN A 1 24  ? -1.080  -13.680 1.309   1.00 10.58 ? 23   ASN A N   1 
ATOM   205  C  CA  . ASN A 1 24  ? -0.306  -14.834 1.831   1.00 11.13 ? 23   ASN A CA  1 
ATOM   206  C  C   . ASN A 1 24  ? 1.118   -14.514 2.302   1.00 11.12 ? 23   ASN A C   1 
ATOM   207  O  O   . ASN A 1 24  ? 1.729   -15.284 3.068   1.00 11.65 ? 23   ASN A O   1 
ATOM   208  C  CB  . ASN A 1 24  ? -0.259  -15.956 0.787   1.00 11.66 ? 23   ASN A CB  1 
ATOM   209  C  CG  . ASN A 1 24  ? -1.611  -16.622 0.602   1.00 13.49 ? 23   ASN A CG  1 
ATOM   210  O  OD1 . ASN A 1 24  ? -2.452  -16.580 1.500   1.00 13.98 ? 23   ASN A OD1 1 
ATOM   211  N  ND2 . ASN A 1 24  ? -1.830  -17.225 -0.565  1.00 15.19 ? 23   ASN A ND2 1 
ATOM   212  N  N   . LYS A 1 25  ? 1.641   -13.388 1.840   1.00 10.55 ? 24   LYS A N   1 
ATOM   213  C  CA  . LYS A 1 25  ? 2.986   -12.948 2.223   1.00 10.81 ? 24   LYS A CA  1 
ATOM   214  C  C   . LYS A 1 25  ? 3.032   -12.124 3.528   1.00 11.01 ? 24   LYS A C   1 
ATOM   215  O  O   . LYS A 1 25  ? 4.127   -11.759 3.971   1.00 10.90 ? 24   LYS A O   1 
ATOM   216  C  CB  . LYS A 1 25  ? 3.652   -12.209 1.048   1.00 11.43 ? 24   LYS A CB  1 
ATOM   217  C  CG  . LYS A 1 25  ? 3.920   -13.126 -0.162  1.00 13.30 ? 24   LYS A CG  1 
ATOM   218  C  CD  . LYS A 1 25  ? 4.690   -12.442 -1.307  1.00 17.46 ? 24   LYS A CD  1 
ATOM   219  C  CE  . LYS A 1 25  ? 5.295   -13.491 -2.254  1.00 18.93 ? 24   LYS A CE  1 
ATOM   220  N  NZ  . LYS A 1 25  ? 6.110   -12.865 -3.326  1.00 16.68 ? 24   LYS A NZ  1 
ATOM   221  N  N   . PHE A 1 26  ? 1.860   -11.859 4.141   1.00 10.39 ? 25   PHE A N   1 
ATOM   222  C  CA  . PHE A 1 26  ? 1.735   -11.003 5.346   1.00 10.70 ? 25   PHE A CA  1 
ATOM   223  C  C   . PHE A 1 26  ? 1.389   -11.768 6.630   1.00 10.76 ? 25   PHE A C   1 
ATOM   224  O  O   . PHE A 1 26  ? 0.978   -12.915 6.570   1.00 10.79 ? 25   PHE A O   1 
ATOM   225  C  CB  . PHE A 1 26  ? 0.672   -9.918  5.137   1.00 10.24 ? 25   PHE A CB  1 
ATOM   226  C  CG  . PHE A 1 26  ? 1.034   -8.881  4.115   1.00 9.82  ? 25   PHE A CG  1 
ATOM   227  C  CD1 . PHE A 1 26  ? 1.762   -7.747  4.491   1.00 9.96  ? 25   PHE A CD1 1 
ATOM   228  C  CD2 . PHE A 1 26  ? 0.620   -9.014  2.783   1.00 8.11  ? 25   PHE A CD2 1 
ATOM   229  C  CE1 . PHE A 1 26  ? 2.092   -6.767  3.563   1.00 9.73  ? 25   PHE A CE1 1 
ATOM   230  C  CE2 . PHE A 1 26  ? 0.938   -8.036  1.824   1.00 9.70  ? 25   PHE A CE2 1 
ATOM   231  C  CZ  . PHE A 1 26  ? 1.672   -6.897  2.216   1.00 10.82 ? 25   PHE A CZ  1 
ATOM   232  N  N   . GLY A 1 27  ? 1.542   -11.118 7.784   1.00 11.11 ? 26   GLY A N   1 
ATOM   233  C  CA  . GLY A 1 27  ? 1.213   -11.741 9.087   1.00 11.86 ? 26   GLY A CA  1 
ATOM   234  C  C   . GLY A 1 27  ? -0.284  -11.925 9.349   1.00 12.39 ? 26   GLY A C   1 
ATOM   235  O  O   . GLY A 1 27  ? -0.687  -12.621 10.309  1.00 11.70 ? 26   GLY A O   1 
ATOM   236  N  N   . PHE A 1 28  ? -1.101  -11.302 8.495   1.00 11.67 ? 27   PHE A N   1 
ATOM   237  C  CA  . PHE A 1 28  ? -2.549  -11.459 8.519   1.00 11.62 ? 27   PHE A CA  1 
ATOM   238  C  C   . PHE A 1 28  ? -3.063  -12.425 7.437   1.00 12.14 ? 27   PHE A C   1 
ATOM   239  O  O   . PHE A 1 28  ? -4.244  -12.400 7.082   1.00 12.14 ? 27   PHE A O   1 
ATOM   240  C  CB  . PHE A 1 28  ? -3.257  -10.088 8.453   1.00 11.43 ? 27   PHE A CB  1 
ATOM   241  C  CG  . PHE A 1 28  ? -2.678  -9.127  7.428   1.00 11.30 ? 27   PHE A CG  1 
ATOM   242  C  CD1 . PHE A 1 28  ? -3.160  -9.114  6.125   1.00 7.25  ? 27   PHE A CD1 1 
ATOM   243  C  CD2 . PHE A 1 28  ? -1.682  -8.205  7.783   1.00 9.25  ? 27   PHE A CD2 1 
ATOM   244  C  CE1 . PHE A 1 28  ? -2.661  -8.218  5.174   1.00 9.03  ? 27   PHE A CE1 1 
ATOM   245  C  CE2 . PHE A 1 28  ? -1.175  -7.297  6.835   1.00 9.35  ? 27   PHE A CE2 1 
ATOM   246  C  CZ  . PHE A 1 28  ? -1.659  -7.313  5.517   1.00 8.68  ? 27   PHE A CZ  1 
ATOM   247  N  N   . LYS A 1 29  ? -2.174  -13.272 6.907   1.00 13.14 ? 28   LYS A N   1 
ATOM   248  C  CA  . LYS A 1 29  ? -2.572  -14.318 5.944   1.00 13.84 ? 28   LYS A CA  1 
ATOM   249  C  C   . LYS A 1 29  ? -3.842  -15.051 6.439   1.00 13.75 ? 28   LYS A C   1 
ATOM   250  O  O   . LYS A 1 29  ? -3.957  -15.337 7.628   1.00 14.61 ? 28   LYS A O   1 
ATOM   251  C  CB  . LYS A 1 29  ? -1.420  -15.326 5.716   1.00 13.88 ? 28   LYS A CB  1 
ATOM   252  C  CG  . LYS A 1 29  ? -1.826  -16.618 4.952   1.00 15.55 ? 28   LYS A CG  1 
ATOM   253  C  CD  . LYS A 1 29  ? -0.633  -17.564 4.720   1.00 18.28 ? 28   LYS A CD  1 
ATOM   254  C  CE  . LYS A 1 29  ? -1.091  -18.933 4.182   1.00 22.45 ? 28   LYS A CE  1 
ATOM   255  N  NZ  . LYS A 1 29  ? 0.071   -19.862 3.953   1.00 24.43 ? 28   LYS A NZ  1 
ATOM   256  N  N   . GLY A 1 30  ? -4.783  -15.334 5.545   1.00 13.71 ? 29   GLY A N   1 
ATOM   257  C  CA  . GLY A 1 30  ? -6.011  -16.074 5.914   1.00 14.37 ? 29   GLY A CA  1 
ATOM   258  C  C   . GLY A 1 30  ? -7.147  -15.333 6.635   1.00 14.87 ? 29   GLY A C   1 
ATOM   259  O  O   . GLY A 1 30  ? -8.230  -15.908 6.850   1.00 14.90 ? 29   GLY A O   1 
ATOM   260  N  N   . VAL A 1 31  ? -6.941  -14.072 7.016   1.00 13.91 ? 30   VAL A N   1 
ATOM   261  C  CA  . VAL A 1 31  ? -7.983  -13.306 7.760   1.00 12.85 ? 30   VAL A CA  1 
ATOM   262  C  C   . VAL A 1 31  ? -8.989  -12.722 6.759   1.00 12.01 ? 30   VAL A C   1 
ATOM   263  O  O   . VAL A 1 31  ? -8.575  -12.164 5.739   1.00 10.94 ? 30   VAL A O   1 
ATOM   264  C  CB  . VAL A 1 31  ? -7.335  -12.186 8.657   1.00 13.33 ? 30   VAL A CB  1 
ATOM   265  C  CG1 . VAL A 1 31  ? -8.386  -11.350 9.455   1.00 13.64 ? 30   VAL A CG1 1 
ATOM   266  C  CG2 . VAL A 1 31  ? -6.311  -12.811 9.644   1.00 13.54 ? 30   VAL A CG2 1 
ATOM   267  N  N   . ALA A 1 32  ? -10.301 -12.873 7.031   1.00 11.26 ? 31   ALA A N   1 
ATOM   268  C  CA  . ALA A 1 32  ? -11.357 -12.273 6.178   1.00 11.03 ? 31   ALA A CA  1 
ATOM   269  C  C   . ALA A 1 32  ? -11.154 -10.763 6.012   1.00 10.91 ? 31   ALA A C   1 
ATOM   270  O  O   . ALA A 1 32  ? -10.780 -10.077 6.969   1.00 10.07 ? 31   ALA A O   1 
ATOM   271  C  CB  . ALA A 1 32  ? -12.757 -12.530 6.786   1.00 11.40 ? 31   ALA A CB  1 
ATOM   272  N  N   . LEU A 1 33  ? -11.410 -10.236 4.812   1.00 10.68 ? 32   LEU A N   1 
ATOM   273  C  CA  . LEU A 1 33  ? -11.220 -8.793  4.563   1.00 11.10 ? 32   LEU A CA  1 
ATOM   274  C  C   . LEU A 1 33  ? -12.012 -7.874  5.532   1.00 11.06 ? 32   LEU A C   1 
ATOM   275  O  O   . LEU A 1 33  ? -11.507 -6.821  5.974   1.00 10.41 ? 32   LEU A O   1 
ATOM   276  C  CB  . LEU A 1 33  ? -11.507 -8.438  3.080   1.00 11.70 ? 32   LEU A CB  1 
ATOM   277  C  CG  . LEU A 1 33  ? -10.632 -9.102  1.995   1.00 13.41 ? 32   LEU A CG  1 
ATOM   278  C  CD1 . LEU A 1 33  ? -10.796 -8.446  0.617   1.00 15.32 ? 32   LEU A CD1 1 
ATOM   279  C  CD2 . LEU A 1 33  ? -9.161  -9.103  2.365   1.00 13.48 ? 32   LEU A CD2 1 
ATOM   280  N  N   . GLY A 1 34  ? -13.227 -8.285  5.895   1.00 9.84  ? 33   GLY A N   1 
ATOM   281  C  CA  . GLY A 1 34  ? -14.046 -7.480  6.796   1.00 10.24 ? 33   GLY A CA  1 
ATOM   282  C  C   . GLY A 1 34  ? -13.591 -7.520  8.249   1.00 10.40 ? 33   GLY A C   1 
ATOM   283  O  O   . GLY A 1 34  ? -14.164 -6.822  9.103   1.00 11.18 ? 33   GLY A O   1 
ATOM   284  N  N   . SER A 1 35  ? -12.572 -8.331  8.528   1.00 10.10 ? 34   SER A N   1 
ATOM   285  C  CA  . SER A 1 35  ? -12.001 -8.443  9.883   1.00 10.87 ? 34   SER A CA  1 
ATOM   286  C  C   . SER A 1 35  ? -10.614 -7.814  9.997   1.00 10.72 ? 34   SER A C   1 
ATOM   287  O  O   . SER A 1 35  ? -10.011 -7.829  11.083  1.00 10.88 ? 34   SER A O   1 
ATOM   288  C  CB  . SER A 1 35  ? -11.900 -9.901  10.313  1.00 10.26 ? 34   SER A CB  1 
ATOM   289  O  OG  . SER A 1 35  ? -13.190 -10.430 10.532  1.00 13.35 ? 34   SER A OG  1 
ATOM   290  N  N   . LEU A 1 36  ? -10.102 -7.281  8.892   1.00 10.77 ? 35   LEU A N   1 
ATOM   291  C  CA  . LEU A 1 36  ? -8.744  -6.759  8.898   1.00 11.36 ? 35   LEU A CA  1 
ATOM   292  C  C   . LEU A 1 36  ? -8.583  -5.580  9.852   1.00 12.45 ? 35   LEU A C   1 
ATOM   293  O  O   . LEU A 1 36  ? -7.530  -5.460  10.498  1.00 11.28 ? 35   LEU A O   1 
ATOM   294  C  CB  . LEU A 1 36  ? -8.247  -6.411  7.472   1.00 11.28 ? 35   LEU A CB  1 
ATOM   295  C  CG  . LEU A 1 36  ? -7.860  -7.567  6.534   1.00 11.33 ? 35   LEU A CG  1 
ATOM   296  C  CD1 . LEU A 1 36  ? -7.394  -7.018  5.195   1.00 11.48 ? 35   LEU A CD1 1 
ATOM   297  C  CD2 . LEU A 1 36  ? -6.775  -8.488  7.134   1.00 11.38 ? 35   LEU A CD2 1 
ATOM   298  N  N   . LYS A 1 37  ? -9.613  -4.719  9.955   1.00 13.78 ? 36   LYS A N   1 
ATOM   299  C  CA  . LYS A 1 37  ? -9.492  -3.478  10.768  1.00 16.32 ? 36   LYS A CA  1 
ATOM   300  C  C   . LYS A 1 37  ? -9.252  -3.721  12.266  1.00 16.76 ? 36   LYS A C   1 
ATOM   301  O  O   . LYS A 1 37  ? -8.598  -2.905  12.929  1.00 18.35 ? 36   LYS A O   1 
ATOM   302  C  CB  . LYS A 1 37  ? -10.638 -2.469  10.526  1.00 16.38 ? 36   LYS A CB  1 
ATOM   303  C  CG  . LYS A 1 37  ? -10.468 -1.656  9.220   1.00 20.43 ? 36   LYS A CG  1 
ATOM   304  C  CD  . LYS A 1 37  ? -11.587 -0.623  9.015   1.00 25.67 ? 36   LYS A CD  1 
ATOM   305  C  CE  . LYS A 1 37  ? -11.519 0.040   7.631   1.00 28.23 ? 36   LYS A CE  1 
ATOM   306  N  NZ  . LYS A 1 37  ? -11.859 -0.856  6.458   1.00 30.49 ? 36   LYS A NZ  1 
ATOM   307  N  N   . GLY A 1 38  ? -9.721  -4.847  12.779  1.00 16.98 ? 37   GLY A N   1 
ATOM   308  C  CA  . GLY A 1 38  ? -9.377  -5.245  14.156  1.00 16.91 ? 37   GLY A CA  1 
ATOM   309  C  C   . GLY A 1 38  ? -8.133  -6.110  14.378  1.00 16.53 ? 37   GLY A C   1 
ATOM   310  O  O   . GLY A 1 38  ? -7.826  -6.452  15.534  1.00 17.17 ? 37   GLY A O   1 
ATOM   311  N  N   . ASN A 1 39  ? -7.423  -6.464  13.295  1.00 15.21 ? 38   ASN A N   1 
ATOM   312  C  CA  . ASN A 1 39  ? -6.277  -7.400  13.330  1.00 13.88 ? 38   ASN A CA  1 
ATOM   313  C  C   . ASN A 1 39  ? -4.966  -6.663  13.612  1.00 12.96 ? 38   ASN A C   1 
ATOM   314  O  O   . ASN A 1 39  ? -4.660  -5.660  12.949  1.00 11.27 ? 38   ASN A O   1 
ATOM   315  C  CB  . ASN A 1 39  ? -6.175  -8.180  12.003  1.00 13.90 ? 38   ASN A CB  1 
ATOM   316  C  CG  . ASN A 1 39  ? -4.932  -9.094  11.931  1.00 15.05 ? 38   ASN A CG  1 
ATOM   317  O  OD1 . ASN A 1 39  ? -3.800  -8.638  11.677  1.00 14.28 ? 38   ASN A OD1 1 
ATOM   318  N  ND2 . ASN A 1 39  ? -5.144  -10.388 12.143  1.00 16.16 ? 38   ASN A ND2 1 
ATOM   319  N  N   . ALA A 1 40  ? -4.202  -7.152  14.589  1.00 11.22 ? 39   ALA A N   1 
ATOM   320  C  CA  . ALA A 1 40  ? -2.944  -6.482  14.981  1.00 11.57 ? 39   ALA A CA  1 
ATOM   321  C  C   . ALA A 1 40  ? -1.881  -6.382  13.875  1.00 10.70 ? 39   ALA A C   1 
ATOM   322  O  O   . ALA A 1 40  ? -1.246  -5.325  13.717  1.00 11.25 ? 39   ALA A O   1 
ATOM   323  C  CB  . ALA A 1 40  ? -2.339  -7.136  16.260  1.00 11.71 ? 39   ALA A CB  1 
ATOM   324  N  N   . ALA A 1 41  ? -1.659  -7.469  13.138  1.00 10.34 ? 40   ALA A N   1 
ATOM   325  C  CA  . ALA A 1 41  ? -0.651  -7.459  12.076  1.00 10.12 ? 40   ALA A CA  1 
ATOM   326  C  C   . ALA A 1 41  ? -1.052  -6.438  11.006  1.00 9.92  ? 40   ALA A C   1 
ATOM   327  O  O   . ALA A 1 41  ? -0.208  -5.718  10.456  1.00 9.40  ? 40   ALA A O   1 
ATOM   328  C  CB  . ALA A 1 41  ? -0.476  -8.858  11.473  1.00 10.17 ? 40   ALA A CB  1 
ATOM   329  N  N   . TYR A 1 42  ? -2.350  -6.365  10.728  1.00 9.16  ? 41   TYR A N   1 
ATOM   330  C  CA  . TYR A 1 42  ? -2.843  -5.407  9.736   1.00 8.63  ? 41   TYR A CA  1 
ATOM   331  C  C   . TYR A 1 42  ? -2.695  -3.936  10.201  1.00 9.47  ? 41   TYR A C   1 
ATOM   332  O  O   . TYR A 1 42  ? -2.237  -3.075  9.433   1.00 8.50  ? 41   TYR A O   1 
ATOM   333  C  CB  . TYR A 1 42  ? -4.294  -5.741  9.315   1.00 9.22  ? 41   TYR A CB  1 
ATOM   334  C  CG  . TYR A 1 42  ? -4.811  -4.662  8.406   1.00 8.55  ? 41   TYR A CG  1 
ATOM   335  C  CD1 . TYR A 1 42  ? -4.518  -4.692  7.042   1.00 8.01  ? 41   TYR A CD1 1 
ATOM   336  C  CD2 . TYR A 1 42  ? -5.494  -3.564  8.928   1.00 9.72  ? 41   TYR A CD2 1 
ATOM   337  C  CE1 . TYR A 1 42  ? -4.940  -3.653  6.200   1.00 11.26 ? 41   TYR A CE1 1 
ATOM   338  C  CE2 . TYR A 1 42  ? -5.925  -2.533  8.110   1.00 10.40 ? 41   TYR A CE2 1 
ATOM   339  C  CZ  . TYR A 1 42  ? -5.644  -2.584  6.750   1.00 9.78  ? 41   TYR A CZ  1 
ATOM   340  O  OH  . TYR A 1 42  ? -6.064  -1.548  5.950   1.00 12.30 ? 41   TYR A OH  1 
ATOM   341  N  N   . LYS A 1 43  ? -3.045  -3.649  11.462  1.00 9.39  ? 42   LYS A N   1 
ATOM   342  C  CA  . LYS A 1 43  ? -2.912  -2.295  11.992  1.00 10.58 ? 42   LYS A CA  1 
ATOM   343  C  C   . LYS A 1 43  ? -1.461  -1.778  11.903  1.00 9.81  ? 42   LYS A C   1 
ATOM   344  O  O   . LYS A 1 43  ? -1.231  -0.598  11.623  1.00 9.66  ? 42   LYS A O   1 
ATOM   345  C  CB  . LYS A 1 43  ? -3.428  -2.215  13.433  1.00 10.89 ? 42   LYS A CB  1 
ATOM   346  C  CG  . LYS A 1 43  ? -4.956  -2.390  13.569  1.00 15.56 ? 42   LYS A CG  1 
ATOM   347  C  CD  . LYS A 1 43  ? -5.401  -1.969  14.979  1.00 22.94 ? 42   LYS A CD  1 
ATOM   348  C  CE  . LYS A 1 43  ? -6.738  -2.600  15.401  1.00 24.99 ? 42   LYS A CE  1 
ATOM   349  N  NZ  . LYS A 1 43  ? -7.458  -1.695  16.364  1.00 28.85 ? 42   LYS A NZ  1 
ATOM   350  N  N   . THR A 1 44  ? -0.495  -2.665  12.107  1.00 9.57  ? 43   THR A N   1 
ATOM   351  C  CA  . THR A 1 44  ? 0.928   -2.304  12.010  1.00 9.98  ? 43   THR A CA  1 
ATOM   352  C  C   . THR A 1 44  ? 1.311   -2.003  10.561  1.00 9.82  ? 43   THR A C   1 
ATOM   353  O  O   . THR A 1 44  ? 1.930   -0.966  10.282  1.00 9.23  ? 43   THR A O   1 
ATOM   354  C  CB  . THR A 1 44  ? 1.830   -3.426  12.585  1.00 10.83 ? 43   THR A CB  1 
ATOM   355  O  OG1 . THR A 1 44  ? 1.681   -3.440  14.020  1.00 12.61 ? 43   THR A OG1 1 
ATOM   356  C  CG2 . THR A 1 44  ? 3.292   -3.214  12.224  1.00 9.88  ? 43   THR A CG2 1 
ATOM   357  N  N   . GLN A 1 45  ? 0.950   -2.917  9.660   1.00 8.04  ? 44   GLN A N   1 
ATOM   358  C  CA  . GLN A 1 45  ? 1.215   -2.762  8.210   1.00 8.11  ? 44   GLN A CA  1 
ATOM   359  C  C   . GLN A 1 45  ? 0.589   -1.471  7.662   1.00 8.02  ? 44   GLN A C   1 
ATOM   360  O  O   . GLN A 1 45  ? 1.272   -0.703  6.947   1.00 7.68  ? 44   GLN A O   1 
ATOM   361  C  CB  . GLN A 1 45  ? 0.718   -3.990  7.428   1.00 8.26  ? 44   GLN A CB  1 
ATOM   362  C  CG  . GLN A 1 45  ? 1.021   -3.980  5.893   1.00 8.48  ? 44   GLN A CG  1 
ATOM   363  C  CD  . GLN A 1 45  ? 2.513   -3.741  5.519   1.00 10.03 ? 44   GLN A CD  1 
ATOM   364  O  OE1 . GLN A 1 45  ? 3.430   -4.124  6.251   1.00 9.59  ? 44   GLN A OE1 1 
ATOM   365  N  NE2 . GLN A 1 45  ? 2.739   -3.155  4.339   1.00 8.55  ? 44   GLN A NE2 1 
ATOM   366  N  N   . ALA A 1 46  ? -0.701  -1.247  7.982   1.00 7.34  ? 45   ALA A N   1 
ATOM   367  C  CA  . ALA A 1 46  ? -1.411  -0.012  7.580   1.00 7.60  ? 45   ALA A CA  1 
ATOM   368  C  C   . ALA A 1 46  ? -0.736  1.271   8.088   1.00 7.44  ? 45   ALA A C   1 
ATOM   369  O  O   . ALA A 1 46  ? -0.620  2.232   7.340   1.00 6.64  ? 45   ALA A O   1 
ATOM   370  C  CB  . ALA A 1 46  ? -2.898  -0.047  7.997   1.00 8.12  ? 45   ALA A CB  1 
ATOM   371  N  N   . GLY A 1 47  ? -0.283  1.273   9.343   1.00 6.91  ? 46   GLY A N   1 
ATOM   372  C  CA  . GLY A 1 47  ? 0.425   2.426   9.910   1.00 7.48  ? 46   GLY A CA  1 
ATOM   373  C  C   . GLY A 1 47  ? 1.734   2.730   9.196   1.00 7.76  ? 46   GLY A C   1 
ATOM   374  O  O   . GLY A 1 47  ? 2.047   3.919   8.983   1.00 9.22  ? 46   GLY A O   1 
ATOM   375  N  N   . LYS A 1 48  ? 2.493   1.688   8.832   1.00 7.24  ? 47   LYS A N   1 
ATOM   376  C  CA  . LYS A 1 48  ? 3.739   1.830   8.059   1.00 8.06  ? 47   LYS A CA  1 
ATOM   377  C  C   . LYS A 1 48  ? 3.516   2.372   6.633   1.00 7.29  ? 47   LYS A C   1 
ATOM   378  O  O   . LYS A 1 48  ? 4.301   3.181   6.140   1.00 6.12  ? 47   LYS A O   1 
ATOM   379  C  CB  . LYS A 1 48  ? 4.515   0.504   7.991   1.00 9.15  ? 47   LYS A CB  1 
ATOM   380  C  CG  . LYS A 1 48  ? 5.157   0.099   9.315   1.00 10.42 ? 47   LYS A CG  1 
ATOM   381  C  CD  . LYS A 1 48  ? 5.937   -1.195  9.157   1.00 16.18 ? 47   LYS A CD  1 
ATOM   382  C  CE  . LYS A 1 48  ? 6.813   -1.447  10.377  1.00 17.58 ? 47   LYS A CE  1 
ATOM   383  N  NZ  . LYS A 1 48  ? 7.734   -2.598  10.111  1.00 22.83 ? 47   LYS A NZ  1 
ATOM   384  N  N   . THR A 1 49  ? 2.450   1.910   5.983   1.00 5.99  ? 48   THR A N   1 
ATOM   385  C  CA  . THR A 1 49  ? 2.023   2.463   4.685   1.00 6.77  ? 48   THR A CA  1 
ATOM   386  C  C   . THR A 1 49  ? 1.624   3.973   4.752   1.00 7.32  ? 48   THR A C   1 
ATOM   387  O  O   . THR A 1 49  ? 2.043   4.766   3.890   1.00 7.19  ? 48   THR A O   1 
ATOM   388  C  CB  . THR A 1 49  ? 0.859   1.598   4.124   1.00 6.66  ? 48   THR A CB  1 
ATOM   389  O  OG1 . THR A 1 49  ? 1.242   0.225   4.221   1.00 6.29  ? 48   THR A OG1 1 
ATOM   390  C  CG2 . THR A 1 49  ? 0.583   1.923   2.639   1.00 7.06  ? 48   THR A CG2 1 
ATOM   391  N  N   . VAL A 1 50  ? 0.801   4.356   5.745   1.00 7.07  ? 49   VAL A N   1 
ATOM   392  C  CA  . VAL A 1 50  ? 0.478   5.781   6.009   1.00 6.97  ? 49   VAL A CA  1 
ATOM   393  C  C   . VAL A 1 50  ? 1.769   6.590   6.217   1.00 7.81  ? 49   VAL A C   1 
ATOM   394  O  O   . VAL A 1 50  ? 1.922   7.689   5.679   1.00 6.59  ? 49   VAL A O   1 
ATOM   395  C  CB  . VAL A 1 50  ? -0.471  5.972   7.256   1.00 7.18  ? 49   VAL A CB  1 
ATOM   396  C  CG1 . VAL A 1 50  ? -0.607  7.442   7.662   1.00 7.19  ? 49   VAL A CG1 1 
ATOM   397  C  CG2 . VAL A 1 50  ? -1.868  5.437   6.964   1.00 6.97  ? 49   VAL A CG2 1 
ATOM   398  N  N   . ASP A 1 51  ? 2.682   6.050   7.018   1.00 8.29  ? 50   ASP A N   1 
ATOM   399  C  CA  . ASP A 1 51  ? 3.975   6.710   7.243   1.00 8.99  ? 50   ASP A CA  1 
ATOM   400  C  C   . ASP A 1 51  ? 4.766   6.949   5.953   1.00 9.10  ? 50   ASP A C   1 
ATOM   401  O  O   . ASP A 1 51  ? 5.297   8.055   5.755   1.00 8.95  ? 50   ASP A O   1 
ATOM   402  C  CB  . ASP A 1 51  ? 4.821   5.945   8.266   1.00 8.81  ? 50   ASP A CB  1 
ATOM   403  C  CG  . ASP A 1 51  ? 4.291   6.073   9.686   1.00 11.87 ? 50   ASP A CG  1 
ATOM   404  O  OD1 . ASP A 1 51  ? 3.467   6.978   9.983   1.00 14.89 ? 50   ASP A OD1 1 
ATOM   405  O  OD2 . ASP A 1 51  ? 4.709   5.251   10.533  1.00 14.45 ? 50   ASP A OD2 1 
ATOM   406  N  N   . TYR A 1 52  ? 4.831   5.936   5.083   1.00 8.50  ? 51   TYR A N   1 
ATOM   407  C  CA  . TYR A 1 52  ? 5.567   6.071   3.829   1.00 8.46  ? 51   TYR A CA  1 
ATOM   408  C  C   . TYR A 1 52  ? 4.924   7.160   2.948   1.00 8.58  ? 51   TYR A C   1 
ATOM   409  O  O   . TYR A 1 52  ? 5.646   7.971   2.358   1.00 7.74  ? 51   TYR A O   1 
ATOM   410  C  CB  . TYR A 1 52  ? 5.741   4.733   3.065   1.00 8.52  ? 51   TYR A CB  1 
ATOM   411  C  CG  . TYR A 1 52  ? 6.661   4.886   1.859   1.00 8.69  ? 51   TYR A CG  1 
ATOM   412  C  CD1 . TYR A 1 52  ? 8.060   4.792   1.994   1.00 10.84 ? 51   TYR A CD1 1 
ATOM   413  C  CD2 . TYR A 1 52  ? 6.142   5.208   0.605   1.00 9.21  ? 51   TYR A CD2 1 
ATOM   414  C  CE1 . TYR A 1 52  ? 8.911   4.972   0.872   1.00 11.07 ? 51   TYR A CE1 1 
ATOM   415  C  CE2 . TYR A 1 52  ? 6.980   5.392   -0.511  1.00 10.77 ? 51   TYR A CE2 1 
ATOM   416  C  CZ  . TYR A 1 52  ? 8.353   5.280   -0.367  1.00 11.21 ? 51   TYR A CZ  1 
ATOM   417  O  OH  . TYR A 1 52  ? 9.150   5.476   -1.478  1.00 11.52 ? 51   TYR A OH  1 
ATOM   418  N  N   . ILE A 1 53  ? 3.584   7.196   2.896   1.00 8.39  ? 52   ILE A N   1 
ATOM   419  C  CA  . ILE A 1 53  ? 2.847   8.242   2.126   1.00 8.53  ? 52   ILE A CA  1 
ATOM   420  C  C   . ILE A 1 53  ? 3.157   9.651   2.616   1.00 8.67  ? 52   ILE A C   1 
ATOM   421  O  O   . ILE A 1 53  ? 3.491   10.535  1.803   1.00 7.73  ? 52   ILE A O   1 
ATOM   422  C  CB  . ILE A 1 53  ? 1.328   8.000   2.146   1.00 8.25  ? 52   ILE A CB  1 
ATOM   423  C  CG1 . ILE A 1 53  ? 0.993   6.777   1.278   1.00 9.91  ? 52   ILE A CG1 1 
ATOM   424  C  CG2 . ILE A 1 53  ? 0.528   9.264   1.669   1.00 9.06  ? 52   ILE A CG2 1 
ATOM   425  C  CD1 . ILE A 1 53  ? -0.485  6.271   1.441   1.00 8.34  ? 52   ILE A CD1 1 
ATOM   426  N  N   . ASN A 1 54  ? 3.082   9.854   3.938   1.00 7.90  ? 53   ASN A N   1 
ATOM   427  C  CA  . ASN A 1 54  ? 3.427   11.160  4.526   1.00 8.71  ? 53   ASN A CA  1 
ATOM   428  C  C   . ASN A 1 54  ? 4.911   11.499  4.315   1.00 8.49  ? 53   ASN A C   1 
ATOM   429  O  O   . ASN A 1 54  ? 5.236   12.680  4.142   1.00 8.86  ? 53   ASN A O   1 
ATOM   430  C  CB  . ASN A 1 54  ? 3.038   11.261  6.031   1.00 8.76  ? 53   ASN A CB  1 
ATOM   431  C  CG  . ASN A 1 54  ? 1.502   11.417  6.267   1.00 10.84 ? 53   ASN A CG  1 
ATOM   432  O  OD1 . ASN A 1 54  ? 0.940   10.729  7.110   1.00 13.22 ? 53   ASN A OD1 1 
ATOM   433  N  ND2 . ASN A 1 54  ? 0.847   12.315  5.545   1.00 7.78  ? 53   ASN A ND2 1 
ATOM   434  N  N   . ALA A 1 55  ? 5.790   10.489  4.312   1.00 7.74  ? 54   ALA A N   1 
ATOM   435  C  CA  . ALA A 1 55  ? 7.229   10.687  3.980   1.00 8.46  ? 54   ALA A CA  1 
ATOM   436  C  C   . ALA A 1 55  ? 7.470   11.047  2.500   1.00 8.79  ? 54   ALA A C   1 
ATOM   437  O  O   . ALA A 1 55  ? 8.282   11.930  2.190   1.00 8.99  ? 54   ALA A O   1 
ATOM   438  C  CB  . ALA A 1 55  ? 8.059   9.439   4.358   1.00 8.63  ? 54   ALA A CB  1 
ATOM   439  N  N   . ALA A 1 56  ? 6.773   10.368  1.599   1.00 8.52  ? 55   ALA A N   1 
ATOM   440  C  CA  . ALA A 1 56  ? 6.846   10.695  0.167   1.00 9.91  ? 55   ALA A CA  1 
ATOM   441  C  C   . ALA A 1 56  ? 6.426   12.149  -0.132  1.00 10.31 ? 55   ALA A C   1 
ATOM   442  O  O   . ALA A 1 56  ? 7.139   12.873  -0.853  1.00 11.25 ? 55   ALA A O   1 
ATOM   443  C  CB  . ALA A 1 56  ? 6.011   9.696   -0.657  1.00 10.57 ? 55   ALA A CB  1 
ATOM   444  N  N   . ILE A 1 57  ? 5.297   12.577  0.438   1.00 10.49 ? 56   ILE A N   1 
ATOM   445  C  CA  . ILE A 1 57  ? 4.774   13.959  0.276   1.00 10.91 ? 56   ILE A CA  1 
ATOM   446  C  C   . ILE A 1 57  ? 5.676   14.995  0.971   1.00 12.01 ? 56   ILE A C   1 
ATOM   447  O  O   . ILE A 1 57  ? 5.935   16.063  0.425   1.00 12.52 ? 56   ILE A O   1 
ATOM   448  C  CB  . ILE A 1 57  ? 3.303   14.075  0.786   1.00 10.88 ? 56   ILE A CB  1 
ATOM   449  C  CG1 . ILE A 1 57  ? 2.378   13.174  -0.031  1.00 11.18 ? 56   ILE A CG1 1 
ATOM   450  C  CG2 . ILE A 1 57  ? 2.746   15.549  0.731   1.00 10.32 ? 56   ILE A CG2 1 
ATOM   451  C  CD1 . ILE A 1 57  ? 1.005   12.966  0.631   1.00 13.83 ? 56   ILE A CD1 1 
ATOM   452  N  N   . GLY A 1 58  ? 6.153   14.675  2.173   1.00 12.63 ? 57   GLY A N   1 
ATOM   453  C  CA  . GLY A 1 58  ? 6.990   15.605  2.944   1.00 14.41 ? 57   GLY A CA  1 
ATOM   454  C  C   . GLY A 1 58  ? 8.417   15.703  2.428   1.00 16.08 ? 57   GLY A C   1 
ATOM   455  O  O   . GLY A 1 58  ? 9.143   16.648  2.782   1.00 16.40 ? 57   GLY A O   1 
ATOM   456  N  N   . GLY A 1 59  ? 8.809   14.715  1.621   1.00 16.82 ? 58   GLY A N   1 
ATOM   457  C  CA  . GLY A 1 59  ? 10.047  14.720  0.843   1.00 18.79 ? 58   GLY A CA  1 
ATOM   458  C  C   . GLY A 1 59  ? 11.178  13.850  1.355   1.00 19.84 ? 58   GLY A C   1 
ATOM   459  O  O   . GLY A 1 59  ? 12.313  13.950  0.862   1.00 21.12 ? 58   GLY A O   1 
ATOM   460  N  N   . SER A 1 60  ? 10.902  12.997  2.333   1.00 20.36 ? 59   SER A N   1 
ATOM   461  C  CA  . SER A 1 60  ? 11.977  12.220  2.961   1.00 20.73 ? 59   SER A CA  1 
ATOM   462  C  C   . SER A 1 60  ? 11.948  10.695  2.682   1.00 20.37 ? 59   SER A C   1 
ATOM   463  O  O   . SER A 1 60  ? 12.703  9.930   3.301   1.00 20.62 ? 59   SER A O   1 
ATOM   464  C  CB  . SER A 1 60  ? 11.943  12.449  4.459   1.00 21.34 ? 59   SER A CB  1 
ATOM   465  O  OG  . SER A 1 60  ? 10.882  11.689  5.011   1.00 23.54 ? 59   SER A OG  1 
ATOM   466  N  N   . ALA A 1 61  ? 11.089  10.260  1.762   1.00 19.32 ? 60   ALA A N   1 
ATOM   467  C  CA  . ALA A 1 61  ? 10.917  8.833   1.472   1.00 19.06 ? 60   ALA A CA  1 
ATOM   468  C  C   . ALA A 1 61  ? 12.143  8.219   0.784   1.00 18.87 ? 60   ALA A C   1 
ATOM   469  O  O   . ALA A 1 61  ? 12.744  8.821   -0.105  1.00 19.14 ? 60   ALA A O   1 
ATOM   470  C  CB  . ALA A 1 61  ? 9.657   8.610   0.627   1.00 18.23 ? 60   ALA A CB  1 
ATOM   471  N  N   . ASP A 1 62  ? 12.510  7.012   1.211   1.00 18.44 ? 61   ASP A N   1 
ATOM   472  C  CA  . ASP A 1 62  ? 13.639  6.297   0.633   1.00 17.93 ? 61   ASP A CA  1 
ATOM   473  C  C   . ASP A 1 62  ? 13.089  5.211   -0.287  1.00 16.45 ? 61   ASP A C   1 
ATOM   474  O  O   . ASP A 1 62  ? 12.848  4.089   0.143   1.00 15.06 ? 61   ASP A O   1 
ATOM   475  C  CB  . ASP A 1 62  ? 14.488  5.727   1.772   1.00 19.21 ? 61   ASP A CB  1 
ATOM   476  C  CG  . ASP A 1 62  ? 15.583  4.769   1.308   1.00 20.80 ? 61   ASP A CG  1 
ATOM   477  O  OD1 . ASP A 1 62  ? 15.992  4.782   0.118   1.00 19.62 ? 61   ASP A OD1 1 
ATOM   478  O  OD2 . ASP A 1 62  ? 16.040  3.999   2.189   1.00 23.80 ? 61   ASP A OD2 1 
ATOM   479  N  N   . ALA A 1 63  ? 12.860  5.576   -1.548  1.00 15.60 ? 62   ALA A N   1 
ATOM   480  C  CA  . ALA A 1 63  ? 12.261  4.671   -2.548  1.00 14.87 ? 62   ALA A CA  1 
ATOM   481  C  C   . ALA A 1 63  ? 13.166  3.493   -2.920  1.00 14.88 ? 62   ALA A C   1 
ATOM   482  O  O   . ALA A 1 63  ? 12.682  2.359   -3.084  1.00 14.14 ? 62   ALA A O   1 
ATOM   483  C  CB  . ALA A 1 63  ? 11.879  5.442   -3.787  1.00 14.75 ? 62   ALA A CB  1 
ATOM   484  N  N   . ALA A 1 64  ? 14.469  3.756   -3.088  1.00 14.01 ? 63   ALA A N   1 
ATOM   485  C  CA  . ALA A 1 64  ? 15.437  2.678   -3.357  1.00 13.67 ? 63   ALA A CA  1 
ATOM   486  C  C   . ALA A 1 64  ? 15.408  1.610   -2.249  1.00 13.07 ? 63   ALA A C   1 
ATOM   487  O  O   . ALA A 1 64  ? 15.426  0.413   -2.538  1.00 12.83 ? 63   ALA A O   1 
ATOM   488  C  CB  . ALA A 1 64  ? 16.858  3.235   -3.543  1.00 14.13 ? 63   ALA A CB  1 
ATOM   489  N  N   . GLY A 1 65  ? 15.352  2.053   -0.994  1.00 12.95 ? 64   GLY A N   1 
ATOM   490  C  CA  . GLY A 1 65  ? 15.339  1.153   0.170   1.00 12.46 ? 64   GLY A CA  1 
ATOM   491  C  C   . GLY A 1 65  ? 14.040  0.358   0.257   1.00 12.49 ? 64   GLY A C   1 
ATOM   492  O  O   . GLY A 1 65  ? 14.046  -0.855  0.561   1.00 11.77 ? 64   GLY A O   1 
ATOM   493  N  N   . LEU A 1 66  ? 12.919  1.017   -0.037  1.00 12.04 ? 65   LEU A N   1 
ATOM   494  C  CA  . LEU A 1 66  ? 11.645  0.292   -0.085  1.00 11.25 ? 65   LEU A CA  1 
ATOM   495  C  C   . LEU A 1 66  ? 11.602  -0.744  -1.216  1.00 11.17 ? 65   LEU A C   1 
ATOM   496  O  O   . LEU A 1 66  ? 11.125  -1.867  -1.005  1.00 10.10 ? 65   LEU A O   1 
ATOM   497  C  CB  . LEU A 1 66  ? 10.456  1.249   -0.198  1.00 11.82 ? 65   LEU A CB  1 
ATOM   498  C  CG  . LEU A 1 66  ? 9.121   0.551   0.136   1.00 11.27 ? 65   LEU A CG  1 
ATOM   499  C  CD1 . LEU A 1 66  ? 9.080   0.208   1.614   1.00 10.95 ? 65   LEU A CD1 1 
ATOM   500  C  CD2 . LEU A 1 66  ? 7.901   1.430   -0.229  1.00 11.27 ? 65   LEU A CD2 1 
ATOM   501  N  N   . ALA A 1 67  ? 12.061  -0.366  -2.418  1.00 10.33 ? 66   ALA A N   1 
ATOM   502  C  CA  . ALA A 1 67  ? 12.167  -1.332  -3.529  1.00 10.26 ? 66   ALA A CA  1 
ATOM   503  C  C   . ALA A 1 67  ? 13.056  -2.526  -3.173  1.00 9.54  ? 66   ALA A C   1 
ATOM   504  O  O   . ALA A 1 67  ? 12.686  -3.670  -3.424  1.00 9.20  ? 66   ALA A O   1 
ATOM   505  C  CB  . ALA A 1 67  ? 12.679  -0.662  -4.829  1.00 10.07 ? 66   ALA A CB  1 
ATOM   506  N  N   . SER A 1 68  ? 14.230  -2.269  -2.605  1.00 8.91  ? 67   SER A N   1 
ATOM   507  C  CA  . SER A 1 68  ? 15.129  -3.375  -2.247  1.00 9.42  ? 67   SER A CA  1 
ATOM   508  C  C   . SER A 1 68  ? 14.462  -4.376  -1.278  1.00 9.40  ? 67   SER A C   1 
ATOM   509  O  O   . SER A 1 68  ? 14.619  -5.616  -1.428  1.00 9.52  ? 67   SER A O   1 
ATOM   510  C  CB  . SER A 1 68  ? 16.471  -2.844  -1.685  1.00 8.98  ? 67   SER A CB  1 
ATOM   511  O  OG  . SER A 1 68  ? 17.406  -3.908  -1.555  1.00 9.55  ? 67   SER A OG  1 
ATOM   512  N  N   . ARG A 1 69  ? 13.712  -3.843  -0.308  1.00 8.95  ? 68   ARG A N   1 
ATOM   513  C  CA  . ARG A 1 69  ? 12.995  -4.669  0.690   1.00 9.07  ? 68   ARG A CA  1 
ATOM   514  C  C   . ARG A 1 69  ? 11.900  -5.508  0.039   1.00 9.04  ? 68   ARG A C   1 
ATOM   515  O  O   . ARG A 1 69  ? 11.638  -6.642  0.466   1.00 8.94  ? 68   ARG A O   1 
ATOM   516  C  CB  . ARG A 1 69  ? 12.427  -3.793  1.821   1.00 8.91  ? 68   ARG A CB  1 
ATOM   517  C  CG  . ARG A 1 69  ? 13.501  -3.394  2.843   1.00 9.62  ? 68   ARG A CG  1 
ATOM   518  C  CD  . ARG A 1 69  ? 13.042  -2.273  3.768   1.00 11.26 ? 68   ARG A CD  1 
ATOM   519  N  NE  . ARG A 1 69  ? 14.055  -1.989  4.797   1.00 13.21 ? 68   ARG A NE  1 
ATOM   520  C  CZ  . ARG A 1 69  ? 15.164  -1.275  4.575   1.00 14.07 ? 68   ARG A CZ  1 
ATOM   521  N  NH1 . ARG A 1 69  ? 15.416  -0.785  3.360   1.00 11.61 ? 68   ARG A NH1 1 
ATOM   522  N  NH2 . ARG A 1 69  ? 16.032  -1.071  5.557   1.00 12.22 ? 68   ARG A NH2 1 
ATOM   523  N  N   . HIS A 1 70  ? 11.279  -4.973  -1.015  1.00 8.74  ? 69   HIS A N   1 
ATOM   524  C  CA  . HIS A 1 70  ? 10.251  -5.735  -1.741  1.00 9.99  ? 69   HIS A CA  1 
ATOM   525  C  C   . HIS A 1 70  ? 10.849  -6.867  -2.617  1.00 10.24 ? 69   HIS A C   1 
ATOM   526  O  O   . HIS A 1 70  ? 10.301  -7.980  -2.680  1.00 10.42 ? 69   HIS A O   1 
ATOM   527  C  CB  . HIS A 1 70  ? 9.272   -4.786  -2.504  1.00 9.51  ? 69   HIS A CB  1 
ATOM   528  C  CG  . HIS A 1 70  ? 8.232   -4.164  -1.612  1.00 10.73 ? 69   HIS A CG  1 
ATOM   529  N  ND1 . HIS A 1 70  ? 8.452   -2.996  -0.907  1.00 8.88  ? 69   HIS A ND1 1 
ATOM   530  C  CD2 . HIS A 1 70  ? 6.987   -4.587  -1.261  1.00 7.48  ? 69   HIS A CD2 1 
ATOM   531  C  CE1 . HIS A 1 70  ? 7.368   -2.703  -0.199  1.00 10.21 ? 69   HIS A CE1 1 
ATOM   532  N  NE2 . HIS A 1 70  ? 6.470   -3.656  -0.390  1.00 9.21  ? 69   HIS A NE2 1 
ATOM   533  N  N   . LYS A 1 71  ? 12.005  -6.605  -3.235  1.00 10.81 ? 70   LYS A N   1 
ATOM   534  C  CA  . LYS A 1 71  ? 12.762  -7.647  -3.942  1.00 12.09 ? 70   LYS A CA  1 
ATOM   535  C  C   . LYS A 1 71  ? 13.144  -8.778  -2.987  1.00 12.33 ? 70   LYS A C   1 
ATOM   536  O  O   . LYS A 1 71  ? 13.138  -9.951  -3.380  1.00 12.52 ? 70   LYS A O   1 
ATOM   537  C  CB  . LYS A 1 71  ? 14.022  -7.074  -4.572  1.00 12.05 ? 70   LYS A CB  1 
ATOM   538  C  CG  . LYS A 1 71  ? 13.766  -6.094  -5.702  1.00 14.83 ? 70   LYS A CG  1 
ATOM   539  C  CD  . LYS A 1 71  ? 15.108  -5.507  -6.140  1.00 19.32 ? 70   LYS A CD  1 
ATOM   540  C  CE  . LYS A 1 71  ? 14.990  -4.711  -7.411  1.00 21.28 ? 70   LYS A CE  1 
ATOM   541  N  NZ  . LYS A 1 71  ? 16.356  -4.234  -7.792  1.00 25.76 ? 70   LYS A NZ  1 
ATOM   542  N  N   . GLY A 1 72  ? 13.433  -8.415  -1.735  1.00 12.48 ? 71   GLY A N   1 
ATOM   543  C  CA  . GLY A 1 72  ? 13.771  -9.382  -0.677  1.00 13.25 ? 71   GLY A CA  1 
ATOM   544  C  C   . GLY A 1 72  ? 12.624  -10.274 -0.218  1.00 13.66 ? 71   GLY A C   1 
ATOM   545  O  O   . GLY A 1 72  ? 12.826  -11.182 0.609   1.00 14.00 ? 71   GLY A O   1 
ATOM   546  N  N   . ARG A 1 73  ? 11.431  -10.008 -0.750  1.00 13.15 ? 72   ARG A N   1 
ATOM   547  C  CA  . ARG A 1 73  ? 10.213  -10.775 -0.446  1.00 13.73 ? 72   ARG A CA  1 
ATOM   548  C  C   . ARG A 1 73  ? 9.685   -11.399 -1.742  1.00 14.27 ? 72   ARG A C   1 
ATOM   549  O  O   . ARG A 1 73  ? 8.563   -11.949 -1.778  1.00 14.04 ? 72   ARG A O   1 
ATOM   550  C  CB  . ARG A 1 73  ? 9.103   -9.865  0.152   1.00 13.71 ? 72   ARG A CB  1 
ATOM   551  C  CG  . ARG A 1 73  ? 9.404   -9.173  1.496   1.00 14.43 ? 72   ARG A CG  1 
ATOM   552  C  CD  . ARG A 1 73  ? 9.569   -10.150 2.648   1.00 16.38 ? 72   ARG A CD  1 
ATOM   553  N  NE  . ARG A 1 73  ? 9.945   -9.464  3.899   1.00 16.03 ? 72   ARG A NE  1 
ATOM   554  C  CZ  . ARG A 1 73  ? 9.383   -9.681  5.087   1.00 15.85 ? 72   ARG A CZ  1 
ATOM   555  N  NH1 . ARG A 1 73  ? 8.395   -10.572 5.215   1.00 15.64 ? 72   ARG A NH1 1 
ATOM   556  N  NH2 . ARG A 1 73  ? 9.816   -9.013  6.157   1.00 14.29 ? 72   ARG A NH2 1 
ATOM   557  N  N   . ASN A 1 74  ? 10.503  -11.312 -2.795  1.00 14.80 ? 73   ASN A N   1 
ATOM   558  C  CA  . ASN A 1 74  ? 10.121  -11.716 -4.156  1.00 15.43 ? 73   ASN A CA  1 
ATOM   559  C  C   . ASN A 1 74  ? 8.880   -10.963 -4.668  1.00 15.18 ? 73   ASN A C   1 
ATOM   560  O  O   . ASN A 1 74  ? 7.980   -11.560 -5.283  1.00 14.40 ? 73   ASN A O   1 
ATOM   561  C  CB  . ASN A 1 74  ? 9.943   -13.253 -4.270  1.00 16.26 ? 73   ASN A CB  1 
ATOM   562  C  CG  . ASN A 1 74  ? 11.239  -14.034 -4.011  1.00 20.04 ? 73   ASN A CG  1 
ATOM   563  O  OD1 . ASN A 1 74  ? 12.348  -13.608 -4.372  1.00 23.30 ? 73   ASN A OD1 1 
ATOM   564  N  ND2 . ASN A 1 74  ? 11.096  -15.198 -3.381  1.00 24.17 ? 73   ASN A ND2 1 
ATOM   565  N  N   . VAL A 1 75  ? 8.829   -9.657  -4.385  1.00 14.03 ? 74   VAL A N   1 
ATOM   566  C  CA  . VAL A 1 75  ? 7.744   -8.785  -4.840  1.00 14.62 ? 74   VAL A CA  1 
ATOM   567  C  C   . VAL A 1 75  ? 8.355   -7.789  -5.833  1.00 15.19 ? 74   VAL A C   1 
ATOM   568  O  O   . VAL A 1 75  ? 9.312   -7.071  -5.501  1.00 15.65 ? 74   VAL A O   1 
ATOM   569  C  CB  . VAL A 1 75  ? 7.023   -8.049  -3.647  1.00 14.34 ? 74   VAL A CB  1 
ATOM   570  C  CG1 . VAL A 1 75  ? 6.076   -6.965  -4.143  1.00 14.24 ? 74   VAL A CG1 1 
ATOM   571  C  CG2 . VAL A 1 75  ? 6.276   -9.047  -2.738  1.00 13.82 ? 74   VAL A CG2 1 
ATOM   572  N  N   . GLY A 1 76  ? 7.814   -7.743  -7.048  1.00 15.31 ? 75   GLY A N   1 
ATOM   573  C  CA  . GLY A 1 76  ? 8.430   -6.921  -8.089  1.00 15.46 ? 75   GLY A CA  1 
ATOM   574  C  C   . GLY A 1 76  ? 7.504   -6.048  -8.915  1.00 15.49 ? 75   GLY A C   1 
ATOM   575  O  O   . GLY A 1 76  ? 6.456   -5.602  -8.450  1.00 14.16 ? 75   GLY A O   1 
ATOM   576  N  N   . SER A 1 77  ? 7.909   -5.805  -10.157 1.00 16.14 ? 76   SER A N   1 
ATOM   577  C  CA  . SER A 1 77  ? 7.224   -4.832  -11.024 1.00 16.96 ? 76   SER A CA  1 
ATOM   578  C  C   . SER A 1 77  ? 5.750   -5.128  -11.207 1.00 16.77 ? 76   SER A C   1 
ATOM   579  O  O   . SER A 1 77  ? 4.925   -4.220  -11.080 1.00 17.57 ? 76   SER A O   1 
ATOM   580  C  CB  . SER A 1 77  ? 7.923   -4.714  -12.386 1.00 17.16 ? 76   SER A CB  1 
ATOM   581  O  OG  . SER A 1 77  ? 9.212   -4.131  -12.224 1.00 21.23 ? 76   SER A OG  1 
ATOM   582  N  N   . ALA A 1 78  ? 5.408   -6.380  -11.504 1.00 16.65 ? 77   ALA A N   1 
ATOM   583  C  CA  . ALA A 1 78  ? 4.007   -6.720  -11.785 1.00 16.62 ? 77   ALA A CA  1 
ATOM   584  C  C   . ALA A 1 78  ? 3.094   -6.375  -10.614 1.00 16.13 ? 77   ALA A C   1 
ATOM   585  O  O   . ALA A 1 78  ? 1.999   -5.826  -10.802 1.00 15.66 ? 77   ALA A O   1 
ATOM   586  C  CB  . ALA A 1 78  ? 3.870   -8.181  -12.149 1.00 17.14 ? 77   ALA A CB  1 
ATOM   587  N  N   . GLU A 1 79  ? 3.545   -6.709  -9.404  1.00 15.45 ? 78   GLU A N   1 
ATOM   588  C  CA  . GLU A 1 79  ? 2.754   -6.446  -8.202  1.00 14.33 ? 78   GLU A CA  1 
ATOM   589  C  C   . GLU A 1 79  ? 2.530   -4.934  -8.014  1.00 13.98 ? 78   GLU A C   1 
ATOM   590  O  O   . GLU A 1 79  ? 1.409   -4.498  -7.683  1.00 12.30 ? 78   GLU A O   1 
ATOM   591  C  CB  . GLU A 1 79  ? 3.437   -7.068  -6.965  1.00 14.98 ? 78   GLU A CB  1 
ATOM   592  C  CG  . GLU A 1 79  ? 3.445   -8.634  -6.920  1.00 16.51 ? 78   GLU A CG  1 
ATOM   593  C  CD  . GLU A 1 79  ? 4.666   -9.308  -7.567  1.00 19.42 ? 78   GLU A CD  1 
ATOM   594  O  OE1 . GLU A 1 79  ? 5.373   -8.689  -8.388  1.00 20.59 ? 78   GLU A OE1 1 
ATOM   595  O  OE2 . GLU A 1 79  ? 4.924   -10.496 -7.264  1.00 22.11 ? 78   GLU A OE2 1 
ATOM   596  N  N   . PHE A 1 80  ? 3.580   -4.130  -8.223  1.00 13.04 ? 79   PHE A N   1 
ATOM   597  C  CA  . PHE A 1 80  ? 3.439   -2.672  -8.062  1.00 13.32 ? 79   PHE A CA  1 
ATOM   598  C  C   . PHE A 1 80  ? 2.581   -1.985  -9.145  1.00 13.73 ? 79   PHE A C   1 
ATOM   599  O  O   . PHE A 1 80  ? 1.976   -0.948  -8.880  1.00 13.26 ? 79   PHE A O   1 
ATOM   600  C  CB  . PHE A 1 80  ? 4.796   -1.971  -7.845  1.00 13.21 ? 79   PHE A CB  1 
ATOM   601  C  CG  . PHE A 1 80  ? 5.231   -1.977  -6.400  1.00 13.92 ? 79   PHE A CG  1 
ATOM   602  C  CD1 . PHE A 1 80  ? 5.916   -3.075  -5.871  1.00 13.62 ? 79   PHE A CD1 1 
ATOM   603  C  CD2 . PHE A 1 80  ? 4.883   -0.931  -5.549  1.00 12.68 ? 79   PHE A CD2 1 
ATOM   604  C  CE1 . PHE A 1 80  ? 6.291   -3.108  -4.496  1.00 14.19 ? 79   PHE A CE1 1 
ATOM   605  C  CE2 . PHE A 1 80  ? 5.259   -0.955  -4.174  1.00 12.53 ? 79   PHE A CE2 1 
ATOM   606  C  CZ  . PHE A 1 80  ? 5.963   -2.038  -3.661  1.00 11.77 ? 79   PHE A CZ  1 
ATOM   607  N  N   . HIS A 1 81  ? 2.525   -2.564  -10.349 1.00 14.61 ? 80   HIS A N   1 
ATOM   608  C  CA  . HIS A 1 81  ? 1.621   -2.049  -11.388 1.00 15.43 ? 80   HIS A CA  1 
ATOM   609  C  C   . HIS A 1 81  ? 0.174   -2.185  -10.894 1.00 14.99 ? 80   HIS A C   1 
ATOM   610  O  O   . HIS A 1 81  ? -0.630  -1.240  -11.008 1.00 14.28 ? 80   HIS A O   1 
ATOM   611  C  CB  . HIS A 1 81  ? 1.819   -2.786  -12.733 1.00 16.66 ? 80   HIS A CB  1 
ATOM   612  C  CG  . HIS A 1 81  ? 3.079   -2.410  -13.454 1.00 19.88 ? 80   HIS A CG  1 
ATOM   613  N  ND1 . HIS A 1 81  ? 3.419   -1.100  -13.733 1.00 25.78 ? 80   HIS A ND1 1 
ATOM   614  C  CD2 . HIS A 1 81  ? 4.071   -3.173  -13.978 1.00 24.12 ? 80   HIS A CD2 1 
ATOM   615  C  CE1 . HIS A 1 81  ? 4.572   -1.073  -14.381 1.00 24.86 ? 80   HIS A CE1 1 
ATOM   616  N  NE2 . HIS A 1 81  ? 4.991   -2.317  -14.540 1.00 23.72 ? 80   HIS A NE2 1 
ATOM   617  N  N   . ASN A 1 82  ? -0.124  -3.347  -10.306 1.00 13.39 ? 81   ASN A N   1 
ATOM   618  C  CA  . ASN A 1 82  ? -1.429  -3.610  -9.698  1.00 13.30 ? 81   ASN A CA  1 
ATOM   619  C  C   . ASN A 1 82  ? -1.755  -2.636  -8.543  1.00 12.81 ? 81   ASN A C   1 
ATOM   620  O  O   . ASN A 1 82  ? -2.880  -2.141  -8.436  1.00 11.56 ? 81   ASN A O   1 
ATOM   621  C  CB  . ASN A 1 82  ? -1.516  -5.077  -9.234  1.00 13.04 ? 81   ASN A CB  1 
ATOM   622  C  CG  . ASN A 1 82  ? -1.684  -6.048  -10.383 1.00 14.96 ? 81   ASN A CG  1 
ATOM   623  O  OD1 . ASN A 1 82  ? -1.249  -7.221  -10.324 1.00 15.46 ? 81   ASN A OD1 1 
ATOM   624  N  ND2 . ASN A 1 82  ? -2.322  -5.579  -11.438 1.00 13.19 ? 81   ASN A ND2 1 
ATOM   625  N  N   . ALA A 1 83  ? -0.758  -2.381  -7.690  1.00 12.41 ? 82   ALA A N   1 
ATOM   626  C  CA  . ALA A 1 83  ? -0.905  -1.492  -6.530  1.00 12.89 ? 82   ALA A CA  1 
ATOM   627  C  C   . ALA A 1 83  ? -1.219  -0.052  -6.943  1.00 12.86 ? 82   ALA A C   1 
ATOM   628  O  O   . ALA A 1 83  ? -2.040  0.610   -6.324  1.00 12.47 ? 82   ALA A O   1 
ATOM   629  C  CB  . ALA A 1 83  ? 0.387   -1.529  -5.642  1.00 13.19 ? 82   ALA A CB  1 
ATOM   630  N  N   . LYS A 1 84  ? -0.547  0.426   -7.982  1.00 13.21 ? 83   LYS A N   1 
ATOM   631  C  CA  . LYS A 1 84  ? -0.776  1.781   -8.492  1.00 13.27 ? 83   LYS A CA  1 
ATOM   632  C  C   . LYS A 1 84  ? -2.254  2.023   -8.813  1.00 12.62 ? 83   LYS A C   1 
ATOM   633  O  O   . LYS A 1 84  ? -2.811  3.061   -8.441  1.00 11.96 ? 83   LYS A O   1 
ATOM   634  C  CB  . LYS A 1 84  ? 0.104   2.057   -9.715  1.00 14.00 ? 83   LYS A CB  1 
ATOM   635  C  CG  . LYS A 1 84  ? 0.072   3.528   -10.166 1.00 17.05 ? 83   LYS A CG  1 
ATOM   636  C  CD  . LYS A 1 84  ? 1.209   3.845   -11.134 1.00 21.44 ? 83   LYS A CD  1 
ATOM   637  C  CE  . LYS A 1 84  ? 1.117   5.296   -11.592 1.00 23.36 ? 83   LYS A CE  1 
ATOM   638  N  NZ  . LYS A 1 84  ? 2.047   5.554   -12.721 1.00 24.94 ? 83   LYS A NZ  1 
ATOM   639  N  N   . ALA A 1 85  ? -2.875  1.050   -9.486  1.00 12.43 ? 84   ALA A N   1 
ATOM   640  C  CA  . ALA A 1 85  ? -4.301  1.101   -9.864  1.00 11.77 ? 84   ALA A CA  1 
ATOM   641  C  C   . ALA A 1 85  ? -5.221  1.109   -8.661  1.00 11.45 ? 84   ALA A C   1 
ATOM   642  O  O   . ALA A 1 85  ? -6.182  1.886   -8.604  1.00 11.66 ? 84   ALA A O   1 
ATOM   643  C  CB  . ALA A 1 85  ? -4.653  -0.093  -10.796 1.00 11.76 ? 84   ALA A CB  1 
ATOM   644  N  N   . CYS A 1 86  ? -4.936  0.239   -7.694  1.00 11.48 ? 85   CYS A N   1 
ATOM   645  C  CA  . CYS A 1 86  ? -5.746  0.141   -6.485  1.00 11.83 ? 85   CYS A CA  1 
ATOM   646  C  C   . CYS A 1 86  ? -5.693  1.420   -5.622  1.00 11.77 ? 85   CYS A C   1 
ATOM   647  O  O   . CYS A 1 86  ? -6.700  1.849   -5.051  1.00 10.80 ? 85   CYS A O   1 
ATOM   648  C  CB  . CYS A 1 86  ? -5.327  -1.082  -5.686  1.00 12.16 ? 85   CYS A CB  1 
ATOM   649  S  SG  . CYS A 1 86  ? -5.736  -2.668  -6.526  1.00 17.31 ? 85   CYS A SG  1 
ATOM   650  N  N   . LEU A 1 87  ? -4.515  2.028   -5.545  1.00 11.32 ? 86   LEU A N   1 
ATOM   651  C  CA  . LEU A 1 87  ? -4.343  3.251   -4.753  1.00 11.88 ? 86   LEU A CA  1 
ATOM   652  C  C   . LEU A 1 87  ? -4.992  4.482   -5.419  1.00 12.61 ? 86   LEU A C   1 
ATOM   653  O  O   . LEU A 1 87  ? -5.515  5.360   -4.731  1.00 12.71 ? 86   LEU A O   1 
ATOM   654  C  CB  . LEU A 1 87  ? -2.852  3.476   -4.456  1.00 11.59 ? 86   LEU A CB  1 
ATOM   655  C  CG  . LEU A 1 87  ? -2.400  4.634   -3.565  1.00 11.47 ? 86   LEU A CG  1 
ATOM   656  C  CD1 . LEU A 1 87  ? -2.935  4.519   -2.147  1.00 12.02 ? 86   LEU A CD1 1 
ATOM   657  C  CD2 . LEU A 1 87  ? -0.856  4.704   -3.562  1.00 10.17 ? 86   LEU A CD2 1 
ATOM   658  N  N   . ALA A 1 88  ? -4.965  4.543   -6.747  1.00 12.89 ? 87   ALA A N   1 
ATOM   659  C  CA  . ALA A 1 88  ? -5.715  5.583   -7.473  1.00 13.77 ? 87   ALA A CA  1 
ATOM   660  C  C   . ALA A 1 88  ? -7.238  5.528   -7.192  1.00 14.48 ? 87   ALA A C   1 
ATOM   661  O  O   . ALA A 1 88  ? -7.889  6.571   -6.970  1.00 14.36 ? 87   ALA A O   1 
ATOM   662  C  CB  . ALA A 1 88  ? -5.418  5.511   -8.967  1.00 13.66 ? 87   ALA A CB  1 
ATOM   663  N  N   . LYS A 1 89  ? -7.793  4.318   -7.155  1.00 14.10 ? 88   LYS A N   1 
ATOM   664  C  CA  . LYS A 1 89  ? -9.210  4.127   -6.823  1.00 15.02 ? 88   LYS A CA  1 
ATOM   665  C  C   . LYS A 1 89  ? -9.528  4.581   -5.390  1.00 14.21 ? 88   LYS A C   1 
ATOM   666  O  O   . LYS A 1 89  ? -10.520 5.263   -5.154  1.00 13.64 ? 88   LYS A O   1 
ATOM   667  C  CB  . LYS A 1 89  ? -9.604  2.654   -7.035  1.00 15.04 ? 88   LYS A CB  1 
ATOM   668  C  CG  . LYS A 1 89  ? -11.101 2.368   -6.910  1.00 18.96 ? 88   LYS A CG  1 
ATOM   669  C  CD  . LYS A 1 89  ? -11.411 0.951   -7.384  1.00 23.87 ? 88   LYS A CD  1 
ATOM   670  C  CE  . LYS A 1 89  ? -12.898 0.614   -7.228  1.00 26.51 ? 88   LYS A CE  1 
ATOM   671  N  NZ  . LYS A 1 89  ? -13.141 -0.839  -7.476  1.00 29.52 ? 88   LYS A NZ  1 
ATOM   672  N  N   . ALA A 1 90  ? -8.673  4.206   -4.437  1.00 13.95 ? 89   ALA A N   1 
ATOM   673  C  CA  . ALA A 1 90  ? -8.844  4.622   -3.035  1.00 14.05 ? 89   ALA A CA  1 
ATOM   674  C  C   . ALA A 1 90  ? -8.782  6.158   -2.810  1.00 14.32 ? 89   ALA A C   1 
ATOM   675  O  O   . ALA A 1 90  ? -9.601  6.721   -2.073  1.00 14.96 ? 89   ALA A O   1 
ATOM   676  C  CB  . ALA A 1 90  ? -7.837  3.878   -2.129  1.00 13.23 ? 89   ALA A CB  1 
ATOM   677  N  N   . CYS A 1 91  ? -7.821  6.830   -3.448  1.00 14.80 ? 90   CYS A N   1 
ATOM   678  C  CA  . CYS A 1 91  ? -7.719  8.305   -3.406  1.00 15.39 ? 90   CYS A CA  1 
ATOM   679  C  C   . CYS A 1 91  ? -8.962  9.024   -3.962  1.00 16.68 ? 90   CYS A C   1 
ATOM   680  O  O   . CYS A 1 91  ? -9.483  9.971   -3.341  1.00 16.58 ? 90   CYS A O   1 
ATOM   681  C  CB  . CYS A 1 91  ? -6.465  8.764   -4.158  1.00 14.73 ? 90   CYS A CB  1 
ATOM   682  S  SG  . CYS A 1 91  ? -4.913  8.316   -3.326  1.00 14.79 ? 90   CYS A SG  1 
ATOM   683  N  N   . SER A 1 92  ? -9.421  8.568   -5.126  1.00 17.60 ? 91   SER A N   1 
ATOM   684  C  CA  . SER A 1 92  ? -10.663 9.071   -5.731  1.00 18.77 ? 91   SER A CA  1 
ATOM   685  C  C   . SER A 1 92  ? -11.853 8.933   -4.781  1.00 18.84 ? 91   SER A C   1 
ATOM   686  O  O   . SER A 1 92  ? -12.626 9.887   -4.594  1.00 18.69 ? 91   SER A O   1 
ATOM   687  C  CB  . SER A 1 92  ? -10.961 8.357   -7.057  1.00 18.57 ? 91   SER A CB  1 
ATOM   688  O  OG  . SER A 1 92  ? -12.255 8.727   -7.520  1.00 20.90 ? 91   SER A OG  1 
ATOM   689  N  N   . ALA A 1 93  ? -11.989 7.758   -4.163  1.00 19.54 ? 92   ALA A N   1 
ATOM   690  C  CA  . ALA A 1 93  ? -13.093 7.508   -3.238  1.00 20.34 ? 92   ALA A CA  1 
ATOM   691  C  C   . ALA A 1 93  ? -13.200 8.595   -2.166  1.00 20.82 ? 92   ALA A C   1 
ATOM   692  O  O   . ALA A 1 93  ? -14.305 8.984   -1.769  1.00 21.52 ? 92   ALA A O   1 
ATOM   693  C  CB  . ALA A 1 93  ? -12.961 6.137   -2.592  1.00 20.27 ? 92   ALA A CB  1 
ATOM   694  N  N   . HIS A 1 94  ? -12.051 9.090   -1.712  1.00 20.43 ? 93   HIS A N   1 
ATOM   695  C  CA  . HIS A 1 94  ? -12.002 10.019  -0.582  1.00 20.90 ? 93   HIS A CA  1 
ATOM   696  C  C   . HIS A 1 94  ? -11.723 11.472  -0.943  1.00 20.52 ? 93   HIS A C   1 
ATOM   697  O  O   . HIS A 1 94  ? -11.586 12.315  -0.046  1.00 21.64 ? 93   HIS A O   1 
ATOM   698  C  CB  . HIS A 1 94  ? -10.983 9.520   0.450   1.00 20.81 ? 93   HIS A CB  1 
ATOM   699  C  CG  . HIS A 1 94  ? -11.396 8.250   1.106   1.00 21.75 ? 93   HIS A CG  1 
ATOM   700  N  ND1 . HIS A 1 94  ? -12.094 8.221   2.293   1.00 24.19 ? 93   HIS A ND1 1 
ATOM   701  C  CD2 . HIS A 1 94  ? -11.259 6.962   0.718   1.00 22.64 ? 93   HIS A CD2 1 
ATOM   702  C  CE1 . HIS A 1 94  ? -12.356 6.967   2.618   1.00 23.66 ? 93   HIS A CE1 1 
ATOM   703  N  NE2 . HIS A 1 94  ? -11.858 6.183   1.679   1.00 22.42 ? 93   HIS A NE2 1 
ATOM   704  N  N   . GLY A 1 95  ? -11.635 11.767  -2.240  1.00 20.09 ? 94   GLY A N   1 
ATOM   705  C  CA  . GLY A 1 95  ? -11.275 13.107  -2.710  1.00 18.99 ? 94   GLY A CA  1 
ATOM   706  C  C   . GLY A 1 95  ? -9.897  13.541  -2.255  1.00 18.18 ? 94   GLY A C   1 
ATOM   707  O  O   . GLY A 1 95  ? -9.658  14.732  -1.997  1.00 18.53 ? 94   GLY A O   1 
ATOM   708  N  N   . ALA A 1 96  ? -8.993  12.573  -2.146  1.00 17.07 ? 95   ALA A N   1 
ATOM   709  C  CA  . ALA A 1 96  ? -7.622  12.822  -1.703  1.00 16.14 ? 95   ALA A CA  1 
ATOM   710  C  C   . ALA A 1 96  ? -6.694  12.981  -2.911  1.00 15.72 ? 95   ALA A C   1 
ATOM   711  O  O   . ALA A 1 96  ? -7.038  12.540  -4.015  1.00 15.60 ? 95   ALA A O   1 
ATOM   712  C  CB  . ALA A 1 96  ? -7.152  11.669  -0.786  1.00 16.48 ? 95   ALA A CB  1 
ATOM   713  N  N   . PRO A 1 97  ? -5.531  13.645  -2.736  1.00 15.33 ? 96   PRO A N   1 
ATOM   714  C  CA  . PRO A 1 97  ? -4.585  13.774  -3.866  1.00 15.16 ? 96   PRO A CA  1 
ATOM   715  C  C   . PRO A 1 97  ? -4.030  12.453  -4.453  1.00 15.10 ? 96   PRO A C   1 
ATOM   716  O  O   . PRO A 1 97  ? -3.766  11.481  -3.719  1.00 14.81 ? 96   PRO A O   1 
ATOM   717  C  CB  . PRO A 1 97  ? -3.435  14.602  -3.274  1.00 15.00 ? 96   PRO A CB  1 
ATOM   718  C  CG  . PRO A 1 97  ? -4.047  15.375  -2.165  1.00 15.58 ? 96   PRO A CG  1 
ATOM   719  C  CD  . PRO A 1 97  ? -5.166  14.522  -1.602  1.00 15.40 ? 96   PRO A CD  1 
ATOM   720  N  N   . ASP A 1 98  ? -3.852  12.424  -5.772  1.00 14.95 ? 97   ASP A N   1 
ATOM   721  C  CA  . ASP A 1 98  ? -3.237  11.291  -6.454  1.00 16.08 ? 97   ASP A CA  1 
ATOM   722  C  C   . ASP A 1 98  ? -1.774  11.040  -6.020  1.00 16.29 ? 97   ASP A C   1 
ATOM   723  O  O   . ASP A 1 98  ? -0.995  11.989  -5.834  1.00 16.22 ? 97   ASP A O   1 
ATOM   724  C  CB  . ASP A 1 98  ? -3.306  11.490  -7.977  1.00 17.40 ? 97   ASP A CB  1 
ATOM   725  C  CG  . ASP A 1 98  ? -2.779  10.281  -8.744  1.00 20.14 ? 97   ASP A CG  1 
ATOM   726  O  OD1 . ASP A 1 98  ? -3.534  9.297   -8.922  1.00 26.96 ? 97   ASP A OD1 1 
ATOM   727  O  OD2 . ASP A 1 98  ? -1.602  10.309  -9.144  1.00 24.60 ? 97   ASP A OD2 1 
ATOM   728  N  N   . LEU A 1 99  ? -1.415  9.762   -5.866  1.00 15.87 ? 98   LEU A N   1 
ATOM   729  C  CA  . LEU A 1 99  ? -0.082  9.348   -5.399  1.00 16.11 ? 98   LEU A CA  1 
ATOM   730  C  C   . LEU A 1 99  ? 0.758   8.605   -6.446  1.00 16.48 ? 98   LEU A C   1 
ATOM   731  O  O   . LEU A 1 99  ? 1.776   7.980   -6.106  1.00 16.26 ? 98   LEU A O   1 
ATOM   732  C  CB  . LEU A 1 99  ? -0.212  8.481   -4.124  1.00 15.86 ? 98   LEU A CB  1 
ATOM   733  C  CG  . LEU A 1 99  ? -0.632  9.194   -2.830  1.00 15.49 ? 98   LEU A CG  1 
ATOM   734  C  CD1 . LEU A 1 99  ? -1.174  8.210   -1.815  1.00 12.54 ? 98   LEU A CD1 1 
ATOM   735  C  CD2 . LEU A 1 99  ? 0.551   10.000  -2.234  1.00 16.91 ? 98   LEU A CD2 1 
ATOM   736  N  N   . GLY A 1 100 ? 0.343   8.677   -7.716  1.00 16.54 ? 99   GLY A N   1 
ATOM   737  C  CA  . GLY A 1 100 ? 1.046   8.005   -8.816  1.00 17.08 ? 99   GLY A CA  1 
ATOM   738  C  C   . GLY A 1 100 ? 2.543   8.297   -8.943  1.00 18.04 ? 99   GLY A C   1 
ATOM   739  O  O   . GLY A 1 100 ? 3.332   7.389   -9.249  1.00 17.79 ? 99   GLY A O   1 
ATOM   740  N  N   . HIS A 1 101 ? 2.952   9.544   -8.707  1.00 17.95 ? 100  HIS A N   1 
ATOM   741  C  CA  . HIS A 1 101 ? 4.379   9.879   -8.806  1.00 19.17 ? 100  HIS A CA  1 
ATOM   742  C  C   . HIS A 1 101 ? 5.201   9.146   -7.748  1.00 18.46 ? 100  HIS A C   1 
ATOM   743  O  O   . HIS A 1 101 ? 6.283   8.645   -8.042  1.00 18.75 ? 100  HIS A O   1 
ATOM   744  C  CB  . HIS A 1 101 ? 4.600   11.387  -8.742  1.00 20.36 ? 100  HIS A CB  1 
ATOM   745  C  CG  . HIS A 1 101 ? 4.276   12.085  -10.029 1.00 24.73 ? 100  HIS A CG  1 
ATOM   746  N  ND1 . HIS A 1 101 ? 3.002   12.500  -10.348 1.00 27.32 ? 100  HIS A ND1 1 
ATOM   747  C  CD2 . HIS A 1 101 ? 5.057   12.406  -11.090 1.00 27.94 ? 100  HIS A CD2 1 
ATOM   748  C  CE1 . HIS A 1 101 ? 3.013   13.062  -11.545 1.00 29.05 ? 100  HIS A CE1 1 
ATOM   749  N  NE2 . HIS A 1 101 ? 4.247   13.015  -12.018 1.00 28.54 ? 100  HIS A NE2 1 
ATOM   750  N  N   . ALA A 1 102 ? 4.666   9.050   -6.530  1.00 17.66 ? 101  ALA A N   1 
ATOM   751  C  CA  . ALA A 1 102 ? 5.334   8.274   -5.469  1.00 17.29 ? 101  ALA A CA  1 
ATOM   752  C  C   . ALA A 1 102 ? 5.535   6.801   -5.865  1.00 16.68 ? 101  ALA A C   1 
ATOM   753  O  O   . ALA A 1 102 ? 6.622   6.232   -5.656  1.00 15.99 ? 101  ALA A O   1 
ATOM   754  C  CB  . ALA A 1 102 ? 4.570   8.386   -4.142  1.00 17.23 ? 101  ALA A CB  1 
ATOM   755  N  N   . ILE A 1 103 ? 4.501   6.192   -6.448  1.00 16.03 ? 102  ILE A N   1 
ATOM   756  C  CA  . ILE A 1 103 ? 4.595   4.796   -6.894  1.00 16.37 ? 102  ILE A CA  1 
ATOM   757  C  C   . ILE A 1 103 ? 5.596   4.612   -8.049  1.00 16.67 ? 102  ILE A C   1 
ATOM   758  O  O   . ILE A 1 103 ? 6.333   3.628   -8.097  1.00 15.91 ? 102  ILE A O   1 
ATOM   759  C  CB  . ILE A 1 103 ? 3.196   4.209   -7.279  1.00 16.35 ? 102  ILE A CB  1 
ATOM   760  C  CG1 . ILE A 1 103 ? 2.192   4.341   -6.114  1.00 16.36 ? 102  ILE A CG1 1 
ATOM   761  C  CG2 . ILE A 1 103 ? 3.328   2.753   -7.754  1.00 17.09 ? 102  ILE A CG2 1 
ATOM   762  C  CD1 . ILE A 1 103 ? 2.719   3.832   -4.738  1.00 18.03 ? 102  ILE A CD1 1 
ATOM   763  N  N   . ASP A 1 104 ? 5.620   5.555   -8.987  1.00 17.61 ? 103  ASP A N   1 
ATOM   764  C  CA  . ASP A 1 104 ? 6.593   5.498   -10.081 1.00 18.11 ? 103  ASP A CA  1 
ATOM   765  C  C   . ASP A 1 104 ? 8.043   5.532   -9.596  1.00 17.89 ? 103  ASP A C   1 
ATOM   766  O  O   . ASP A 1 104 ? 8.912   4.909   -10.206 1.00 17.18 ? 103  ASP A O   1 
ATOM   767  C  CB  . ASP A 1 104 ? 6.357   6.631   -11.086 1.00 18.79 ? 103  ASP A CB  1 
ATOM   768  C  CG  . ASP A 1 104 ? 5.140   6.387   -11.985 1.00 21.06 ? 103  ASP A CG  1 
ATOM   769  O  OD1 . ASP A 1 104 ? 4.619   5.247   -12.032 1.00 23.94 ? 103  ASP A OD1 1 
ATOM   770  O  OD2 . ASP A 1 104 ? 4.706   7.347   -12.660 1.00 23.77 ? 103  ASP A OD2 1 
ATOM   771  N  N   . ASP A 1 105 ? 8.300   6.258   -8.510  1.00 17.86 ? 104  ASP A N   1 
ATOM   772  C  CA  . ASP A 1 105 ? 9.638   6.313   -7.925  1.00 17.87 ? 104  ASP A CA  1 
ATOM   773  C  C   . ASP A 1 105 ? 10.081  4.920   -7.439  1.00 17.33 ? 104  ASP A C   1 
ATOM   774  O  O   . ASP A 1 105 ? 11.210  4.503   -7.698  1.00 17.36 ? 104  ASP A O   1 
ATOM   775  C  CB  . ASP A 1 105 ? 9.714   7.358   -6.808  1.00 18.48 ? 104  ASP A CB  1 
ATOM   776  C  CG  . ASP A 1 105 ? 9.646   8.800   -7.336  1.00 22.73 ? 104  ASP A CG  1 
ATOM   777  O  OD1 . ASP A 1 105 ? 10.285  9.100   -8.378  1.00 28.17 ? 104  ASP A OD1 1 
ATOM   778  O  OD2 . ASP A 1 105 ? 8.958   9.639   -6.714  1.00 25.70 ? 104  ASP A OD2 1 
ATOM   779  N  N   . ILE A 1 106 ? 9.180   4.179   -6.791  1.00 16.83 ? 105  ILE A N   1 
ATOM   780  C  CA  . ILE A 1 106 ? 9.473   2.783   -6.399  1.00 16.32 ? 105  ILE A CA  1 
ATOM   781  C  C   . ILE A 1 106 ? 9.719   1.888   -7.628  1.00 16.84 ? 105  ILE A C   1 
ATOM   782  O  O   . ILE A 1 106 ? 10.710  1.145   -7.689  1.00 17.03 ? 105  ILE A O   1 
ATOM   783  C  CB  . ILE A 1 106 ? 8.369   2.166   -5.478  1.00 16.03 ? 105  ILE A CB  1 
ATOM   784  C  CG1 . ILE A 1 106 ? 8.120   3.040   -4.242  1.00 14.22 ? 105  ILE A CG1 1 
ATOM   785  C  CG2 . ILE A 1 106 ? 8.771   0.730   -5.060  1.00 17.32 ? 105  ILE A CG2 1 
ATOM   786  C  CD1 . ILE A 1 106 ? 6.752   2.838   -3.557  1.00 13.11 ? 105  ILE A CD1 1 
ATOM   787  N  N   . LEU A 1 107 ? 8.837   1.980   -8.621  1.00 17.44 ? 106  LEU A N   1 
ATOM   788  C  CA  . LEU A 1 107 ? 8.980   1.197   -9.844  1.00 18.67 ? 106  LEU A CA  1 
ATOM   789  C  C   . LEU A 1 107 ? 10.323  1.434   -10.578 1.00 19.66 ? 106  LEU A C   1 
ATOM   790  O  O   . LEU A 1 107 ? 10.862  0.508   -11.193 1.00 20.04 ? 106  LEU A O   1 
ATOM   791  C  CB  . LEU A 1 107 ? 7.780   1.409   -10.775 1.00 18.21 ? 106  LEU A CB  1 
ATOM   792  C  CG  . LEU A 1 107 ? 6.469   0.657   -10.486 1.00 18.76 ? 106  LEU A CG  1 
ATOM   793  C  CD1 . LEU A 1 107 ? 5.287   1.351   -11.172 1.00 18.64 ? 106  LEU A CD1 1 
ATOM   794  C  CD2 . LEU A 1 107 ? 6.527   -0.823  -10.877 1.00 18.44 ? 106  LEU A CD2 1 
ATOM   795  N  N   . SER A 1 108 ? 10.872  2.645   -10.488 1.00 20.43 ? 107  SER A N   1 
ATOM   796  C  CA  . SER A 1 108 ? 12.160  2.948   -11.128 1.00 21.82 ? 107  SER A CA  1 
ATOM   797  C  C   . SER A 1 108 ? 13.334  2.160   -10.519 1.00 22.35 ? 107  SER A C   1 
ATOM   798  O  O   . SER A 1 108 ? 14.422  2.084   -11.101 1.00 22.29 ? 107  SER A O   1 
ATOM   799  C  CB  . SER A 1 108 ? 12.452  4.454   -11.100 1.00 21.82 ? 107  SER A CB  1 
ATOM   800  O  OG  . SER A 1 108 ? 12.932  4.886   -9.835  1.00 23.94 ? 107  SER A OG  1 
ATOM   801  N  N   . HIS A 1 109 ? 13.117  1.582   -9.342  1.00 22.78 ? 108  HIS A N   1 
ATOM   802  C  CA  . HIS A 1 109 ? 14.159  0.781   -8.696  1.00 23.91 ? 108  HIS A CA  1 
ATOM   803  C  C   . HIS A 1 109 ? 13.874  -0.712  -8.749  1.00 24.12 ? 108  HIS A C   1 
ATOM   804  O  O   . HIS A 1 109 ? 14.639  -1.506  -8.207  1.00 24.45 ? 108  HIS A O   1 
ATOM   805  C  CB  . HIS A 1 109 ? 14.373  1.229   -7.251  1.00 23.47 ? 108  HIS A CB  1 
ATOM   806  C  CG  . HIS A 1 109 ? 14.968  2.594   -7.127  1.00 24.57 ? 108  HIS A CG  1 
ATOM   807  N  ND1 . HIS A 1 109 ? 14.244  3.687   -6.700  1.00 25.43 ? 108  HIS A ND1 1 
ATOM   808  C  CD2 . HIS A 1 109 ? 16.216  3.045   -7.382  1.00 25.18 ? 108  HIS A CD2 1 
ATOM   809  C  CE1 . HIS A 1 109 ? 15.027  4.751   -6.684  1.00 25.96 ? 108  HIS A CE1 1 
ATOM   810  N  NE2 . HIS A 1 109 ? 16.228  4.390   -7.102  1.00 26.93 ? 108  HIS A NE2 1 
ATOM   811  N  N   . LEU A 1 110 ? 12.768  -1.080  -9.394  1.00 25.30 ? 109  LEU A N   1 
ATOM   812  C  CA  . LEU A 1 110 ? 12.387  -2.483  -9.576  1.00 26.24 ? 109  LEU A CA  1 
ATOM   813  C  C   . LEU A 1 110 ? 12.737  -2.982  -10.979 1.00 27.36 ? 109  LEU A C   1 
ATOM   814  O  O   . LEU A 1 110 ? 12.083  -3.855  -11.570 1.00 28.43 ? 109  LEU A O   1 
ATOM   815  C  CB  . LEU A 1 110 ? 10.901  -2.684  -9.268  1.00 25.85 ? 109  LEU A CB  1 
ATOM   816  C  CG  . LEU A 1 110 ? 10.485  -2.606  -7.794  1.00 25.58 ? 109  LEU A CG  1 
ATOM   817  C  CD1 . LEU A 1 110 ? 8.970   -2.648  -7.711  1.00 26.05 ? 109  LEU A CD1 1 
ATOM   818  C  CD2 . LEU A 1 110 ? 11.100  -3.707  -6.920  1.00 24.41 ? 109  LEU A CD2 1 
ATOM   819  O  OXT . LEU A 1 110 ? 13.716  -2.510  -11.565 1.00 28.22 ? 109  LEU A OXT 1 
HETATM 820  C  CHA . HEM B 2 .   ? 6.250   -4.141  3.645   1.00 12.06 ? 144  HEM A CHA 1 
HETATM 821  C  CHB . HEM B 2 .   ? 4.732   -0.024  1.542   1.00 9.50  ? 144  HEM A CHB 1 
HETATM 822  C  CHC . HEM B 2 .   ? 2.809   -2.729  -2.038  1.00 10.34 ? 144  HEM A CHC 1 
HETATM 823  C  CHD . HEM B 2 .   ? 4.228   -6.846  0.058   1.00 9.29  ? 144  HEM A CHD 1 
HETATM 824  C  C1A . HEM B 2 .   ? 6.008   -2.792  3.407   1.00 9.68  ? 144  HEM A C1A 1 
HETATM 825  C  C2A . HEM B 2 .   ? 6.453   -1.680  4.232   1.00 8.89  ? 144  HEM A C2A 1 
HETATM 826  C  C3A . HEM B 2 .   ? 6.031   -0.539  3.649   1.00 8.84  ? 144  HEM A C3A 1 
HETATM 827  C  C4A . HEM B 2 .   ? 5.315   -0.894  2.440   1.00 8.16  ? 144  HEM A C4A 1 
HETATM 828  C  CMA . HEM B 2 .   ? 6.203   0.916   4.147   1.00 10.21 ? 144  HEM A CMA 1 
HETATM 829  C  CAA . HEM B 2 .   ? 7.239   -1.833  5.559   1.00 10.77 ? 144  HEM A CAA 1 
HETATM 830  C  CBA . HEM B 2 .   ? 8.741   -1.878  5.238   1.00 13.23 ? 144  HEM A CBA 1 
HETATM 831  C  CGA . HEM B 2 .   ? 9.606   -1.906  6.489   1.00 16.31 ? 144  HEM A CGA 1 
HETATM 832  O  O1A . HEM B 2 .   ? 9.123   -2.321  7.576   1.00 18.96 ? 144  HEM A O1A 1 
HETATM 833  O  O2A . HEM B 2 .   ? 10.812  -1.546  6.410   1.00 16.22 ? 144  HEM A O2A 1 
HETATM 834  C  C1B . HEM B 2 .   ? 4.052   -0.374  0.386   1.00 10.41 ? 144  HEM A C1B 1 
HETATM 835  C  C2B . HEM B 2 .   ? 3.420   0.536   -0.569  1.00 10.66 ? 144  HEM A C2B 1 
HETATM 836  C  C3B . HEM B 2 .   ? 2.895   -0.227  -1.556  1.00 11.42 ? 144  HEM A C3B 1 
HETATM 837  C  C4B . HEM B 2 .   ? 3.185   -1.633  -1.262  1.00 10.50 ? 144  HEM A C4B 1 
HETATM 838  C  CMB . HEM B 2 .   ? 3.360   2.086   -0.455  1.00 11.54 ? 144  HEM A CMB 1 
HETATM 839  C  CAB . HEM B 2 .   ? 2.123   0.261   -2.817  1.00 11.18 ? 144  HEM A CAB 1 
HETATM 840  C  CBB . HEM B 2 .   ? 1.148   1.171   -2.738  1.00 16.53 ? 144  HEM A CBB 1 
HETATM 841  C  C1C . HEM B 2 .   ? 3.003   -4.078  -1.793  1.00 10.24 ? 144  HEM A C1C 1 
HETATM 842  C  C2C . HEM B 2 .   ? 2.523   -5.182  -2.617  1.00 10.20 ? 144  HEM A C2C 1 
HETATM 843  C  C3C . HEM B 2 .   ? 2.898   -6.321  -2.030  1.00 10.18 ? 144  HEM A C3C 1 
HETATM 844  C  C4C . HEM B 2 .   ? 3.651   -5.983  -0.835  1.00 8.43  ? 144  HEM A C4C 1 
HETATM 845  C  CMC . HEM B 2 .   ? 1.699   -5.025  -3.940  1.00 11.93 ? 144  HEM A CMC 1 
HETATM 846  C  CAC . HEM B 2 .   ? 2.624   -7.748  -2.577  1.00 13.84 ? 144  HEM A CAC 1 
HETATM 847  C  CBC . HEM B 2 .   ? 2.456   -8.815  -1.786  1.00 16.01 ? 144  HEM A CBC 1 
HETATM 848  C  C1D . HEM B 2 .   ? 4.871   -6.510  1.241   1.00 9.25  ? 144  HEM A C1D 1 
HETATM 849  C  C2D . HEM B 2 .   ? 5.352   -7.465  2.213   1.00 7.56  ? 144  HEM A C2D 1 
HETATM 850  C  C3D . HEM B 2 .   ? 5.985   -6.639  3.311   1.00 10.50 ? 144  HEM A C3D 1 
HETATM 851  C  C4D . HEM B 2 .   ? 5.810   -5.240  2.917   1.00 11.54 ? 144  HEM A C4D 1 
HETATM 852  C  CMD . HEM B 2 .   ? 5.263   -9.010  2.149   1.00 8.29  ? 144  HEM A CMD 1 
HETATM 853  C  CAD . HEM B 2 .   ? 6.635   -7.217  4.592   1.00 11.32 ? 144  HEM A CAD 1 
HETATM 854  C  CBD . HEM B 2 .   ? 5.513   -7.372  5.609   1.00 14.03 ? 144  HEM A CBD 1 
HETATM 855  C  CGD . HEM B 2 .   ? 6.023   -8.018  6.881   1.00 17.89 ? 144  HEM A CGD 1 
HETATM 856  O  O1D . HEM B 2 .   ? 5.384   -8.972  7.374   1.00 19.83 ? 144  HEM A O1D 1 
HETATM 857  O  O2D . HEM B 2 .   ? 7.068   -7.583  7.413   1.00 17.92 ? 144  HEM A O2D 1 
HETATM 858  N  NA  . HEM B 2 .   ? 5.368   -2.267  2.301   1.00 7.81  ? 144  HEM A NA  1 
HETATM 859  N  NB  . HEM B 2 .   ? 3.900   -1.672  -0.088  1.00 9.79  ? 144  HEM A NB  1 
HETATM 860  N  NC  . HEM B 2 .   ? 3.694   -4.610  -0.713  1.00 9.22  ? 144  HEM A NC  1 
HETATM 861  N  ND  . HEM B 2 .   ? 5.164   -5.211  1.674   1.00 9.58  ? 144  HEM A ND  1 
HETATM 862  FE FE  . HEM B 2 .   ? 4.586   -3.446  0.746   1.00 9.62  ? 144  HEM A FE  1 
HETATM 863  C  C1  . GOL C 3 .   ? -4.370  9.880   8.460   1.00 39.57 ? 1111 GOL A C1  1 
HETATM 864  O  O1  . GOL C 3 .   ? -5.734  10.140  8.672   1.00 39.38 ? 1111 GOL A O1  1 
HETATM 865  C  C2  . GOL C 3 .   ? -3.496  11.118  8.646   1.00 40.34 ? 1111 GOL A C2  1 
HETATM 866  O  O2  . GOL C 3 .   ? -4.174  12.345  8.422   1.00 41.07 ? 1111 GOL A O2  1 
HETATM 867  C  C3  . GOL C 3 .   ? -2.308  10.962  7.722   1.00 38.08 ? 1111 GOL A C3  1 
HETATM 868  O  O3  . GOL C 3 .   ? -1.236  10.531  8.510   1.00 38.84 ? 1111 GOL A O3  1 
HETATM 869  S  S   . SO4 D 4 .   ? -1.653  -11.617 -10.360 1.00 31.82 ? 1112 SO4 A S   1 
HETATM 870  O  O1  . SO4 D 4 .   ? -2.278  -11.476 -9.035  1.00 30.30 ? 1112 SO4 A O1  1 
HETATM 871  O  O2  . SO4 D 4 .   ? -1.420  -13.041 -10.609 1.00 32.25 ? 1112 SO4 A O2  1 
HETATM 872  O  O3  . SO4 D 4 .   ? -2.600  -11.097 -11.342 1.00 31.67 ? 1112 SO4 A O3  1 
HETATM 873  O  O4  . SO4 D 4 .   ? -0.359  -10.918 -10.422 1.00 32.07 ? 1112 SO4 A O4  1 
HETATM 874  S  S   . SO4 E 4 .   ? 13.704  -2.015  8.620   1.00 28.66 ? 1113 SO4 A S   1 
HETATM 875  O  O1  . SO4 E 4 .   ? 13.831  -2.608  9.955   1.00 27.91 ? 1113 SO4 A O1  1 
HETATM 876  O  O2  . SO4 E 4 .   ? 14.775  -1.034  8.450   1.00 30.38 ? 1113 SO4 A O2  1 
HETATM 877  O  O3  . SO4 E 4 .   ? 13.896  -3.009  7.557   1.00 29.60 ? 1113 SO4 A O3  1 
HETATM 878  O  O4  . SO4 E 4 .   ? 12.403  -1.374  8.468   1.00 29.24 ? 1113 SO4 A O4  1 
HETATM 879  C  C   . ACT F 5 .   ? -12.201 13.141  6.797   1.00 54.35 ? 1114 ACT A C   1 
HETATM 880  O  O   . ACT F 5 .   ? -11.953 13.707  5.712   1.00 54.40 ? 1114 ACT A O   1 
HETATM 881  O  OXT . ACT F 5 .   ? -12.454 11.919  6.726   1.00 54.28 ? 1114 ACT A OXT 1 
HETATM 882  C  CH3 . ACT F 5 .   ? -12.198 13.878  8.103   1.00 54.29 ? 1114 ACT A CH3 1 
HETATM 883  O  O   . HOH G 6 .   ? -10.050 15.905  5.304   1.00 33.73 ? 2001 HOH A O   1 
HETATM 884  O  O   . HOH G 6 .   ? -8.971  14.779  8.342   1.00 42.16 ? 2002 HOH A O   1 
HETATM 885  O  O   . HOH G 6 .   ? -3.353  3.564   9.769   1.00 15.95 ? 2003 HOH A O   1 
HETATM 886  O  O   . HOH G 6 .   ? -9.494  13.311  3.836   1.00 29.90 ? 2004 HOH A O   1 
HETATM 887  O  O   . HOH G 6 .   ? -12.018 7.915   9.608   1.00 40.63 ? 2005 HOH A O   1 
HETATM 888  O  O   . HOH G 6 .   ? -5.043  2.701   7.757   1.00 19.04 ? 2006 HOH A O   1 
HETATM 889  O  O   . HOH G 6 .   ? -11.555 3.644   4.427   1.00 25.91 ? 2007 HOH A O   1 
HETATM 890  O  O   . HOH G 6 .   ? -8.501  -2.479  4.958   1.00 14.68 ? 2008 HOH A O   1 
HETATM 891  O  O   . HOH G 6 .   ? -5.748  0.839   10.565  0.50 15.40 ? 2009 HOH A O   1 
HETATM 892  O  O   . HOH G 6 .   ? -10.959 3.559   7.681   1.00 34.56 ? 2010 HOH A O   1 
HETATM 893  O  O   . HOH G 6 .   ? 4.808   -16.351 1.275   1.00 41.42 ? 2011 HOH A O   1 
HETATM 894  O  O   . HOH G 6 .   ? -12.177 0.695   3.909   1.00 24.53 ? 2012 HOH A O   1 
HETATM 895  O  O   . HOH G 6 .   ? -13.196 -1.631  -1.083  1.00 43.75 ? 2013 HOH A O   1 
HETATM 896  O  O   . HOH G 6 .   ? -12.329 2.211   -3.405  1.00 39.48 ? 2014 HOH A O   1 
HETATM 897  O  O   . HOH G 6 .   ? -9.242  -15.748 10.698  1.00 26.37 ? 2015 HOH A O   1 
HETATM 898  O  O   . HOH G 6 .   ? -14.191 -5.470  4.126   1.00 40.01 ? 2016 HOH A O   1 
HETATM 899  O  O   . HOH G 6 .   ? -13.250 -5.375  0.380   1.00 35.33 ? 2017 HOH A O   1 
HETATM 900  O  O   . HOH G 6 .   ? -10.276 -4.590  -6.150  1.00 20.55 ? 2018 HOH A O   1 
HETATM 901  O  O   . HOH G 6 .   ? -2.303  6.022   10.676  1.00 25.50 ? 2019 HOH A O   1 
HETATM 902  O  O   . HOH G 6 .   ? -10.984 -11.838 -3.702  1.00 21.92 ? 2020 HOH A O   1 
HETATM 903  O  O   . HOH G 6 .   ? 8.530   7.782   7.941   1.00 17.30 ? 2021 HOH A O   1 
HETATM 904  O  O   . HOH G 6 .   ? -6.095  -14.288 0.666   1.00 35.16 ? 2022 HOH A O   1 
HETATM 905  O  O   . HOH G 6 .   ? 1.830   -14.957 -2.696  1.00 28.15 ? 2023 HOH A O   1 
HETATM 906  O  O   . HOH G 6 .   ? -8.782  -12.939 2.681   1.00 35.55 ? 2024 HOH A O   1 
HETATM 907  O  O   . HOH G 6 .   ? 10.321  -5.117  4.788   1.00 15.03 ? 2025 HOH A O   1 
HETATM 908  O  O   A HOH G 6 .   ? 2.554   -18.555 2.438   0.50 17.70 ? 2026 HOH A O   1 
HETATM 909  O  O   B HOH G 6 .   ? 1.656   -19.075 0.792   0.50 23.18 ? 2026 HOH A O   1 
HETATM 910  O  O   . HOH G 6 .   ? -4.538  -14.807 2.841   1.00 14.12 ? 2027 HOH A O   1 
HETATM 911  O  O   . HOH G 6 .   ? 0.476   -17.984 -2.142  1.00 38.28 ? 2028 HOH A O   1 
HETATM 912  O  O   . HOH G 6 .   ? 6.916   -12.241 3.279   1.00 15.92 ? 2029 HOH A O   1 
HETATM 913  O  O   . HOH G 6 .   ? 5.186   -11.568 6.395   1.00 27.87 ? 2030 HOH A O   1 
HETATM 914  O  O   . HOH G 6 .   ? 4.231   -11.510 -4.716  1.00 26.04 ? 2031 HOH A O   1 
HETATM 915  O  O   . HOH G 6 .   ? 7.471   -16.137 -3.741  0.30 12.63 ? 2032 HOH A O   1 
HETATM 916  O  O   . HOH G 6 .   ? 6.847   -15.412 -5.060  0.70 20.11 ? 2033 HOH A O   1 
HETATM 917  O  O   . HOH G 6 .   ? 4.435   -11.360 -11.562 1.00 40.98 ? 2034 HOH A O   1 
HETATM 918  O  O   . HOH G 6 .   ? 2.708   -8.623  7.735   1.00 15.96 ? 2035 HOH A O   1 
HETATM 919  O  O   . HOH G 6 .   ? -2.730  -12.305 12.279  0.50 10.62 ? 2036 HOH A O   1 
HETATM 920  O  O   . HOH G 6 .   ? 1.017   -14.966 10.981  1.00 25.65 ? 2037 HOH A O   1 
HETATM 921  O  O   . HOH G 6 .   ? 1.043   -20.474 6.809   1.00 35.68 ? 2038 HOH A O   1 
HETATM 922  O  O   . HOH G 6 .   ? -6.296  -18.877 9.682   1.00 39.23 ? 2039 HOH A O   1 
HETATM 923  O  O   . HOH G 6 .   ? -5.318  -16.019 12.114  1.00 39.53 ? 2040 HOH A O   1 
HETATM 924  O  O   . HOH G 6 .   ? -10.999 -14.618 9.075   1.00 14.68 ? 2041 HOH A O   1 
HETATM 925  O  O   . HOH G 6 .   ? -12.797 -12.050 2.807   1.00 16.41 ? 2042 HOH A O   1 
HETATM 926  O  O   . HOH G 6 .   ? -11.715 -4.546  7.868   1.00 14.47 ? 2043 HOH A O   1 
HETATM 927  O  O   . HOH G 6 .   ? -10.197 -8.334  13.699  1.00 25.06 ? 2044 HOH A O   1 
HETATM 928  O  O   . HOH G 6 .   ? -13.988 -8.674  12.857  1.00 18.54 ? 2045 HOH A O   1 
HETATM 929  O  O   . HOH G 6 .   ? -13.323 -13.251 10.203  1.00 11.49 ? 2046 HOH A O   1 
HETATM 930  O  O   . HOH G 6 .   ? -7.133  -0.510  11.467  0.50 28.01 ? 2047 HOH A O   1 
HETATM 931  O  O   . HOH G 6 .   ? -2.776  -11.557 13.948  0.50 15.42 ? 2048 HOH A O   1 
HETATM 932  O  O   . HOH G 6 .   ? -7.504  -11.339 13.314  1.00 19.95 ? 2049 HOH A O   1 
HETATM 933  O  O   . HOH G 6 .   ? -4.859  -9.498  16.016  1.00 24.75 ? 2050 HOH A O   1 
HETATM 934  O  O   . HOH G 6 .   ? -0.504  -3.675  16.099  1.00 22.77 ? 2051 HOH A O   1 
HETATM 935  O  O   . HOH G 6 .   ? 2.332   -6.597  9.959   1.00 11.21 ? 2052 HOH A O   1 
HETATM 936  O  O   . HOH G 6 .   ? -2.899  1.559   11.646  1.00 21.23 ? 2053 HOH A O   1 
HETATM 937  O  O   . HOH G 6 .   ? 2.724   0.883   12.248  1.00 14.92 ? 2054 HOH A O   1 
HETATM 938  O  O   . HOH G 6 .   ? 4.213   -4.788  8.591   1.00 16.88 ? 2055 HOH A O   1 
HETATM 939  O  O   . HOH G 6 .   ? 0.793   6.007   11.283  1.00 27.18 ? 2056 HOH A O   1 
HETATM 940  O  O   . HOH G 6 .   ? 3.410   3.755   12.099  1.00 36.01 ? 2057 HOH A O   1 
HETATM 941  O  O   . HOH G 6 .   ? 7.041   3.365   6.856   1.00 17.03 ? 2058 HOH A O   1 
HETATM 942  O  O   . HOH G 6 .   ? 6.888   -5.244  9.398   1.00 40.39 ? 2059 HOH A O   1 
HETATM 943  O  O   . HOH G 6 .   ? 9.148   -2.272  13.206  1.00 35.62 ? 2060 HOH A O   1 
HETATM 944  O  O   . HOH G 6 .   ? 6.361   9.562   7.895   1.00 8.59  ? 2061 HOH A O   1 
HETATM 945  O  O   . HOH G 6 .   ? 7.102   3.873   9.961   1.00 17.26 ? 2062 HOH A O   1 
HETATM 946  O  O   . HOH G 6 .   ? 8.205   5.669   6.020   1.00 19.68 ? 2063 HOH A O   1 
HETATM 947  O  O   . HOH G 6 .   ? 7.994   6.948   -3.390  1.00 14.17 ? 2064 HOH A O   1 
HETATM 948  O  O   . HOH G 6 .   ? 3.818   15.126  4.702   0.50 2.00  ? 2065 HOH A O   1 
HETATM 949  O  O   . HOH G 6 .   ? 1.443   14.612  4.193   0.50 2.00  ? 2066 HOH A O   1 
HETATM 950  O  O   A HOH G 6 .   ? 6.572   14.397  -3.040  0.70 28.89 ? 2067 HOH A O   1 
HETATM 951  O  O   B HOH G 6 .   ? 8.002   15.721  -2.088  0.30 8.06  ? 2067 HOH A O   1 
HETATM 952  O  O   . HOH G 6 .   ? 9.432   12.078  -1.967  1.00 39.19 ? 2068 HOH A O   1 
HETATM 953  O  O   . HOH G 6 .   ? 4.510   19.016  1.092   1.00 8.74  ? 2069 HOH A O   1 
HETATM 954  O  O   . HOH G 6 .   ? 7.388   19.015  0.509   1.00 33.47 ? 2070 HOH A O   1 
HETATM 955  O  O   . HOH G 6 .   ? 11.905  16.346  4.257   1.00 25.80 ? 2071 HOH A O   1 
HETATM 956  O  O   . HOH G 6 .   ? 14.517  8.685   5.275   1.00 42.34 ? 2072 HOH A O   1 
HETATM 957  O  O   . HOH G 6 .   ? 11.120  9.406   6.591   1.00 27.86 ? 2073 HOH A O   1 
HETATM 958  O  O   . HOH G 6 .   ? 11.189  6.132   3.865   1.00 22.01 ? 2074 HOH A O   1 
HETATM 959  O  O   . HOH G 6 .   ? 15.701  6.580   -3.090  1.00 26.23 ? 2075 HOH A O   1 
HETATM 960  O  O   . HOH G 6 .   ? 16.871  -0.493  -5.030  1.00 25.69 ? 2076 HOH A O   1 
HETATM 961  O  O   . HOH G 6 .   ? 11.716  -7.070  3.249   1.00 15.06 ? 2077 HOH A O   1 
HETATM 962  O  O   . HOH G 6 .   ? 12.880  -10.560 -6.262  1.00 35.11 ? 2078 HOH A O   1 
HETATM 963  O  O   . HOH G 6 .   ? 16.828  -2.884  -5.669  1.00 32.18 ? 2079 HOH A O   1 
HETATM 964  O  O   . HOH G 6 .   ? 7.996   -13.170 0.631   1.00 36.91 ? 2080 HOH A O   1 
HETATM 965  O  O   . HOH G 6 .   ? 1.513   18.397  4.559   0.50 10.64 ? 2081 HOH A O   1 
HETATM 966  O  O   . HOH G 6 .   ? 12.460  -7.682  6.493   0.50 2.17  ? 2082 HOH A O   1 
HETATM 967  O  O   . HOH G 6 .   ? 11.472  -8.931  -7.339  1.00 38.97 ? 2083 HOH A O   1 
HETATM 968  O  O   . HOH G 6 .   ? 7.602   -8.518  -12.112 1.00 24.12 ? 2084 HOH A O   1 
HETATM 969  O  O   . HOH G 6 .   ? 10.088  -8.300  -12.524 0.50 27.49 ? 2085 HOH A O   1 
HETATM 970  O  O   . HOH G 6 .   ? 10.505  -7.056  -10.897 0.50 14.65 ? 2086 HOH A O   1 
HETATM 971  O  O   . HOH G 6 .   ? 9.779   -1.518  -12.942 1.00 31.21 ? 2087 HOH A O   1 
HETATM 972  O  O   . HOH G 6 .   ? 0.832   -6.567  -12.987 1.00 17.37 ? 2088 HOH A O   1 
HETATM 973  O  O   . HOH G 6 .   ? 7.048   -10.106 -10.193 1.00 29.96 ? 2089 HOH A O   1 
HETATM 974  O  O   . HOH G 6 .   ? 2.344   -12.114 -9.168  1.00 31.16 ? 2090 HOH A O   1 
HETATM 975  O  O   . HOH G 6 .   ? -0.628  0.239   -13.143 1.00 33.42 ? 2091 HOH A O   1 
HETATM 976  O  O   . HOH G 6 .   ? 8.048   -0.788  -14.644 1.00 32.21 ? 2092 HOH A O   1 
HETATM 977  O  O   . HOH G 6 .   ? -5.165  -4.273  -9.729  1.00 27.63 ? 2093 HOH A O   1 
HETATM 978  O  O   . HOH G 6 .   ? -1.215  -4.302  -13.993 1.00 25.21 ? 2094 HOH A O   1 
HETATM 979  O  O   . HOH G 6 .   ? -1.750  5.587   -7.766  1.00 18.55 ? 2095 HOH A O   1 
HETATM 980  O  O   . HOH G 6 .   ? 1.777   8.624   -12.277 1.00 38.11 ? 2096 HOH A O   1 
HETATM 981  O  O   . HOH G 6 .   ? 1.692   3.681   -15.783 1.00 35.60 ? 2097 HOH A O   1 
HETATM 982  O  O   . HOH G 6 .   ? -7.540  2.812   -10.872 1.00 21.19 ? 2098 HOH A O   1 
HETATM 983  O  O   . HOH G 6 .   ? -3.143  7.600   -6.225  1.00 16.88 ? 2099 HOH A O   1 
HETATM 984  O  O   . HOH G 6 .   ? -5.889  8.976   -7.756  1.00 44.04 ? 2100 HOH A O   1 
HETATM 985  O  O   . HOH G 6 .   ? -7.400  11.208  -6.410  1.00 48.89 ? 2101 HOH A O   1 
HETATM 986  O  O   . HOH G 6 .   ? -9.277  13.897  1.507   1.00 32.38 ? 2102 HOH A O   1 
HETATM 987  O  O   . HOH G 6 .   ? -12.797 11.107  4.305   1.00 43.06 ? 2103 HOH A O   1 
HETATM 988  O  O   . HOH G 6 .   ? -6.908  17.124  -3.266  1.00 41.13 ? 2104 HOH A O   1 
HETATM 989  O  O   . HOH G 6 .   ? -4.406  14.904  -7.149  1.00 23.47 ? 2105 HOH A O   1 
HETATM 990  O  O   . HOH G 6 .   ? 1.182   12.079  -8.043  1.00 21.53 ? 2106 HOH A O   1 
HETATM 991  O  O   . HOH G 6 .   ? -1.956  6.957   -9.922  1.00 18.64 ? 2107 HOH A O   1 
HETATM 992  O  O   . HOH G 6 .   ? 8.889   4.289   -13.027 1.00 29.03 ? 2108 HOH A O   1 
HETATM 993  O  O   . HOH G 6 .   ? 5.898   9.666   -12.503 1.00 42.29 ? 2109 HOH A O   1 
HETATM 994  O  O   . HOH G 6 .   ? 9.111   9.338   -3.672  1.00 26.08 ? 2110 HOH A O   1 
HETATM 995  O  O   . HOH G 6 .   ? 8.448   -5.166  7.070   1.00 23.18 ? 2111 HOH A O   1 
HETATM 996  O  O   . HOH G 6 .   ? 10.162  -5.190  9.166   1.00 23.15 ? 2112 HOH A O   1 
HETATM 997  O  O   . HOH G 6 .   ? 10.165  0.758   9.229   1.00 34.26 ? 2113 HOH A O   1 
HETATM 998  O  O   . HOH G 6 .   ? 8.909   1.278   6.876   1.00 28.67 ? 2114 HOH A O   1 
HETATM 999  O  O   . HOH G 6 .   ? 7.752   -8.781  9.593   0.50 13.12 ? 2115 HOH A O   1 
HETATM 1000 O  O   . HOH G 6 .   ? 5.759   -9.507  9.878   0.50 24.07 ? 2116 HOH A O   1 
HETATM 1001 O  O   . HOH G 6 .   ? -4.938  9.616   11.455  1.00 23.31 ? 2117 HOH A O   1 
HETATM 1002 O  O   . HOH G 6 .   ? -2.335  8.672   10.486  1.00 21.76 ? 2118 HOH A O   1 
HETATM 1003 O  O   . HOH G 6 .   ? 0.703   -9.646  -12.592 1.00 35.75 ? 2119 HOH A O   1 
HETATM 1004 O  O   . HOH G 6 .   ? 16.437  -4.157  7.829   1.00 13.42 ? 2120 HOH A O   1 
HETATM 1005 O  O   . HOH G 6 .   ? 11.292  -3.513  11.607  1.00 42.24 ? 2121 HOH A O   1 
# 
loop_
_pdbx_poly_seq_scheme.asym_id 
_pdbx_poly_seq_scheme.entity_id 
_pdbx_poly_seq_scheme.seq_id 
_pdbx_poly_seq_scheme.mon_id 
_pdbx_poly_seq_scheme.ndb_seq_num 
_pdbx_poly_seq_scheme.pdb_seq_num 
_pdbx_poly_seq_scheme.auth_seq_num 
_pdbx_poly_seq_scheme.pdb_mon_id 
_pdbx_poly_seq_scheme.auth_mon_id 
_pdbx_poly_seq_scheme.pdb_strand_id 
_pdbx_poly_seq_scheme.pdb_ins_code 
_pdbx_poly_seq_scheme.hetero 
A 1 1   MET 1   0   0   MET MET A . n 
A 1 2   VAL 2   1   1   VAL VAL A . n 
A 1 3   ASN 3   2   2   ASN ASN A . n 
A 1 4   TRP 4   3   3   TRP TRP A . n 
A 1 5   ALA 5   4   4   ALA ALA A . n 
A 1 6   ALA 6   5   5   ALA ALA A . n 
A 1 7   VAL 7   6   6   VAL VAL A . n 
A 1 8   VAL 8   7   7   VAL VAL A . n 
A 1 9   ASP 9   8   8   ASP ASP A . n 
A 1 10  ASP 10  9   9   ASP ASP A . n 
A 1 11  PHE 11  10  10  PHE PHE A . n 
A 1 12  TYR 12  11  11  TYR TYR A . n 
A 1 13  GLN 13  12  12  GLN GLN A . n 
A 1 14  GLU 14  13  13  GLU GLU A . n 
A 1 15  LEU 15  14  14  LEU LEU A . n 
A 1 16  PHE 16  15  15  PHE PHE A . n 
A 1 17  LYS 17  16  16  LYS LYS A . n 
A 1 18  ALA 18  17  17  ALA ALA A . n 
A 1 19  HIS 19  18  18  HIS HIS A . n 
A 1 20  PRO 20  19  19  PRO PRO A . n 
A 1 21  GLU 21  20  20  GLU GLU A . n 
A 1 22  TYR 22  21  21  TYR TYR A . n 
A 1 23  GLN 23  22  22  GLN GLN A . n 
A 1 24  ASN 24  23  23  ASN ASN A . n 
A 1 25  LYS 25  24  24  LYS LYS A . n 
A 1 26  PHE 26  25  25  PHE PHE A . n 
A 1 27  GLY 27  26  26  GLY GLY A . n 
A 1 28  PHE 28  27  27  PHE PHE A . n 
A 1 29  LYS 29  28  28  LYS LYS A . n 
A 1 30  GLY 30  29  29  GLY GLY A . n 
A 1 31  VAL 31  30  30  VAL VAL A . n 
A 1 32  ALA 32  31  31  ALA ALA A . n 
A 1 33  LEU 33  32  32  LEU LEU A . n 
A 1 34  GLY 34  33  33  GLY GLY A . n 
A 1 35  SER 35  34  34  SER SER A . n 
A 1 36  LEU 36  35  35  LEU LEU A . n 
A 1 37  LYS 37  36  36  LYS LYS A . n 
A 1 38  GLY 38  37  37  GLY GLY A . n 
A 1 39  ASN 39  38  38  ASN ASN A . n 
A 1 40  ALA 40  39  39  ALA ALA A . n 
A 1 41  ALA 41  40  40  ALA ALA A . n 
A 1 42  TYR 42  41  41  TYR TYR A . n 
A 1 43  LYS 43  42  42  LYS LYS A . n 
A 1 44  THR 44  43  43  THR THR A . n 
A 1 45  GLN 45  44  44  GLN GLN A . n 
A 1 46  ALA 46  45  45  ALA ALA A . n 
A 1 47  GLY 47  46  46  GLY GLY A . n 
A 1 48  LYS 48  47  47  LYS LYS A . n 
A 1 49  THR 49  48  48  THR THR A . n 
A 1 50  VAL 50  49  49  VAL VAL A . n 
A 1 51  ASP 51  50  50  ASP ASP A . n 
A 1 52  TYR 52  51  51  TYR TYR A . n 
A 1 53  ILE 53  52  52  ILE ILE A . n 
A 1 54  ASN 54  53  53  ASN ASN A . n 
A 1 55  ALA 55  54  54  ALA ALA A . n 
A 1 56  ALA 56  55  55  ALA ALA A . n 
A 1 57  ILE 57  56  56  ILE ILE A . n 
A 1 58  GLY 58  57  57  GLY GLY A . n 
A 1 59  GLY 59  58  58  GLY GLY A . n 
A 1 60  SER 60  59  59  SER SER A . n 
A 1 61  ALA 61  60  60  ALA ALA A . n 
A 1 62  ASP 62  61  61  ASP ASP A . n 
A 1 63  ALA 63  62  62  ALA ALA A . n 
A 1 64  ALA 64  63  63  ALA ALA A . n 
A 1 65  GLY 65  64  64  GLY GLY A . n 
A 1 66  LEU 66  65  65  LEU LEU A . n 
A 1 67  ALA 67  66  66  ALA ALA A . n 
A 1 68  SER 68  67  67  SER SER A . n 
A 1 69  ARG 69  68  68  ARG ARG A . n 
A 1 70  HIS 70  69  69  HIS HIS A . n 
A 1 71  LYS 71  70  70  LYS LYS A . n 
A 1 72  GLY 72  71  71  GLY GLY A . n 
A 1 73  ARG 73  72  72  ARG ARG A . n 
A 1 74  ASN 74  73  73  ASN ASN A . n 
A 1 75  VAL 75  74  74  VAL VAL A . n 
A 1 76  GLY 76  75  75  GLY GLY A . n 
A 1 77  SER 77  76  76  SER SER A . n 
A 1 78  ALA 78  77  77  ALA ALA A . n 
A 1 79  GLU 79  78  78  GLU GLU A . n 
A 1 80  PHE 80  79  79  PHE PHE A . n 
A 1 81  HIS 81  80  80  HIS HIS A . n 
A 1 82  ASN 82  81  81  ASN ASN A . n 
A 1 83  ALA 83  82  82  ALA ALA A . n 
A 1 84  LYS 84  83  83  LYS LYS A . n 
A 1 85  ALA 85  84  84  ALA ALA A . n 
A 1 86  CYS 86  85  85  CYS CYS A . n 
A 1 87  LEU 87  86  86  LEU LEU A . n 
A 1 88  ALA 88  87  87  ALA ALA A . n 
A 1 89  LYS 89  88  88  LYS LYS A . n 
A 1 90  ALA 90  89  89  ALA ALA A . n 
A 1 91  CYS 91  90  90  CYS CYS A . n 
A 1 92  SER 92  91  91  SER SER A . n 
A 1 93  ALA 93  92  92  ALA ALA A . n 
A 1 94  HIS 94  93  93  HIS HIS A . n 
A 1 95  GLY 95  94  94  GLY GLY A . n 
A 1 96  ALA 96  95  95  ALA ALA A . n 
A 1 97  PRO 97  96  96  PRO PRO A . n 
A 1 98  ASP 98  97  97  ASP ASP A . n 
A 1 99  LEU 99  98  98  LEU LEU A . n 
A 1 100 GLY 100 99  99  GLY GLY A . n 
A 1 101 HIS 101 100 100 HIS HIS A . n 
A 1 102 ALA 102 101 101 ALA ALA A . n 
A 1 103 ILE 103 102 102 ILE ILE A . n 
A 1 104 ASP 104 103 103 ASP ASP A . n 
A 1 105 ASP 105 104 104 ASP ASP A . n 
A 1 106 ILE 106 105 105 ILE ILE A . n 
A 1 107 LEU 107 106 106 LEU LEU A . n 
A 1 108 SER 108 107 107 SER SER A . n 
A 1 109 HIS 109 108 108 HIS HIS A . n 
A 1 110 LEU 110 109 109 LEU LEU A . n 
# 
loop_
_pdbx_nonpoly_scheme.asym_id 
_pdbx_nonpoly_scheme.entity_id 
_pdbx_nonpoly_scheme.mon_id 
_pdbx_nonpoly_scheme.ndb_seq_num 
_pdbx_nonpoly_scheme.pdb_seq_num 
_pdbx_nonpoly_scheme.auth_seq_num 
_pdbx_nonpoly_scheme.pdb_mon_id 
_pdbx_nonpoly_scheme.auth_mon_id 
_pdbx_nonpoly_scheme.pdb_strand_id 
_pdbx_nonpoly_scheme.pdb_ins_code 
B 2 HEM 1   144  144  HEM HEM A . 
C 3 GOL 1   1111 1111 GOL GOL A . 
D 4 SO4 1   1112 1112 SO4 SO4 A . 
E 4 SO4 1   1113 1113 SO4 SO4 A . 
F 5 ACT 1   1114 1114 ACT ACT A . 
G 6 HOH 1   2001 2001 HOH HOH A . 
G 6 HOH 2   2002 2002 HOH HOH A . 
G 6 HOH 3   2003 2003 HOH HOH A . 
G 6 HOH 4   2004 2004 HOH HOH A . 
G 6 HOH 5   2005 2005 HOH HOH A . 
G 6 HOH 6   2006 2006 HOH HOH A . 
G 6 HOH 7   2007 2007 HOH HOH A . 
G 6 HOH 8   2008 2008 HOH HOH A . 
G 6 HOH 9   2009 2009 HOH HOH A . 
G 6 HOH 10  2010 2010 HOH HOH A . 
G 6 HOH 11  2011 2011 HOH HOH A . 
G 6 HOH 12  2012 2012 HOH HOH A . 
G 6 HOH 13  2013 2013 HOH HOH A . 
G 6 HOH 14  2014 2014 HOH HOH A . 
G 6 HOH 15  2015 2015 HOH HOH A . 
G 6 HOH 16  2016 2016 HOH HOH A . 
G 6 HOH 17  2017 2017 HOH HOH A . 
G 6 HOH 18  2018 2018 HOH HOH A . 
G 6 HOH 19  2019 2019 HOH HOH A . 
G 6 HOH 20  2020 2020 HOH HOH A . 
G 6 HOH 21  2021 2021 HOH HOH A . 
G 6 HOH 22  2022 2022 HOH HOH A . 
G 6 HOH 23  2023 2023 HOH HOH A . 
G 6 HOH 24  2024 2024 HOH HOH A . 
G 6 HOH 25  2025 2025 HOH HOH A . 
G 6 HOH 26  2026 2026 HOH HOH A . 
G 6 HOH 27  2027 2027 HOH HOH A . 
G 6 HOH 28  2028 2028 HOH HOH A . 
G 6 HOH 29  2029 2029 HOH HOH A . 
G 6 HOH 30  2030 2030 HOH HOH A . 
G 6 HOH 31  2031 2031 HOH HOH A . 
G 6 HOH 32  2032 2032 HOH HOH A . 
G 6 HOH 33  2033 2033 HOH HOH A . 
G 6 HOH 34  2034 2034 HOH HOH A . 
G 6 HOH 35  2035 2035 HOH HOH A . 
G 6 HOH 36  2036 2036 HOH HOH A . 
G 6 HOH 37  2037 2037 HOH HOH A . 
G 6 HOH 38  2038 2038 HOH HOH A . 
G 6 HOH 39  2039 2039 HOH HOH A . 
G 6 HOH 40  2040 2040 HOH HOH A . 
G 6 HOH 41  2041 2041 HOH HOH A . 
G 6 HOH 42  2042 2042 HOH HOH A . 
G 6 HOH 43  2043 2043 HOH HOH A . 
G 6 HOH 44  2044 2044 HOH HOH A . 
G 6 HOH 45  2045 2045 HOH HOH A . 
G 6 HOH 46  2046 2046 HOH HOH A . 
G 6 HOH 47  2047 2047 HOH HOH A . 
G 6 HOH 48  2048 2048 HOH HOH A . 
G 6 HOH 49  2049 2049 HOH HOH A . 
G 6 HOH 50  2050 2050 HOH HOH A . 
G 6 HOH 51  2051 2051 HOH HOH A . 
G 6 HOH 52  2052 2052 HOH HOH A . 
G 6 HOH 53  2053 2053 HOH HOH A . 
G 6 HOH 54  2054 2054 HOH HOH A . 
G 6 HOH 55  2055 2055 HOH HOH A . 
G 6 HOH 56  2056 2056 HOH HOH A . 
G 6 HOH 57  2057 2057 HOH HOH A . 
G 6 HOH 58  2058 2058 HOH HOH A . 
G 6 HOH 59  2059 2059 HOH HOH A . 
G 6 HOH 60  2060 2060 HOH HOH A . 
G 6 HOH 61  2061 2061 HOH HOH A . 
G 6 HOH 62  2062 2062 HOH HOH A . 
G 6 HOH 63  2063 2063 HOH HOH A . 
G 6 HOH 64  2064 2064 HOH HOH A . 
G 6 HOH 65  2065 2065 HOH HOH A . 
G 6 HOH 66  2066 2066 HOH HOH A . 
G 6 HOH 67  2067 2067 HOH HOH A . 
G 6 HOH 68  2068 2068 HOH HOH A . 
G 6 HOH 69  2069 2069 HOH HOH A . 
G 6 HOH 70  2070 2070 HOH HOH A . 
G 6 HOH 71  2071 2071 HOH HOH A . 
G 6 HOH 72  2072 2072 HOH HOH A . 
G 6 HOH 73  2073 2073 HOH HOH A . 
G 6 HOH 74  2074 2074 HOH HOH A . 
G 6 HOH 75  2075 2075 HOH HOH A . 
G 6 HOH 76  2076 2076 HOH HOH A . 
G 6 HOH 77  2077 2077 HOH HOH A . 
G 6 HOH 78  2078 2078 HOH HOH A . 
G 6 HOH 79  2079 2079 HOH HOH A . 
G 6 HOH 80  2080 2080 HOH HOH A . 
G 6 HOH 81  2081 2081 HOH HOH A . 
G 6 HOH 82  2082 2082 HOH HOH A . 
G 6 HOH 83  2083 2083 HOH HOH A . 
G 6 HOH 84  2084 2084 HOH HOH A . 
G 6 HOH 85  2085 2085 HOH HOH A . 
G 6 HOH 86  2086 2086 HOH HOH A . 
G 6 HOH 87  2087 2087 HOH HOH A . 
G 6 HOH 88  2088 2088 HOH HOH A . 
G 6 HOH 89  2089 2089 HOH HOH A . 
G 6 HOH 90  2090 2090 HOH HOH A . 
G 6 HOH 91  2091 2091 HOH HOH A . 
G 6 HOH 92  2092 2092 HOH HOH A . 
G 6 HOH 93  2093 2093 HOH HOH A . 
G 6 HOH 94  2094 2094 HOH HOH A . 
G 6 HOH 95  2095 2095 HOH HOH A . 
G 6 HOH 96  2096 2096 HOH HOH A . 
G 6 HOH 97  2097 2097 HOH HOH A . 
G 6 HOH 98  2098 2098 HOH HOH A . 
G 6 HOH 99  2099 2099 HOH HOH A . 
G 6 HOH 100 2100 2100 HOH HOH A . 
G 6 HOH 101 2101 2101 HOH HOH A . 
G 6 HOH 102 2102 2102 HOH HOH A . 
G 6 HOH 103 2103 2103 HOH HOH A . 
G 6 HOH 104 2104 2104 HOH HOH A . 
G 6 HOH 105 2105 2105 HOH HOH A . 
G 6 HOH 106 2106 2106 HOH HOH A . 
G 6 HOH 107 2107 2107 HOH HOH A . 
G 6 HOH 108 2108 2108 HOH HOH A . 
G 6 HOH 109 2109 2109 HOH HOH A . 
G 6 HOH 110 2110 2110 HOH HOH A . 
G 6 HOH 111 2111 2111 HOH HOH A . 
G 6 HOH 112 2112 2112 HOH HOH A . 
G 6 HOH 113 2113 2113 HOH HOH A . 
G 6 HOH 114 2114 2114 HOH HOH A . 
G 6 HOH 115 2115 2115 HOH HOH A . 
G 6 HOH 116 2116 2116 HOH HOH A . 
G 6 HOH 117 2117 2117 HOH HOH A . 
G 6 HOH 118 2118 2118 HOH HOH A . 
G 6 HOH 119 2119 2119 HOH HOH A . 
G 6 HOH 120 2120 2120 HOH HOH A . 
G 6 HOH 121 2121 2121 HOH HOH A . 
# 
_pdbx_struct_assembly.id                   1 
_pdbx_struct_assembly.details              author_and_software_defined_assembly 
_pdbx_struct_assembly.method_details       PISA 
_pdbx_struct_assembly.oligomeric_details   monomeric 
_pdbx_struct_assembly.oligomeric_count     1 
# 
_pdbx_struct_assembly_gen.assembly_id       1 
_pdbx_struct_assembly_gen.oper_expression   1 
_pdbx_struct_assembly_gen.asym_id_list      A,B,C,D,E,F,G 
# 
_pdbx_struct_oper_list.id                   1 
_pdbx_struct_oper_list.type                 'identity operation' 
_pdbx_struct_oper_list.name                 1_555 
_pdbx_struct_oper_list.symmetry_operation   x,y,z 
_pdbx_struct_oper_list.matrix[1][1]         1.0000000000 
_pdbx_struct_oper_list.matrix[1][2]         0.0000000000 
_pdbx_struct_oper_list.matrix[1][3]         0.0000000000 
_pdbx_struct_oper_list.vector[1]            0.0000000000 
_pdbx_struct_oper_list.matrix[2][1]         0.0000000000 
_pdbx_struct_oper_list.matrix[2][2]         1.0000000000 
_pdbx_struct_oper_list.matrix[2][3]         0.0000000000 
_pdbx_struct_oper_list.vector[2]            0.0000000000 
_pdbx_struct_oper_list.matrix[3][1]         0.0000000000 
_pdbx_struct_oper_list.matrix[3][2]         0.0000000000 
_pdbx_struct_oper_list.matrix[3][3]         1.0000000000 
_pdbx_struct_oper_list.vector[3]            0.0000000000 
# 
loop_
_pdbx_struct_conn_angle.id 
_pdbx_struct_conn_angle.ptnr1_label_atom_id 
_pdbx_struct_conn_angle.ptnr1_label_alt_id 
_pdbx_struct_conn_angle.ptnr1_label_asym_id 
_pdbx_struct_conn_angle.ptnr1_label_comp_id 
_pdbx_struct_conn_angle.ptnr1_label_seq_id 
_pdbx_struct_conn_angle.ptnr1_auth_atom_id 
_pdbx_struct_conn_angle.ptnr1_auth_asym_id 
_pdbx_struct_conn_angle.ptnr1_auth_comp_id 
_pdbx_struct_conn_angle.ptnr1_auth_seq_id 
_pdbx_struct_conn_angle.ptnr1_PDB_ins_code 
_pdbx_struct_conn_angle.ptnr1_symmetry 
_pdbx_struct_conn_angle.ptnr2_label_atom_id 
_pdbx_struct_conn_angle.ptnr2_label_alt_id 
_pdbx_struct_conn_angle.ptnr2_label_asym_id 
_pdbx_struct_conn_angle.ptnr2_label_comp_id 
_pdbx_struct_conn_angle.ptnr2_label_seq_id 
_pdbx_struct_conn_angle.ptnr2_auth_atom_id 
_pdbx_struct_conn_angle.ptnr2_auth_asym_id 
_pdbx_struct_conn_angle.ptnr2_auth_comp_id 
_pdbx_struct_conn_angle.ptnr2_auth_seq_id 
_pdbx_struct_conn_angle.ptnr2_PDB_ins_code 
_pdbx_struct_conn_angle.ptnr2_symmetry 
_pdbx_struct_conn_angle.ptnr3_label_atom_id 
_pdbx_struct_conn_angle.ptnr3_label_alt_id 
_pdbx_struct_conn_angle.ptnr3_label_asym_id 
_pdbx_struct_conn_angle.ptnr3_label_comp_id 
_pdbx_struct_conn_angle.ptnr3_label_seq_id 
_pdbx_struct_conn_angle.ptnr3_auth_atom_id 
_pdbx_struct_conn_angle.ptnr3_auth_asym_id 
_pdbx_struct_conn_angle.ptnr3_auth_comp_id 
_pdbx_struct_conn_angle.ptnr3_auth_seq_id 
_pdbx_struct_conn_angle.ptnr3_PDB_ins_code 
_pdbx_struct_conn_angle.ptnr3_symmetry 
_pdbx_struct_conn_angle.value 
_pdbx_struct_conn_angle.value_esd 
1  NE2 ? A HIS 70 ? A HIS 69  ? 1_555 FE ? B HEM . ? A HEM 144 ? 1_555 NA ? B HEM . ? A HEM 144 ? 1_555 96.7  ? 
2  NE2 ? A HIS 70 ? A HIS 69  ? 1_555 FE ? B HEM . ? A HEM 144 ? 1_555 NB ? B HEM . ? A HEM 144 ? 1_555 99.0  ? 
3  NA  ? B HEM .  ? A HEM 144 ? 1_555 FE ? B HEM . ? A HEM 144 ? 1_555 NB ? B HEM . ? A HEM 144 ? 1_555 86.6  ? 
4  NE2 ? A HIS 70 ? A HIS 69  ? 1_555 FE ? B HEM . ? A HEM 144 ? 1_555 NC ? B HEM . ? A HEM 144 ? 1_555 87.2  ? 
5  NA  ? B HEM .  ? A HEM 144 ? 1_555 FE ? B HEM . ? A HEM 144 ? 1_555 NC ? B HEM . ? A HEM 144 ? 1_555 176.1 ? 
6  NB  ? B HEM .  ? A HEM 144 ? 1_555 FE ? B HEM . ? A HEM 144 ? 1_555 NC ? B HEM . ? A HEM 144 ? 1_555 93.2  ? 
7  NE2 ? A HIS 70 ? A HIS 69  ? 1_555 FE ? B HEM . ? A HEM 144 ? 1_555 ND ? B HEM . ? A HEM 144 ? 1_555 84.9  ? 
8  NA  ? B HEM .  ? A HEM 144 ? 1_555 FE ? B HEM . ? A HEM 144 ? 1_555 ND ? B HEM . ? A HEM 144 ? 1_555 92.4  ? 
9  NB  ? B HEM .  ? A HEM 144 ? 1_555 FE ? B HEM . ? A HEM 144 ? 1_555 ND ? B HEM . ? A HEM 144 ? 1_555 176.0 ? 
10 NC  ? B HEM .  ? A HEM 144 ? 1_555 FE ? B HEM . ? A HEM 144 ? 1_555 ND ? B HEM . ? A HEM 144 ? 1_555 87.5  ? 
# 
loop_
_pdbx_audit_revision_history.ordinal 
_pdbx_audit_revision_history.data_content_type 
_pdbx_audit_revision_history.major_revision 
_pdbx_audit_revision_history.minor_revision 
_pdbx_audit_revision_history.revision_date 
1 'Structure model' 1 0 2013-04-17 
2 'Structure model' 1 1 2014-02-05 
3 'Structure model' 1 2 2019-03-06 
4 'Structure model' 1 3 2023-12-20 
# 
_pdbx_audit_revision_details.ordinal             1 
_pdbx_audit_revision_details.revision_ordinal    1 
_pdbx_audit_revision_details.data_content_type   'Structure model' 
_pdbx_audit_revision_details.provider            repository 
_pdbx_audit_revision_details.type                'Initial release' 
_pdbx_audit_revision_details.description         ? 
_pdbx_audit_revision_details.details             ? 
# 
loop_
_pdbx_audit_revision_group.ordinal 
_pdbx_audit_revision_group.revision_ordinal 
_pdbx_audit_revision_group.data_content_type 
_pdbx_audit_revision_group.group 
1  2 'Structure model' 'Database references'      
2  2 'Structure model' 'Source and taxonomy'      
3  3 'Structure model' 'Data collection'          
4  3 'Structure model' 'Experimental preparation' 
5  3 'Structure model' Other                      
6  4 'Structure model' 'Data collection'          
7  4 'Structure model' 'Database references'      
8  4 'Structure model' 'Derived calculations'     
9  4 'Structure model' Other                      
10 4 'Structure model' 'Refinement description'   
# 
loop_
_pdbx_audit_revision_category.ordinal 
_pdbx_audit_revision_category.revision_ordinal 
_pdbx_audit_revision_category.data_content_type 
_pdbx_audit_revision_category.category 
1  3 'Structure model' exptl_crystal_grow            
2  3 'Structure model' pdbx_database_proc            
3  3 'Structure model' pdbx_database_status          
4  4 'Structure model' chem_comp_atom                
5  4 'Structure model' chem_comp_bond                
6  4 'Structure model' database_2                    
7  4 'Structure model' pdbx_database_status          
8  4 'Structure model' pdbx_initial_refinement_model 
9  4 'Structure model' struct_conn                   
10 4 'Structure model' struct_site                   
# 
loop_
_pdbx_audit_revision_item.ordinal 
_pdbx_audit_revision_item.revision_ordinal 
_pdbx_audit_revision_item.data_content_type 
_pdbx_audit_revision_item.item 
1  3 'Structure model' '_exptl_crystal_grow.temp'                    
2  3 'Structure model' '_pdbx_database_status.recvd_author_approval' 
3  4 'Structure model' '_database_2.pdbx_DOI'                        
4  4 'Structure model' '_database_2.pdbx_database_accession'         
5  4 'Structure model' '_pdbx_database_status.status_code_sf'        
6  4 'Structure model' '_struct_conn.ptnr1_auth_comp_id'             
7  4 'Structure model' '_struct_conn.ptnr1_auth_seq_id'              
8  4 'Structure model' '_struct_conn.ptnr1_label_asym_id'            
9  4 'Structure model' '_struct_conn.ptnr1_label_atom_id'            
10 4 'Structure model' '_struct_conn.ptnr1_label_comp_id'            
11 4 'Structure model' '_struct_conn.ptnr1_label_seq_id'             
12 4 'Structure model' '_struct_conn.ptnr2_auth_comp_id'             
13 4 'Structure model' '_struct_conn.ptnr2_auth_seq_id'              
14 4 'Structure model' '_struct_conn.ptnr2_label_asym_id'            
15 4 'Structure model' '_struct_conn.ptnr2_label_atom_id'            
16 4 'Structure model' '_struct_conn.ptnr2_label_comp_id'            
17 4 'Structure model' '_struct_conn.ptnr2_label_seq_id'             
18 4 'Structure model' '_struct_site.pdbx_auth_asym_id'              
19 4 'Structure model' '_struct_site.pdbx_auth_comp_id'              
20 4 'Structure model' '_struct_site.pdbx_auth_seq_id'               
# 
loop_
_software.name 
_software.classification 
_software.version 
_software.citation_id 
_software.pdbx_ordinal 
REFMAC refinement       5.5.0102 ? 1 
MOSFLM 'data reduction' .        ? 2 
SCALA  'data scaling'   .        ? 3 
MOLREP phasing          .        ? 4 
# 
_pdbx_distant_solvent_atoms.id                                1 
_pdbx_distant_solvent_atoms.PDB_model_num                     1 
_pdbx_distant_solvent_atoms.auth_atom_id                      O 
_pdbx_distant_solvent_atoms.label_alt_id                      ? 
_pdbx_distant_solvent_atoms.auth_asym_id                      A 
_pdbx_distant_solvent_atoms.auth_comp_id                      HOH 
_pdbx_distant_solvent_atoms.auth_seq_id                       2081 
_pdbx_distant_solvent_atoms.PDB_ins_code                      ? 
_pdbx_distant_solvent_atoms.neighbor_macromolecule_distance   6.20 
_pdbx_distant_solvent_atoms.neighbor_ligand_distance          . 
# 
loop_
_chem_comp_atom.comp_id 
_chem_comp_atom.atom_id 
_chem_comp_atom.type_symbol 
_chem_comp_atom.pdbx_aromatic_flag 
_chem_comp_atom.pdbx_stereo_config 
_chem_comp_atom.pdbx_ordinal 
ACT C    C  N N 1   
ACT O    O  N N 2   
ACT OXT  O  N N 3   
ACT CH3  C  N N 4   
ACT H1   H  N N 5   
ACT H2   H  N N 6   
ACT H3   H  N N 7   
ALA N    N  N N 8   
ALA CA   C  N S 9   
ALA C    C  N N 10  
ALA O    O  N N 11  
ALA CB   C  N N 12  
ALA OXT  O  N N 13  
ALA H    H  N N 14  
ALA H2   H  N N 15  
ALA HA   H  N N 16  
ALA HB1  H  N N 17  
ALA HB2  H  N N 18  
ALA HB3  H  N N 19  
ALA HXT  H  N N 20  
ARG N    N  N N 21  
ARG CA   C  N S 22  
ARG C    C  N N 23  
ARG O    O  N N 24  
ARG CB   C  N N 25  
ARG CG   C  N N 26  
ARG CD   C  N N 27  
ARG NE   N  N N 28  
ARG CZ   C  N N 29  
ARG NH1  N  N N 30  
ARG NH2  N  N N 31  
ARG OXT  O  N N 32  
ARG H    H  N N 33  
ARG H2   H  N N 34  
ARG HA   H  N N 35  
ARG HB2  H  N N 36  
ARG HB3  H  N N 37  
ARG HG2  H  N N 38  
ARG HG3  H  N N 39  
ARG HD2  H  N N 40  
ARG HD3  H  N N 41  
ARG HE   H  N N 42  
ARG HH11 H  N N 43  
ARG HH12 H  N N 44  
ARG HH21 H  N N 45  
ARG HH22 H  N N 46  
ARG HXT  H  N N 47  
ASN N    N  N N 48  
ASN CA   C  N S 49  
ASN C    C  N N 50  
ASN O    O  N N 51  
ASN CB   C  N N 52  
ASN CG   C  N N 53  
ASN OD1  O  N N 54  
ASN ND2  N  N N 55  
ASN OXT  O  N N 56  
ASN H    H  N N 57  
ASN H2   H  N N 58  
ASN HA   H  N N 59  
ASN HB2  H  N N 60  
ASN HB3  H  N N 61  
ASN HD21 H  N N 62  
ASN HD22 H  N N 63  
ASN HXT  H  N N 64  
ASP N    N  N N 65  
ASP CA   C  N S 66  
ASP C    C  N N 67  
ASP O    O  N N 68  
ASP CB   C  N N 69  
ASP CG   C  N N 70  
ASP OD1  O  N N 71  
ASP OD2  O  N N 72  
ASP OXT  O  N N 73  
ASP H    H  N N 74  
ASP H2   H  N N 75  
ASP HA   H  N N 76  
ASP HB2  H  N N 77  
ASP HB3  H  N N 78  
ASP HD2  H  N N 79  
ASP HXT  H  N N 80  
CYS N    N  N N 81  
CYS CA   C  N R 82  
CYS C    C  N N 83  
CYS O    O  N N 84  
CYS CB   C  N N 85  
CYS SG   S  N N 86  
CYS OXT  O  N N 87  
CYS H    H  N N 88  
CYS H2   H  N N 89  
CYS HA   H  N N 90  
CYS HB2  H  N N 91  
CYS HB3  H  N N 92  
CYS HG   H  N N 93  
CYS HXT  H  N N 94  
GLN N    N  N N 95  
GLN CA   C  N S 96  
GLN C    C  N N 97  
GLN O    O  N N 98  
GLN CB   C  N N 99  
GLN CG   C  N N 100 
GLN CD   C  N N 101 
GLN OE1  O  N N 102 
GLN NE2  N  N N 103 
GLN OXT  O  N N 104 
GLN H    H  N N 105 
GLN H2   H  N N 106 
GLN HA   H  N N 107 
GLN HB2  H  N N 108 
GLN HB3  H  N N 109 
GLN HG2  H  N N 110 
GLN HG3  H  N N 111 
GLN HE21 H  N N 112 
GLN HE22 H  N N 113 
GLN HXT  H  N N 114 
GLU N    N  N N 115 
GLU CA   C  N S 116 
GLU C    C  N N 117 
GLU O    O  N N 118 
GLU CB   C  N N 119 
GLU CG   C  N N 120 
GLU CD   C  N N 121 
GLU OE1  O  N N 122 
GLU OE2  O  N N 123 
GLU OXT  O  N N 124 
GLU H    H  N N 125 
GLU H2   H  N N 126 
GLU HA   H  N N 127 
GLU HB2  H  N N 128 
GLU HB3  H  N N 129 
GLU HG2  H  N N 130 
GLU HG3  H  N N 131 
GLU HE2  H  N N 132 
GLU HXT  H  N N 133 
GLY N    N  N N 134 
GLY CA   C  N N 135 
GLY C    C  N N 136 
GLY O    O  N N 137 
GLY OXT  O  N N 138 
GLY H    H  N N 139 
GLY H2   H  N N 140 
GLY HA2  H  N N 141 
GLY HA3  H  N N 142 
GLY HXT  H  N N 143 
GOL C1   C  N N 144 
GOL O1   O  N N 145 
GOL C2   C  N N 146 
GOL O2   O  N N 147 
GOL C3   C  N N 148 
GOL O3   O  N N 149 
GOL H11  H  N N 150 
GOL H12  H  N N 151 
GOL HO1  H  N N 152 
GOL H2   H  N N 153 
GOL HO2  H  N N 154 
GOL H31  H  N N 155 
GOL H32  H  N N 156 
GOL HO3  H  N N 157 
HEM CHA  C  N N 158 
HEM CHB  C  N N 159 
HEM CHC  C  N N 160 
HEM CHD  C  N N 161 
HEM C1A  C  Y N 162 
HEM C2A  C  Y N 163 
HEM C3A  C  Y N 164 
HEM C4A  C  Y N 165 
HEM CMA  C  N N 166 
HEM CAA  C  N N 167 
HEM CBA  C  N N 168 
HEM CGA  C  N N 169 
HEM O1A  O  N N 170 
HEM O2A  O  N N 171 
HEM C1B  C  N N 172 
HEM C2B  C  N N 173 
HEM C3B  C  N N 174 
HEM C4B  C  N N 175 
HEM CMB  C  N N 176 
HEM CAB  C  N N 177 
HEM CBB  C  N N 178 
HEM C1C  C  Y N 179 
HEM C2C  C  Y N 180 
HEM C3C  C  Y N 181 
HEM C4C  C  Y N 182 
HEM CMC  C  N N 183 
HEM CAC  C  N N 184 
HEM CBC  C  N N 185 
HEM C1D  C  N N 186 
HEM C2D  C  N N 187 
HEM C3D  C  N N 188 
HEM C4D  C  N N 189 
HEM CMD  C  N N 190 
HEM CAD  C  N N 191 
HEM CBD  C  N N 192 
HEM CGD  C  N N 193 
HEM O1D  O  N N 194 
HEM O2D  O  N N 195 
HEM NA   N  Y N 196 
HEM NB   N  N N 197 
HEM NC   N  Y N 198 
HEM ND   N  N N 199 
HEM FE   FE N N 200 
HEM HHB  H  N N 201 
HEM HHC  H  N N 202 
HEM HHD  H  N N 203 
HEM HMA  H  N N 204 
HEM HMAA H  N N 205 
HEM HMAB H  N N 206 
HEM HAA  H  N N 207 
HEM HAAA H  N N 208 
HEM HBA  H  N N 209 
HEM HBAA H  N N 210 
HEM HMB  H  N N 211 
HEM HMBA H  N N 212 
HEM HMBB H  N N 213 
HEM HAB  H  N N 214 
HEM HBB  H  N N 215 
HEM HBBA H  N N 216 
HEM HMC  H  N N 217 
HEM HMCA H  N N 218 
HEM HMCB H  N N 219 
HEM HAC  H  N N 220 
HEM HBC  H  N N 221 
HEM HBCA H  N N 222 
HEM HMD  H  N N 223 
HEM HMDA H  N N 224 
HEM HMDB H  N N 225 
HEM HAD  H  N N 226 
HEM HADA H  N N 227 
HEM HBD  H  N N 228 
HEM HBDA H  N N 229 
HEM H2A  H  N N 230 
HEM H2D  H  N N 231 
HEM HHA  H  N N 232 
HIS N    N  N N 233 
HIS CA   C  N S 234 
HIS C    C  N N 235 
HIS O    O  N N 236 
HIS CB   C  N N 237 
HIS CG   C  Y N 238 
HIS ND1  N  Y N 239 
HIS CD2  C  Y N 240 
HIS CE1  C  Y N 241 
HIS NE2  N  Y N 242 
HIS OXT  O  N N 243 
HIS H    H  N N 244 
HIS H2   H  N N 245 
HIS HA   H  N N 246 
HIS HB2  H  N N 247 
HIS HB3  H  N N 248 
HIS HD1  H  N N 249 
HIS HD2  H  N N 250 
HIS HE1  H  N N 251 
HIS HE2  H  N N 252 
HIS HXT  H  N N 253 
HOH O    O  N N 254 
HOH H1   H  N N 255 
HOH H2   H  N N 256 
ILE N    N  N N 257 
ILE CA   C  N S 258 
ILE C    C  N N 259 
ILE O    O  N N 260 
ILE CB   C  N S 261 
ILE CG1  C  N N 262 
ILE CG2  C  N N 263 
ILE CD1  C  N N 264 
ILE OXT  O  N N 265 
ILE H    H  N N 266 
ILE H2   H  N N 267 
ILE HA   H  N N 268 
ILE HB   H  N N 269 
ILE HG12 H  N N 270 
ILE HG13 H  N N 271 
ILE HG21 H  N N 272 
ILE HG22 H  N N 273 
ILE HG23 H  N N 274 
ILE HD11 H  N N 275 
ILE HD12 H  N N 276 
ILE HD13 H  N N 277 
ILE HXT  H  N N 278 
LEU N    N  N N 279 
LEU CA   C  N S 280 
LEU C    C  N N 281 
LEU O    O  N N 282 
LEU CB   C  N N 283 
LEU CG   C  N N 284 
LEU CD1  C  N N 285 
LEU CD2  C  N N 286 
LEU OXT  O  N N 287 
LEU H    H  N N 288 
LEU H2   H  N N 289 
LEU HA   H  N N 290 
LEU HB2  H  N N 291 
LEU HB3  H  N N 292 
LEU HG   H  N N 293 
LEU HD11 H  N N 294 
LEU HD12 H  N N 295 
LEU HD13 H  N N 296 
LEU HD21 H  N N 297 
LEU HD22 H  N N 298 
LEU HD23 H  N N 299 
LEU HXT  H  N N 300 
LYS N    N  N N 301 
LYS CA   C  N S 302 
LYS C    C  N N 303 
LYS O    O  N N 304 
LYS CB   C  N N 305 
LYS CG   C  N N 306 
LYS CD   C  N N 307 
LYS CE   C  N N 308 
LYS NZ   N  N N 309 
LYS OXT  O  N N 310 
LYS H    H  N N 311 
LYS H2   H  N N 312 
LYS HA   H  N N 313 
LYS HB2  H  N N 314 
LYS HB3  H  N N 315 
LYS HG2  H  N N 316 
LYS HG3  H  N N 317 
LYS HD2  H  N N 318 
LYS HD3  H  N N 319 
LYS HE2  H  N N 320 
LYS HE3  H  N N 321 
LYS HZ1  H  N N 322 
LYS HZ2  H  N N 323 
LYS HZ3  H  N N 324 
LYS HXT  H  N N 325 
MET N    N  N N 326 
MET CA   C  N S 327 
MET C    C  N N 328 
MET O    O  N N 329 
MET CB   C  N N 330 
MET CG   C  N N 331 
MET SD   S  N N 332 
MET CE   C  N N 333 
MET OXT  O  N N 334 
MET H    H  N N 335 
MET H2   H  N N 336 
MET HA   H  N N 337 
MET HB2  H  N N 338 
MET HB3  H  N N 339 
MET HG2  H  N N 340 
MET HG3  H  N N 341 
MET HE1  H  N N 342 
MET HE2  H  N N 343 
MET HE3  H  N N 344 
MET HXT  H  N N 345 
PHE N    N  N N 346 
PHE CA   C  N S 347 
PHE C    C  N N 348 
PHE O    O  N N 349 
PHE CB   C  N N 350 
PHE CG   C  Y N 351 
PHE CD1  C  Y N 352 
PHE CD2  C  Y N 353 
PHE CE1  C  Y N 354 
PHE CE2  C  Y N 355 
PHE CZ   C  Y N 356 
PHE OXT  O  N N 357 
PHE H    H  N N 358 
PHE H2   H  N N 359 
PHE HA   H  N N 360 
PHE HB2  H  N N 361 
PHE HB3  H  N N 362 
PHE HD1  H  N N 363 
PHE HD2  H  N N 364 
PHE HE1  H  N N 365 
PHE HE2  H  N N 366 
PHE HZ   H  N N 367 
PHE HXT  H  N N 368 
PRO N    N  N N 369 
PRO CA   C  N S 370 
PRO C    C  N N 371 
PRO O    O  N N 372 
PRO CB   C  N N 373 
PRO CG   C  N N 374 
PRO CD   C  N N 375 
PRO OXT  O  N N 376 
PRO H    H  N N 377 
PRO HA   H  N N 378 
PRO HB2  H  N N 379 
PRO HB3  H  N N 380 
PRO HG2  H  N N 381 
PRO HG3  H  N N 382 
PRO HD2  H  N N 383 
PRO HD3  H  N N 384 
PRO HXT  H  N N 385 
SER N    N  N N 386 
SER CA   C  N S 387 
SER C    C  N N 388 
SER O    O  N N 389 
SER CB   C  N N 390 
SER OG   O  N N 391 
SER OXT  O  N N 392 
SER H    H  N N 393 
SER H2   H  N N 394 
SER HA   H  N N 395 
SER HB2  H  N N 396 
SER HB3  H  N N 397 
SER HG   H  N N 398 
SER HXT  H  N N 399 
SO4 S    S  N N 400 
SO4 O1   O  N N 401 
SO4 O2   O  N N 402 
SO4 O3   O  N N 403 
SO4 O4   O  N N 404 
THR N    N  N N 405 
THR CA   C  N S 406 
THR C    C  N N 407 
THR O    O  N N 408 
THR CB   C  N R 409 
THR OG1  O  N N 410 
THR CG2  C  N N 411 
THR OXT  O  N N 412 
THR H    H  N N 413 
THR H2   H  N N 414 
THR HA   H  N N 415 
THR HB   H  N N 416 
THR HG1  H  N N 417 
THR HG21 H  N N 418 
THR HG22 H  N N 419 
THR HG23 H  N N 420 
THR HXT  H  N N 421 
TRP N    N  N N 422 
TRP CA   C  N S 423 
TRP C    C  N N 424 
TRP O    O  N N 425 
TRP CB   C  N N 426 
TRP CG   C  Y N 427 
TRP CD1  C  Y N 428 
TRP CD2  C  Y N 429 
TRP NE1  N  Y N 430 
TRP CE2  C  Y N 431 
TRP CE3  C  Y N 432 
TRP CZ2  C  Y N 433 
TRP CZ3  C  Y N 434 
TRP CH2  C  Y N 435 
TRP OXT  O  N N 436 
TRP H    H  N N 437 
TRP H2   H  N N 438 
TRP HA   H  N N 439 
TRP HB2  H  N N 440 
TRP HB3  H  N N 441 
TRP HD1  H  N N 442 
TRP HE1  H  N N 443 
TRP HE3  H  N N 444 
TRP HZ2  H  N N 445 
TRP HZ3  H  N N 446 
TRP HH2  H  N N 447 
TRP HXT  H  N N 448 
TYR N    N  N N 449 
TYR CA   C  N S 450 
TYR C    C  N N 451 
TYR O    O  N N 452 
TYR CB   C  N N 453 
TYR CG   C  Y N 454 
TYR CD1  C  Y N 455 
TYR CD2  C  Y N 456 
TYR CE1  C  Y N 457 
TYR CE2  C  Y N 458 
TYR CZ   C  Y N 459 
TYR OH   O  N N 460 
TYR OXT  O  N N 461 
TYR H    H  N N 462 
TYR H2   H  N N 463 
TYR HA   H  N N 464 
TYR HB2  H  N N 465 
TYR HB3  H  N N 466 
TYR HD1  H  N N 467 
TYR HD2  H  N N 468 
TYR HE1  H  N N 469 
TYR HE2  H  N N 470 
TYR HH   H  N N 471 
TYR HXT  H  N N 472 
VAL N    N  N N 473 
VAL CA   C  N S 474 
VAL C    C  N N 475 
VAL O    O  N N 476 
VAL CB   C  N N 477 
VAL CG1  C  N N 478 
VAL CG2  C  N N 479 
VAL OXT  O  N N 480 
VAL H    H  N N 481 
VAL H2   H  N N 482 
VAL HA   H  N N 483 
VAL HB   H  N N 484 
VAL HG11 H  N N 485 
VAL HG12 H  N N 486 
VAL HG13 H  N N 487 
VAL HG21 H  N N 488 
VAL HG22 H  N N 489 
VAL HG23 H  N N 490 
VAL HXT  H  N N 491 
# 
loop_
_chem_comp_bond.comp_id 
_chem_comp_bond.atom_id_1 
_chem_comp_bond.atom_id_2 
_chem_comp_bond.value_order 
_chem_comp_bond.pdbx_aromatic_flag 
_chem_comp_bond.pdbx_stereo_config 
_chem_comp_bond.pdbx_ordinal 
ACT C   O    doub N N 1   
ACT C   OXT  sing N N 2   
ACT C   CH3  sing N N 3   
ACT CH3 H1   sing N N 4   
ACT CH3 H2   sing N N 5   
ACT CH3 H3   sing N N 6   
ALA N   CA   sing N N 7   
ALA N   H    sing N N 8   
ALA N   H2   sing N N 9   
ALA CA  C    sing N N 10  
ALA CA  CB   sing N N 11  
ALA CA  HA   sing N N 12  
ALA C   O    doub N N 13  
ALA C   OXT  sing N N 14  
ALA CB  HB1  sing N N 15  
ALA CB  HB2  sing N N 16  
ALA CB  HB3  sing N N 17  
ALA OXT HXT  sing N N 18  
ARG N   CA   sing N N 19  
ARG N   H    sing N N 20  
ARG N   H2   sing N N 21  
ARG CA  C    sing N N 22  
ARG CA  CB   sing N N 23  
ARG CA  HA   sing N N 24  
ARG C   O    doub N N 25  
ARG C   OXT  sing N N 26  
ARG CB  CG   sing N N 27  
ARG CB  HB2  sing N N 28  
ARG CB  HB3  sing N N 29  
ARG CG  CD   sing N N 30  
ARG CG  HG2  sing N N 31  
ARG CG  HG3  sing N N 32  
ARG CD  NE   sing N N 33  
ARG CD  HD2  sing N N 34  
ARG CD  HD3  sing N N 35  
ARG NE  CZ   sing N N 36  
ARG NE  HE   sing N N 37  
ARG CZ  NH1  sing N N 38  
ARG CZ  NH2  doub N N 39  
ARG NH1 HH11 sing N N 40  
ARG NH1 HH12 sing N N 41  
ARG NH2 HH21 sing N N 42  
ARG NH2 HH22 sing N N 43  
ARG OXT HXT  sing N N 44  
ASN N   CA   sing N N 45  
ASN N   H    sing N N 46  
ASN N   H2   sing N N 47  
ASN CA  C    sing N N 48  
ASN CA  CB   sing N N 49  
ASN CA  HA   sing N N 50  
ASN C   O    doub N N 51  
ASN C   OXT  sing N N 52  
ASN CB  CG   sing N N 53  
ASN CB  HB2  sing N N 54  
ASN CB  HB3  sing N N 55  
ASN CG  OD1  doub N N 56  
ASN CG  ND2  sing N N 57  
ASN ND2 HD21 sing N N 58  
ASN ND2 HD22 sing N N 59  
ASN OXT HXT  sing N N 60  
ASP N   CA   sing N N 61  
ASP N   H    sing N N 62  
ASP N   H2   sing N N 63  
ASP CA  C    sing N N 64  
ASP CA  CB   sing N N 65  
ASP CA  HA   sing N N 66  
ASP C   O    doub N N 67  
ASP C   OXT  sing N N 68  
ASP CB  CG   sing N N 69  
ASP CB  HB2  sing N N 70  
ASP CB  HB3  sing N N 71  
ASP CG  OD1  doub N N 72  
ASP CG  OD2  sing N N 73  
ASP OD2 HD2  sing N N 74  
ASP OXT HXT  sing N N 75  
CYS N   CA   sing N N 76  
CYS N   H    sing N N 77  
CYS N   H2   sing N N 78  
CYS CA  C    sing N N 79  
CYS CA  CB   sing N N 80  
CYS CA  HA   sing N N 81  
CYS C   O    doub N N 82  
CYS C   OXT  sing N N 83  
CYS CB  SG   sing N N 84  
CYS CB  HB2  sing N N 85  
CYS CB  HB3  sing N N 86  
CYS SG  HG   sing N N 87  
CYS OXT HXT  sing N N 88  
GLN N   CA   sing N N 89  
GLN N   H    sing N N 90  
GLN N   H2   sing N N 91  
GLN CA  C    sing N N 92  
GLN CA  CB   sing N N 93  
GLN CA  HA   sing N N 94  
GLN C   O    doub N N 95  
GLN C   OXT  sing N N 96  
GLN CB  CG   sing N N 97  
GLN CB  HB2  sing N N 98  
GLN CB  HB3  sing N N 99  
GLN CG  CD   sing N N 100 
GLN CG  HG2  sing N N 101 
GLN CG  HG3  sing N N 102 
GLN CD  OE1  doub N N 103 
GLN CD  NE2  sing N N 104 
GLN NE2 HE21 sing N N 105 
GLN NE2 HE22 sing N N 106 
GLN OXT HXT  sing N N 107 
GLU N   CA   sing N N 108 
GLU N   H    sing N N 109 
GLU N   H2   sing N N 110 
GLU CA  C    sing N N 111 
GLU CA  CB   sing N N 112 
GLU CA  HA   sing N N 113 
GLU C   O    doub N N 114 
GLU C   OXT  sing N N 115 
GLU CB  CG   sing N N 116 
GLU CB  HB2  sing N N 117 
GLU CB  HB3  sing N N 118 
GLU CG  CD   sing N N 119 
GLU CG  HG2  sing N N 120 
GLU CG  HG3  sing N N 121 
GLU CD  OE1  doub N N 122 
GLU CD  OE2  sing N N 123 
GLU OE2 HE2  sing N N 124 
GLU OXT HXT  sing N N 125 
GLY N   CA   sing N N 126 
GLY N   H    sing N N 127 
GLY N   H2   sing N N 128 
GLY CA  C    sing N N 129 
GLY CA  HA2  sing N N 130 
GLY CA  HA3  sing N N 131 
GLY C   O    doub N N 132 
GLY C   OXT  sing N N 133 
GLY OXT HXT  sing N N 134 
GOL C1  O1   sing N N 135 
GOL C1  C2   sing N N 136 
GOL C1  H11  sing N N 137 
GOL C1  H12  sing N N 138 
GOL O1  HO1  sing N N 139 
GOL C2  O2   sing N N 140 
GOL C2  C3   sing N N 141 
GOL C2  H2   sing N N 142 
GOL O2  HO2  sing N N 143 
GOL C3  O3   sing N N 144 
GOL C3  H31  sing N N 145 
GOL C3  H32  sing N N 146 
GOL O3  HO3  sing N N 147 
HEM CHA C1A  sing N N 148 
HEM CHA C4D  doub N N 149 
HEM CHA HHA  sing N N 150 
HEM CHB C4A  sing N N 151 
HEM CHB C1B  doub N N 152 
HEM CHB HHB  sing N N 153 
HEM CHC C4B  sing N N 154 
HEM CHC C1C  doub N N 155 
HEM CHC HHC  sing N N 156 
HEM CHD C4C  doub N N 157 
HEM CHD C1D  sing N N 158 
HEM CHD HHD  sing N N 159 
HEM C1A C2A  doub Y N 160 
HEM C1A NA   sing Y N 161 
HEM C2A C3A  sing Y N 162 
HEM C2A CAA  sing N N 163 
HEM C3A C4A  doub Y N 164 
HEM C3A CMA  sing N N 165 
HEM C4A NA   sing Y N 166 
HEM CMA HMA  sing N N 167 
HEM CMA HMAA sing N N 168 
HEM CMA HMAB sing N N 169 
HEM CAA CBA  sing N N 170 
HEM CAA HAA  sing N N 171 
HEM CAA HAAA sing N N 172 
HEM CBA CGA  sing N N 173 
HEM CBA HBA  sing N N 174 
HEM CBA HBAA sing N N 175 
HEM CGA O1A  doub N N 176 
HEM CGA O2A  sing N N 177 
HEM C1B C2B  sing N N 178 
HEM C1B NB   sing N N 179 
HEM C2B C3B  doub N N 180 
HEM C2B CMB  sing N N 181 
HEM C3B C4B  sing N N 182 
HEM C3B CAB  sing N N 183 
HEM C4B NB   doub N N 184 
HEM CMB HMB  sing N N 185 
HEM CMB HMBA sing N N 186 
HEM CMB HMBB sing N N 187 
HEM CAB CBB  doub N N 188 
HEM CAB HAB  sing N N 189 
HEM CBB HBB  sing N N 190 
HEM CBB HBBA sing N N 191 
HEM C1C C2C  sing Y N 192 
HEM C1C NC   sing Y N 193 
HEM C2C C3C  doub Y N 194 
HEM C2C CMC  sing N N 195 
HEM C3C C4C  sing Y N 196 
HEM C3C CAC  sing N N 197 
HEM C4C NC   sing Y N 198 
HEM CMC HMC  sing N N 199 
HEM CMC HMCA sing N N 200 
HEM CMC HMCB sing N N 201 
HEM CAC CBC  doub N N 202 
HEM CAC HAC  sing N N 203 
HEM CBC HBC  sing N N 204 
HEM CBC HBCA sing N N 205 
HEM C1D C2D  sing N N 206 
HEM C1D ND   doub N N 207 
HEM C2D C3D  doub N N 208 
HEM C2D CMD  sing N N 209 
HEM C3D C4D  sing N N 210 
HEM C3D CAD  sing N N 211 
HEM C4D ND   sing N N 212 
HEM CMD HMD  sing N N 213 
HEM CMD HMDA sing N N 214 
HEM CMD HMDB sing N N 215 
HEM CAD CBD  sing N N 216 
HEM CAD HAD  sing N N 217 
HEM CAD HADA sing N N 218 
HEM CBD CGD  sing N N 219 
HEM CBD HBD  sing N N 220 
HEM CBD HBDA sing N N 221 
HEM CGD O1D  doub N N 222 
HEM CGD O2D  sing N N 223 
HEM O2A H2A  sing N N 224 
HEM O2D H2D  sing N N 225 
HEM FE  NA   sing N N 226 
HEM FE  NB   sing N N 227 
HEM FE  NC   sing N N 228 
HEM FE  ND   sing N N 229 
HIS N   CA   sing N N 230 
HIS N   H    sing N N 231 
HIS N   H2   sing N N 232 
HIS CA  C    sing N N 233 
HIS CA  CB   sing N N 234 
HIS CA  HA   sing N N 235 
HIS C   O    doub N N 236 
HIS C   OXT  sing N N 237 
HIS CB  CG   sing N N 238 
HIS CB  HB2  sing N N 239 
HIS CB  HB3  sing N N 240 
HIS CG  ND1  sing Y N 241 
HIS CG  CD2  doub Y N 242 
HIS ND1 CE1  doub Y N 243 
HIS ND1 HD1  sing N N 244 
HIS CD2 NE2  sing Y N 245 
HIS CD2 HD2  sing N N 246 
HIS CE1 NE2  sing Y N 247 
HIS CE1 HE1  sing N N 248 
HIS NE2 HE2  sing N N 249 
HIS OXT HXT  sing N N 250 
HOH O   H1   sing N N 251 
HOH O   H2   sing N N 252 
ILE N   CA   sing N N 253 
ILE N   H    sing N N 254 
ILE N   H2   sing N N 255 
ILE CA  C    sing N N 256 
ILE CA  CB   sing N N 257 
ILE CA  HA   sing N N 258 
ILE C   O    doub N N 259 
ILE C   OXT  sing N N 260 
ILE CB  CG1  sing N N 261 
ILE CB  CG2  sing N N 262 
ILE CB  HB   sing N N 263 
ILE CG1 CD1  sing N N 264 
ILE CG1 HG12 sing N N 265 
ILE CG1 HG13 sing N N 266 
ILE CG2 HG21 sing N N 267 
ILE CG2 HG22 sing N N 268 
ILE CG2 HG23 sing N N 269 
ILE CD1 HD11 sing N N 270 
ILE CD1 HD12 sing N N 271 
ILE CD1 HD13 sing N N 272 
ILE OXT HXT  sing N N 273 
LEU N   CA   sing N N 274 
LEU N   H    sing N N 275 
LEU N   H2   sing N N 276 
LEU CA  C    sing N N 277 
LEU CA  CB   sing N N 278 
LEU CA  HA   sing N N 279 
LEU C   O    doub N N 280 
LEU C   OXT  sing N N 281 
LEU CB  CG   sing N N 282 
LEU CB  HB2  sing N N 283 
LEU CB  HB3  sing N N 284 
LEU CG  CD1  sing N N 285 
LEU CG  CD2  sing N N 286 
LEU CG  HG   sing N N 287 
LEU CD1 HD11 sing N N 288 
LEU CD1 HD12 sing N N 289 
LEU CD1 HD13 sing N N 290 
LEU CD2 HD21 sing N N 291 
LEU CD2 HD22 sing N N 292 
LEU CD2 HD23 sing N N 293 
LEU OXT HXT  sing N N 294 
LYS N   CA   sing N N 295 
LYS N   H    sing N N 296 
LYS N   H2   sing N N 297 
LYS CA  C    sing N N 298 
LYS CA  CB   sing N N 299 
LYS CA  HA   sing N N 300 
LYS C   O    doub N N 301 
LYS C   OXT  sing N N 302 
LYS CB  CG   sing N N 303 
LYS CB  HB2  sing N N 304 
LYS CB  HB3  sing N N 305 
LYS CG  CD   sing N N 306 
LYS CG  HG2  sing N N 307 
LYS CG  HG3  sing N N 308 
LYS CD  CE   sing N N 309 
LYS CD  HD2  sing N N 310 
LYS CD  HD3  sing N N 311 
LYS CE  NZ   sing N N 312 
LYS CE  HE2  sing N N 313 
LYS CE  HE3  sing N N 314 
LYS NZ  HZ1  sing N N 315 
LYS NZ  HZ2  sing N N 316 
LYS NZ  HZ3  sing N N 317 
LYS OXT HXT  sing N N 318 
MET N   CA   sing N N 319 
MET N   H    sing N N 320 
MET N   H2   sing N N 321 
MET CA  C    sing N N 322 
MET CA  CB   sing N N 323 
MET CA  HA   sing N N 324 
MET C   O    doub N N 325 
MET C   OXT  sing N N 326 
MET CB  CG   sing N N 327 
MET CB  HB2  sing N N 328 
MET CB  HB3  sing N N 329 
MET CG  SD   sing N N 330 
MET CG  HG2  sing N N 331 
MET CG  HG3  sing N N 332 
MET SD  CE   sing N N 333 
MET CE  HE1  sing N N 334 
MET CE  HE2  sing N N 335 
MET CE  HE3  sing N N 336 
MET OXT HXT  sing N N 337 
PHE N   CA   sing N N 338 
PHE N   H    sing N N 339 
PHE N   H2   sing N N 340 
PHE CA  C    sing N N 341 
PHE CA  CB   sing N N 342 
PHE CA  HA   sing N N 343 
PHE C   O    doub N N 344 
PHE C   OXT  sing N N 345 
PHE CB  CG   sing N N 346 
PHE CB  HB2  sing N N 347 
PHE CB  HB3  sing N N 348 
PHE CG  CD1  doub Y N 349 
PHE CG  CD2  sing Y N 350 
PHE CD1 CE1  sing Y N 351 
PHE CD1 HD1  sing N N 352 
PHE CD2 CE2  doub Y N 353 
PHE CD2 HD2  sing N N 354 
PHE CE1 CZ   doub Y N 355 
PHE CE1 HE1  sing N N 356 
PHE CE2 CZ   sing Y N 357 
PHE CE2 HE2  sing N N 358 
PHE CZ  HZ   sing N N 359 
PHE OXT HXT  sing N N 360 
PRO N   CA   sing N N 361 
PRO N   CD   sing N N 362 
PRO N   H    sing N N 363 
PRO CA  C    sing N N 364 
PRO CA  CB   sing N N 365 
PRO CA  HA   sing N N 366 
PRO C   O    doub N N 367 
PRO C   OXT  sing N N 368 
PRO CB  CG   sing N N 369 
PRO CB  HB2  sing N N 370 
PRO CB  HB3  sing N N 371 
PRO CG  CD   sing N N 372 
PRO CG  HG2  sing N N 373 
PRO CG  HG3  sing N N 374 
PRO CD  HD2  sing N N 375 
PRO CD  HD3  sing N N 376 
PRO OXT HXT  sing N N 377 
SER N   CA   sing N N 378 
SER N   H    sing N N 379 
SER N   H2   sing N N 380 
SER CA  C    sing N N 381 
SER CA  CB   sing N N 382 
SER CA  HA   sing N N 383 
SER C   O    doub N N 384 
SER C   OXT  sing N N 385 
SER CB  OG   sing N N 386 
SER CB  HB2  sing N N 387 
SER CB  HB3  sing N N 388 
SER OG  HG   sing N N 389 
SER OXT HXT  sing N N 390 
SO4 S   O1   doub N N 391 
SO4 S   O2   doub N N 392 
SO4 S   O3   sing N N 393 
SO4 S   O4   sing N N 394 
THR N   CA   sing N N 395 
THR N   H    sing N N 396 
THR N   H2   sing N N 397 
THR CA  C    sing N N 398 
THR CA  CB   sing N N 399 
THR CA  HA   sing N N 400 
THR C   O    doub N N 401 
THR C   OXT  sing N N 402 
THR CB  OG1  sing N N 403 
THR CB  CG2  sing N N 404 
THR CB  HB   sing N N 405 
THR OG1 HG1  sing N N 406 
THR CG2 HG21 sing N N 407 
THR CG2 HG22 sing N N 408 
THR CG2 HG23 sing N N 409 
THR OXT HXT  sing N N 410 
TRP N   CA   sing N N 411 
TRP N   H    sing N N 412 
TRP N   H2   sing N N 413 
TRP CA  C    sing N N 414 
TRP CA  CB   sing N N 415 
TRP CA  HA   sing N N 416 
TRP C   O    doub N N 417 
TRP C   OXT  sing N N 418 
TRP CB  CG   sing N N 419 
TRP CB  HB2  sing N N 420 
TRP CB  HB3  sing N N 421 
TRP CG  CD1  doub Y N 422 
TRP CG  CD2  sing Y N 423 
TRP CD1 NE1  sing Y N 424 
TRP CD1 HD1  sing N N 425 
TRP CD2 CE2  doub Y N 426 
TRP CD2 CE3  sing Y N 427 
TRP NE1 CE2  sing Y N 428 
TRP NE1 HE1  sing N N 429 
TRP CE2 CZ2  sing Y N 430 
TRP CE3 CZ3  doub Y N 431 
TRP CE3 HE3  sing N N 432 
TRP CZ2 CH2  doub Y N 433 
TRP CZ2 HZ2  sing N N 434 
TRP CZ3 CH2  sing Y N 435 
TRP CZ3 HZ3  sing N N 436 
TRP CH2 HH2  sing N N 437 
TRP OXT HXT  sing N N 438 
TYR N   CA   sing N N 439 
TYR N   H    sing N N 440 
TYR N   H2   sing N N 441 
TYR CA  C    sing N N 442 
TYR CA  CB   sing N N 443 
TYR CA  HA   sing N N 444 
TYR C   O    doub N N 445 
TYR C   OXT  sing N N 446 
TYR CB  CG   sing N N 447 
TYR CB  HB2  sing N N 448 
TYR CB  HB3  sing N N 449 
TYR CG  CD1  doub Y N 450 
TYR CG  CD2  sing Y N 451 
TYR CD1 CE1  sing Y N 452 
TYR CD1 HD1  sing N N 453 
TYR CD2 CE2  doub Y N 454 
TYR CD2 HD2  sing N N 455 
TYR CE1 CZ   doub Y N 456 
TYR CE1 HE1  sing N N 457 
TYR CE2 CZ   sing Y N 458 
TYR CE2 HE2  sing N N 459 
TYR CZ  OH   sing N N 460 
TYR OH  HH   sing N N 461 
TYR OXT HXT  sing N N 462 
VAL N   CA   sing N N 463 
VAL N   H    sing N N 464 
VAL N   H2   sing N N 465 
VAL CA  C    sing N N 466 
VAL CA  CB   sing N N 467 
VAL CA  HA   sing N N 468 
VAL C   O    doub N N 469 
VAL C   OXT  sing N N 470 
VAL CB  CG1  sing N N 471 
VAL CB  CG2  sing N N 472 
VAL CB  HB   sing N N 473 
VAL CG1 HG11 sing N N 474 
VAL CG1 HG12 sing N N 475 
VAL CG1 HG13 sing N N 476 
VAL CG2 HG21 sing N N 477 
VAL CG2 HG22 sing N N 478 
VAL CG2 HG23 sing N N 479 
VAL OXT HXT  sing N N 480 
# 
loop_
_pdbx_entity_nonpoly.entity_id 
_pdbx_entity_nonpoly.name 
_pdbx_entity_nonpoly.comp_id 
2 'PROTOPORPHYRIN IX CONTAINING FE' HEM 
3 GLYCEROL                          GOL 
4 'SULFATE ION'                     SO4 
5 'ACETATE ION'                     ACT 
6 water                             HOH 
# 
_pdbx_initial_refinement_model.id               1 
_pdbx_initial_refinement_model.entity_id_list   ? 
_pdbx_initial_refinement_model.type             'experimental model' 
_pdbx_initial_refinement_model.source_name      PDB 
_pdbx_initial_refinement_model.accession_code   1KR7 
_pdbx_initial_refinement_model.details          'PDB ENTRY 1KR7' 
# 
